data_5UAX
#
_entry.id   5UAX
#
_cell.length_a   183.850
_cell.length_b   120.690
_cell.length_c   88.140
_cell.angle_alpha   90.000
_cell.angle_beta   109.250
_cell.angle_gamma   90.000
#
_symmetry.space_group_name_H-M   'C 1 2 1'
#
loop_
_entity.id
_entity.type
_entity.pdbx_description
1 polymer 'Pyrroline-5-carboxylate reductase 1, mitochondrial'
2 non-polymer 'CHLORIDE ION'
3 water water
#
_entity_poly.entity_id   1
_entity_poly.type   'polypeptide(L)'
_entity_poly.pdbx_seq_one_letter_code
;MHHHHHHSSGVDLGTENLYFQSMSVGFIGAGQLAFALAKGFTAAGVLAAHKIMASSPDMDLATVSALRKMGVKLTPHNKE
TVQHSDVLFLAVKPHIIPFILDEIGADIEDRHIVVSCAAGVTISSIEKKLSAFRPAPRVIRCMTNTPVVVREGATVYATG
THAQVEDGRLMEQLLSSVGFCTEVEEDLIDAVTGLSGSGPAYAFTALDALADGGVKMGLPRRLAVRLGAQALLGAAKMLL
HSEQHPGQLKDNVSSPGGATIHALHVLESGGFRSLLINAVEASCIRTRELQSMADQEQVSPAAIKKTILDKVKLDSPAGT
AL
;
_entity_poly.pdbx_strand_id   A,B,C,D,E
#
loop_
_chem_comp.id
_chem_comp.type
_chem_comp.name
_chem_comp.formula
CL non-polymer 'CHLORIDE ION' 'Cl -1'
#
# COMPACT_ATOMS: atom_id res chain seq x y z
N THR A 15 -4.27 11.55 -40.82
CA THR A 15 -4.25 13.03 -40.83
C THR A 15 -5.29 13.69 -39.88
N GLU A 16 -5.11 14.99 -39.65
CA GLU A 16 -6.00 15.81 -38.80
C GLU A 16 -6.74 16.81 -39.68
N ASN A 17 -8.09 16.92 -39.50
CA ASN A 17 -8.93 17.80 -40.34
C ASN A 17 -8.77 19.27 -39.98
N LEU A 18 -7.52 19.68 -39.87
CA LEU A 18 -7.13 21.04 -39.58
C LEU A 18 -6.08 21.41 -40.60
N TYR A 19 -6.02 22.69 -40.93
CA TYR A 19 -4.92 23.15 -41.75
C TYR A 19 -4.72 24.61 -41.41
N PHE A 20 -3.58 24.95 -40.84
CA PHE A 20 -3.24 26.34 -40.49
C PHE A 20 -2.66 27.05 -41.70
N GLN A 21 -3.55 27.47 -42.59
CA GLN A 21 -3.16 28.02 -43.89
C GLN A 21 -2.39 29.33 -43.78
N SER A 22 -2.59 30.12 -42.72
CA SER A 22 -1.85 31.37 -42.65
C SER A 22 -0.69 31.35 -41.65
N MET A 23 -0.20 30.17 -41.26
CA MET A 23 0.73 30.04 -40.14
C MET A 23 2.11 29.66 -40.69
N SER A 24 3.10 30.52 -40.43
CA SER A 24 4.49 30.13 -40.69
C SER A 24 5.13 29.71 -39.37
N VAL A 25 5.77 28.55 -39.36
CA VAL A 25 6.37 27.99 -38.15
C VAL A 25 7.87 28.00 -38.31
N GLY A 26 8.57 28.37 -37.23
CA GLY A 26 10.01 28.43 -37.23
C GLY A 26 10.52 27.56 -36.09
N PHE A 27 11.64 26.91 -36.32
CA PHE A 27 12.36 26.16 -35.29
C PHE A 27 13.75 26.75 -35.15
N ILE A 28 14.08 27.19 -33.93
CA ILE A 28 15.46 27.49 -33.58
C ILE A 28 15.99 26.30 -32.80
N GLY A 29 16.99 25.64 -33.40
CA GLY A 29 17.32 24.28 -33.05
C GLY A 29 16.78 23.39 -34.16
N ALA A 30 17.62 22.47 -34.65
CA ALA A 30 17.16 21.53 -35.67
C ALA A 30 17.50 20.12 -35.27
N GLY A 31 17.39 19.82 -33.98
CA GLY A 31 17.70 18.53 -33.42
C GLY A 31 16.52 17.58 -33.42
N GLN A 32 16.57 16.61 -32.50
CA GLN A 32 15.58 15.55 -32.49
C GLN A 32 14.17 16.13 -32.34
N LEU A 33 13.99 17.08 -31.45
CA LEU A 33 12.66 17.61 -31.19
C LEU A 33 12.12 18.37 -32.40
N ALA A 34 12.95 19.19 -33.05
CA ALA A 34 12.44 19.93 -34.22
C ALA A 34 12.02 18.98 -35.34
N PHE A 35 12.85 17.96 -35.61
CA PHE A 35 12.46 16.99 -36.62
C PHE A 35 11.20 16.23 -36.21
N ALA A 36 11.09 15.87 -34.94
CA ALA A 36 9.93 15.12 -34.51
C ALA A 36 8.65 15.94 -34.74
N LEU A 37 8.66 17.23 -34.36
CA LEU A 37 7.45 18.05 -34.52
C LEU A 37 7.14 18.33 -35.98
N ALA A 38 8.16 18.65 -36.77
CA ALA A 38 7.91 18.93 -38.18
C ALA A 38 7.37 17.71 -38.88
N LYS A 39 7.91 16.55 -38.52
CA LYS A 39 7.45 15.31 -39.13
C LYS A 39 6.02 15.01 -38.71
N GLY A 40 5.70 15.18 -37.42
CA GLY A 40 4.33 14.98 -36.97
C GLY A 40 3.35 15.97 -37.59
N PHE A 41 3.70 17.26 -37.66
CA PHE A 41 2.79 18.26 -38.23
C PHE A 41 2.50 17.97 -39.70
N THR A 42 3.54 17.66 -40.48
CA THR A 42 3.33 17.43 -41.89
C THR A 42 2.59 16.13 -42.12
N ALA A 43 2.92 15.10 -41.34
CA ALA A 43 2.18 13.85 -41.42
C ALA A 43 0.70 14.05 -41.09
N ALA A 44 0.41 14.90 -40.10
CA ALA A 44 -0.98 15.15 -39.73
C ALA A 44 -1.71 15.96 -40.79
N GLY A 45 -0.98 16.58 -41.73
CA GLY A 45 -1.60 17.38 -42.76
C GLY A 45 -1.89 18.80 -42.35
N VAL A 46 -1.58 19.18 -41.10
CA VAL A 46 -1.94 20.52 -40.63
C VAL A 46 -0.99 21.61 -41.11
N LEU A 47 0.16 21.26 -41.65
CA LEU A 47 1.12 22.23 -42.15
C LEU A 47 1.84 21.61 -43.34
N ALA A 48 2.19 22.43 -44.33
CA ALA A 48 3.04 21.97 -45.42
C ALA A 48 4.49 22.23 -45.05
N ALA A 49 5.36 21.27 -45.39
CA ALA A 49 6.74 21.35 -44.94
C ALA A 49 7.41 22.67 -45.33
N HIS A 50 7.01 23.26 -46.46
CA HIS A 50 7.64 24.51 -46.89
C HIS A 50 7.20 25.73 -46.10
N LYS A 51 6.16 25.65 -45.28
CA LYS A 51 5.85 26.76 -44.38
C LYS A 51 6.62 26.63 -43.07
N ILE A 52 7.53 25.67 -42.99
CA ILE A 52 8.36 25.45 -41.81
C ILE A 52 9.81 25.77 -42.14
N MET A 53 10.46 26.52 -41.25
CA MET A 53 11.87 26.81 -41.41
C MET A 53 12.59 26.41 -40.13
N ALA A 54 13.78 25.85 -40.27
CA ALA A 54 14.56 25.48 -39.10
C ALA A 54 15.98 26.05 -39.24
N SER A 55 16.58 26.36 -38.12
CA SER A 55 17.93 26.87 -38.12
C SER A 55 18.74 26.09 -37.10
N SER A 56 20.00 25.86 -37.43
CA SER A 56 20.88 25.12 -36.55
C SER A 56 22.29 25.67 -36.60
N PRO A 57 22.97 25.68 -35.44
CA PRO A 57 24.41 25.99 -35.45
C PRO A 57 25.26 24.93 -36.13
N ASP A 58 24.79 23.69 -36.19
CA ASP A 58 25.46 22.61 -36.91
C ASP A 58 24.51 22.17 -38.02
N MET A 59 24.68 22.78 -39.21
CA MET A 59 23.86 22.45 -40.37
C MET A 59 24.35 21.17 -41.03
N ASP A 60 25.00 20.30 -40.26
CA ASP A 60 25.45 19.00 -40.72
C ASP A 60 24.88 17.85 -39.92
N LEU A 61 24.05 18.13 -38.92
CA LEU A 61 23.47 17.08 -38.08
C LEU A 61 22.58 16.17 -38.92
N ALA A 62 22.49 14.91 -38.51
CA ALA A 62 21.62 13.98 -39.21
C ALA A 62 20.17 14.48 -39.26
N THR A 63 19.70 15.05 -38.13
CA THR A 63 18.36 15.62 -38.11
C THR A 63 18.18 16.71 -39.16
N VAL A 64 19.24 17.47 -39.47
CA VAL A 64 19.14 18.50 -40.51
C VAL A 64 18.99 17.86 -41.90
N SER A 65 19.67 16.73 -42.14
CA SER A 65 19.52 16.07 -43.44
C SER A 65 18.07 15.64 -43.67
N ALA A 66 17.42 15.12 -42.62
CA ALA A 66 16.06 14.61 -42.78
C ALA A 66 15.07 15.74 -43.05
N LEU A 67 15.19 16.83 -42.28
CA LEU A 67 14.35 18.01 -42.50
C LEU A 67 14.43 18.46 -43.95
N ARG A 68 15.65 18.56 -44.48
CA ARG A 68 15.82 18.92 -45.88
C ARG A 68 15.07 17.94 -46.79
N LYS A 69 15.16 16.64 -46.49
CA LYS A 69 14.42 15.67 -47.29
C LYS A 69 12.92 15.93 -47.23
N MET A 70 12.37 16.20 -46.02
CA MET A 70 10.96 16.53 -45.87
C MET A 70 10.54 17.74 -46.70
N GLY A 71 11.47 18.64 -47.01
CA GLY A 71 11.10 19.88 -47.64
C GLY A 71 10.97 21.05 -46.68
N VAL A 72 11.44 20.92 -45.44
CA VAL A 72 11.50 22.06 -44.54
C VAL A 72 12.60 23.01 -45.00
N LYS A 73 12.33 24.31 -44.96
CA LYS A 73 13.37 25.30 -45.23
C LYS A 73 14.43 25.25 -44.14
N LEU A 74 15.69 25.37 -44.55
CA LEU A 74 16.80 25.37 -43.59
C LEU A 74 17.66 26.63 -43.80
N THR A 75 18.24 27.10 -42.70
CA THR A 75 19.10 28.28 -42.74
C THR A 75 20.08 28.19 -41.58
N PRO A 76 21.29 28.73 -41.74
CA PRO A 76 22.20 28.80 -40.58
C PRO A 76 21.89 29.98 -39.66
N HIS A 77 20.99 30.87 -40.04
CA HIS A 77 20.81 32.13 -39.34
C HIS A 77 19.51 32.14 -38.54
N ASN A 78 19.64 32.10 -37.22
CA ASN A 78 18.49 32.23 -36.33
C ASN A 78 17.61 33.44 -36.68
N LYS A 79 18.21 34.57 -37.09
CA LYS A 79 17.43 35.74 -37.48
C LYS A 79 16.54 35.45 -38.69
N GLU A 80 17.02 34.64 -39.62
CA GLU A 80 16.21 34.35 -40.80
C GLU A 80 15.00 33.49 -40.43
N THR A 81 15.18 32.58 -39.49
CA THR A 81 14.05 31.80 -38.97
C THR A 81 13.03 32.72 -38.32
N VAL A 82 13.51 33.67 -37.51
CA VAL A 82 12.59 34.59 -36.84
C VAL A 82 11.79 35.39 -37.86
N GLN A 83 12.47 36.00 -38.83
CA GLN A 83 11.76 36.80 -39.83
C GLN A 83 10.76 35.97 -40.63
N HIS A 84 11.04 34.69 -40.84
CA HIS A 84 10.14 33.81 -41.58
C HIS A 84 8.89 33.46 -40.78
N SER A 85 9.00 33.33 -39.47
CA SER A 85 7.98 32.56 -38.76
C SER A 85 6.98 33.48 -38.06
N ASP A 86 5.83 32.89 -37.74
CA ASP A 86 4.81 33.46 -36.86
C ASP A 86 4.84 32.78 -35.50
N VAL A 87 4.75 31.45 -35.50
CA VAL A 87 4.93 30.65 -34.31
C VAL A 87 6.38 30.20 -34.28
N LEU A 88 7.10 30.50 -33.20
CA LEU A 88 8.54 30.31 -33.14
C LEU A 88 8.86 29.33 -32.01
N PHE A 89 9.20 28.09 -32.37
CA PHE A 89 9.58 27.05 -31.39
C PHE A 89 11.06 27.19 -31.05
N LEU A 90 11.35 27.32 -29.75
CA LEU A 90 12.73 27.32 -29.25
C LEU A 90 13.03 25.90 -28.82
N ALA A 91 13.75 25.20 -29.68
CA ALA A 91 14.01 23.78 -29.49
C ALA A 91 15.50 23.58 -29.24
N VAL A 92 16.01 24.21 -28.18
CA VAL A 92 17.44 24.23 -27.87
C VAL A 92 17.58 23.78 -26.42
N LYS A 93 18.84 23.50 -26.04
CA LYS A 93 19.09 23.03 -24.67
C LYS A 93 18.87 24.18 -23.68
N PRO A 94 18.41 23.85 -22.46
CA PRO A 94 18.07 24.90 -21.49
C PRO A 94 19.15 25.94 -21.27
N HIS A 95 20.42 25.53 -21.24
CA HIS A 95 21.46 26.54 -21.03
C HIS A 95 21.66 27.43 -22.25
N ILE A 96 21.09 27.07 -23.41
CA ILE A 96 21.29 27.92 -24.59
C ILE A 96 20.18 28.95 -24.77
N ILE A 97 19.00 28.72 -24.16
CA ILE A 97 17.89 29.67 -24.29
C ILE A 97 18.34 31.11 -24.06
N PRO A 98 19.12 31.42 -23.01
CA PRO A 98 19.53 32.83 -22.83
C PRO A 98 20.36 33.38 -23.97
N PHE A 99 21.27 32.60 -24.55
CA PHE A 99 22.05 33.10 -25.68
C PHE A 99 21.15 33.35 -26.89
N ILE A 100 20.16 32.47 -27.11
CA ILE A 100 19.26 32.63 -28.25
C ILE A 100 18.43 33.90 -28.09
N LEU A 101 17.89 34.12 -26.89
CA LEU A 101 17.02 35.28 -26.71
C LEU A 101 17.78 36.58 -26.87
N ASP A 102 19.01 36.65 -26.35
CA ASP A 102 19.83 37.83 -26.59
C ASP A 102 20.06 38.03 -28.09
N GLU A 103 20.12 36.94 -28.87
CA GLU A 103 20.46 37.06 -30.29
C GLU A 103 19.30 37.59 -31.12
N ILE A 104 18.10 37.05 -30.96
CA ILE A 104 16.98 37.42 -31.82
C ILE A 104 15.96 38.32 -31.14
N GLY A 105 16.19 38.68 -29.85
CA GLY A 105 15.20 39.45 -29.10
C GLY A 105 14.78 40.73 -29.81
N ALA A 106 15.74 41.40 -30.46
CA ALA A 106 15.43 42.61 -31.21
C ALA A 106 14.66 42.33 -32.50
N ASP A 107 14.55 41.06 -32.90
CA ASP A 107 13.82 40.73 -34.12
C ASP A 107 12.40 40.24 -33.85
N ILE A 108 12.01 40.12 -32.59
CA ILE A 108 10.64 39.74 -32.25
C ILE A 108 9.71 40.88 -32.63
N GLU A 109 8.58 40.55 -33.23
CA GLU A 109 7.57 41.54 -33.61
C GLU A 109 6.24 41.23 -32.92
N ASP A 110 5.24 42.10 -33.17
CA ASP A 110 3.93 41.91 -32.54
C ASP A 110 3.39 40.52 -32.81
N ARG A 111 3.52 40.05 -34.04
CA ARG A 111 2.90 38.79 -34.47
C ARG A 111 3.49 37.55 -33.79
N HIS A 112 4.68 37.64 -33.20
CA HIS A 112 5.36 36.41 -32.81
C HIS A 112 4.75 35.78 -31.57
N ILE A 113 4.57 34.47 -31.63
CA ILE A 113 4.33 33.63 -30.46
C ILE A 113 5.58 32.80 -30.28
N VAL A 114 6.26 33.00 -29.17
CA VAL A 114 7.51 32.32 -28.89
C VAL A 114 7.18 31.14 -28.02
N VAL A 115 7.45 29.93 -28.51
CA VAL A 115 7.08 28.70 -27.82
C VAL A 115 8.38 28.05 -27.36
N SER A 116 8.68 28.15 -26.07
CA SER A 116 9.91 27.58 -25.55
C SER A 116 9.68 26.12 -25.20
N CYS A 117 10.52 25.25 -25.77
CA CYS A 117 10.42 23.82 -25.45
C CYS A 117 11.45 23.38 -24.41
N ALA A 118 12.33 24.29 -23.98
CA ALA A 118 13.47 23.91 -23.16
C ALA A 118 13.01 23.44 -21.77
N ALA A 119 13.59 22.33 -21.30
CA ALA A 119 13.24 21.83 -19.98
C ALA A 119 13.62 22.85 -18.90
N GLY A 120 12.74 23.05 -17.93
CA GLY A 120 13.08 23.83 -16.77
C GLY A 120 13.02 25.34 -16.93
N VAL A 121 13.17 25.88 -18.15
CA VAL A 121 13.25 27.35 -18.30
C VAL A 121 11.88 27.98 -18.05
N THR A 122 11.82 28.93 -17.13
CA THR A 122 10.51 29.47 -16.78
C THR A 122 10.04 30.53 -17.77
N ILE A 123 8.73 30.73 -17.79
CA ILE A 123 8.18 31.77 -18.61
C ILE A 123 8.72 33.11 -18.13
N SER A 124 8.76 33.27 -16.80
CA SER A 124 9.31 34.46 -16.17
C SER A 124 10.64 34.85 -16.76
N SER A 125 11.58 33.91 -16.80
CA SER A 125 12.92 34.21 -17.28
C SER A 125 12.95 34.60 -18.74
N ILE A 126 12.16 33.91 -19.59
CA ILE A 126 12.11 34.26 -21.00
C ILE A 126 11.53 35.66 -21.19
N GLU A 127 10.41 35.92 -20.54
CA GLU A 127 9.79 37.23 -20.63
C GLU A 127 10.74 38.32 -20.16
N LYS A 128 11.50 38.05 -19.09
CA LYS A 128 12.44 39.07 -18.61
C LYS A 128 13.51 39.36 -19.67
N LYS A 129 14.11 38.31 -20.24
CA LYS A 129 15.15 38.56 -21.25
C LYS A 129 14.58 39.21 -22.51
N LEU A 130 13.40 38.77 -22.96
CA LEU A 130 12.81 39.38 -24.17
C LEU A 130 12.32 40.80 -23.92
N SER A 131 11.84 41.11 -22.72
CA SER A 131 11.28 42.43 -22.47
C SER A 131 12.34 43.52 -22.52
N ALA A 132 13.62 43.13 -22.52
CA ALA A 132 14.69 44.11 -22.66
C ALA A 132 14.67 44.77 -24.04
N PHE A 133 14.11 44.09 -25.04
CA PHE A 133 14.05 44.55 -26.42
C PHE A 133 12.69 45.11 -26.79
N ARG A 134 11.62 44.53 -26.25
CA ARG A 134 10.30 44.92 -26.66
C ARG A 134 9.42 44.54 -25.49
N PRO A 135 8.48 45.37 -25.10
CA PRO A 135 7.53 44.96 -24.06
C PRO A 135 6.51 43.98 -24.62
N ALA A 136 6.00 43.19 -23.71
CA ALA A 136 4.86 42.32 -23.89
C ALA A 136 5.12 41.20 -24.91
N PRO A 137 6.26 40.50 -24.87
CA PRO A 137 6.41 39.33 -25.76
C PRO A 137 5.39 38.25 -25.41
N ARG A 138 4.89 37.57 -26.45
CA ARG A 138 3.89 36.51 -26.28
C ARG A 138 4.65 35.19 -26.17
N VAL A 139 4.65 34.61 -24.96
CA VAL A 139 5.50 33.45 -24.67
C VAL A 139 4.62 32.29 -24.21
N ILE A 140 4.95 31.09 -24.67
CA ILE A 140 4.28 29.88 -24.20
C ILE A 140 5.37 28.89 -23.85
N ARG A 141 5.20 28.21 -22.72
CA ARG A 141 6.16 27.19 -22.34
C ARG A 141 5.51 25.83 -22.56
N CYS A 142 6.20 24.96 -23.25
CA CYS A 142 5.61 23.64 -23.47
C CYS A 142 6.59 22.55 -23.05
N MET A 143 6.09 21.36 -22.73
CA MET A 143 6.94 20.19 -22.45
C MET A 143 6.35 19.10 -23.32
N THR A 144 7.09 18.64 -24.33
CA THR A 144 6.49 17.62 -25.22
C THR A 144 7.48 16.44 -25.24
N ASN A 145 7.31 15.49 -26.18
CA ASN A 145 8.25 14.37 -26.21
C ASN A 145 8.35 13.87 -27.66
N THR A 146 9.31 12.95 -27.92
CA THR A 146 9.67 12.62 -29.29
CA THR A 146 9.61 12.72 -29.33
C THR A 146 8.54 11.85 -30.00
N PRO A 147 7.69 11.08 -29.30
CA PRO A 147 6.61 10.34 -30.02
C PRO A 147 5.61 11.21 -30.80
N VAL A 148 5.68 12.54 -30.72
CA VAL A 148 4.98 13.38 -31.69
C VAL A 148 5.38 12.97 -33.10
N VAL A 149 6.58 12.42 -33.27
CA VAL A 149 6.98 11.98 -34.61
C VAL A 149 6.04 10.89 -35.17
N VAL A 150 5.35 10.14 -34.31
CA VAL A 150 4.35 9.15 -34.78
C VAL A 150 2.94 9.59 -34.36
N ARG A 151 2.76 10.89 -34.14
CA ARG A 151 1.49 11.49 -33.73
C ARG A 151 0.94 10.88 -32.47
N GLU A 152 1.83 10.46 -31.57
CA GLU A 152 1.36 10.01 -30.26
C GLU A 152 2.17 10.66 -29.16
N GLY A 153 2.49 11.94 -29.35
CA GLY A 153 3.16 12.71 -28.32
C GLY A 153 2.30 12.92 -27.09
N ALA A 154 2.94 13.40 -26.04
CA ALA A 154 2.25 13.89 -24.86
C ALA A 154 2.79 15.27 -24.58
N THR A 155 1.91 16.29 -24.64
CA THR A 155 2.37 17.68 -24.52
C THR A 155 1.54 18.39 -23.45
N VAL A 156 2.20 19.24 -22.64
CA VAL A 156 1.49 20.21 -21.82
C VAL A 156 2.07 21.58 -22.13
N TYR A 157 1.28 22.62 -21.85
CA TYR A 157 1.80 23.95 -22.09
C TYR A 157 1.23 24.87 -21.02
N ALA A 158 1.94 25.96 -20.80
CA ALA A 158 1.43 27.04 -19.97
C ALA A 158 1.63 28.33 -20.75
N THR A 159 0.65 29.23 -20.67
CA THR A 159 0.68 30.51 -21.36
C THR A 159 1.27 31.61 -20.50
N GLY A 160 2.02 32.51 -21.14
CA GLY A 160 2.76 33.54 -20.45
C GLY A 160 1.91 34.73 -20.13
N THR A 161 2.56 35.77 -19.58
CA THR A 161 1.87 36.97 -19.12
C THR A 161 1.12 37.68 -20.24
N HIS A 162 1.74 37.78 -21.41
CA HIS A 162 1.17 38.58 -22.49
C HIS A 162 0.59 37.71 -23.59
N ALA A 163 0.57 36.39 -23.40
CA ALA A 163 -0.10 35.54 -24.37
C ALA A 163 -1.57 35.92 -24.46
N GLN A 164 -2.06 36.11 -25.69
CA GLN A 164 -3.47 36.33 -25.90
C GLN A 164 -4.24 35.02 -25.73
N VAL A 165 -5.51 35.14 -25.37
CA VAL A 165 -6.35 33.94 -25.16
C VAL A 165 -6.31 33.04 -26.39
N GLU A 166 -6.42 33.63 -27.58
CA GLU A 166 -6.29 32.85 -28.81
C GLU A 166 -4.95 32.15 -28.97
N ASP A 167 -3.88 32.61 -28.31
CA ASP A 167 -2.56 31.98 -28.50
C ASP A 167 -2.53 30.58 -27.92
N GLY A 168 -3.03 30.41 -26.69
CA GLY A 168 -3.02 29.08 -26.09
C GLY A 168 -3.98 28.16 -26.82
N ARG A 169 -5.11 28.71 -27.28
CA ARG A 169 -6.04 27.86 -28.04
C ARG A 169 -5.38 27.41 -29.36
N LEU A 170 -4.66 28.30 -30.04
CA LEU A 170 -3.97 27.92 -31.27
C LEU A 170 -2.90 26.89 -31.00
N MET A 171 -2.11 27.13 -29.96
CA MET A 171 -1.07 26.16 -29.67
CA MET A 171 -1.07 26.18 -29.54
C MET A 171 -1.66 24.80 -29.33
N GLU A 172 -2.77 24.75 -28.59
CA GLU A 172 -3.35 23.44 -28.29
C GLU A 172 -3.87 22.75 -29.55
N GLN A 173 -4.48 23.50 -30.46
CA GLN A 173 -4.91 22.90 -31.73
C GLN A 173 -3.74 22.28 -32.47
N LEU A 174 -2.66 23.05 -32.62
CA LEU A 174 -1.47 22.56 -33.30
C LEU A 174 -0.89 21.34 -32.57
N LEU A 175 -0.70 21.43 -31.27
CA LEU A 175 0.00 20.33 -30.65
C LEU A 175 -0.88 19.13 -30.43
N SER A 176 -2.20 19.31 -30.39
CA SER A 176 -3.09 18.15 -30.35
C SER A 176 -3.11 17.39 -31.65
N SER A 177 -2.62 17.97 -32.75
CA SER A 177 -2.64 17.20 -33.97
C SER A 177 -1.59 16.08 -33.95
N VAL A 178 -0.64 16.12 -33.00
CA VAL A 178 0.45 15.14 -32.94
C VAL A 178 0.46 14.38 -31.62
N GLY A 179 -0.66 14.39 -30.90
CA GLY A 179 -0.68 13.64 -29.66
C GLY A 179 -1.66 14.24 -28.66
N PHE A 180 -1.50 13.84 -27.41
CA PHE A 180 -2.31 14.42 -26.35
C PHE A 180 -1.75 15.80 -26.03
N CYS A 181 -2.63 16.74 -25.73
CA CYS A 181 -2.16 18.09 -25.37
C CYS A 181 -3.13 18.72 -24.40
N THR A 182 -2.63 19.35 -23.34
CA THR A 182 -3.54 20.08 -22.46
C THR A 182 -2.78 21.22 -21.80
N GLU A 183 -3.51 22.26 -21.42
CA GLU A 183 -2.92 23.37 -20.68
C GLU A 183 -2.74 22.97 -19.22
N VAL A 184 -1.61 23.37 -18.62
CA VAL A 184 -1.39 23.18 -17.19
C VAL A 184 -0.91 24.49 -16.58
N GLU A 185 -1.10 24.64 -15.26
CA GLU A 185 -0.30 25.64 -14.52
C GLU A 185 1.18 25.38 -14.75
N GLU A 186 1.96 26.46 -14.90
CA GLU A 186 3.39 26.30 -15.18
C GLU A 186 4.10 25.53 -14.08
N ASP A 187 3.61 25.64 -12.83
CA ASP A 187 4.38 24.95 -11.78
C ASP A 187 4.16 23.45 -11.76
N LEU A 188 3.35 22.91 -12.69
CA LEU A 188 3.28 21.45 -12.88
C LEU A 188 4.26 20.93 -13.92
N ILE A 189 4.92 21.79 -14.69
CA ILE A 189 5.63 21.29 -15.88
C ILE A 189 6.85 20.47 -15.47
N ASP A 190 7.54 20.86 -14.40
CA ASP A 190 8.68 20.04 -13.95
C ASP A 190 8.27 18.58 -13.65
N ALA A 191 7.13 18.39 -13.00
CA ALA A 191 6.63 17.04 -12.72
C ALA A 191 6.25 16.34 -14.00
N VAL A 192 5.64 17.08 -14.96
CA VAL A 192 5.28 16.42 -16.23
C VAL A 192 6.53 15.97 -16.97
N THR A 193 7.58 16.80 -16.92
CA THR A 193 8.85 16.43 -17.54
C THR A 193 9.32 15.08 -16.98
N GLY A 194 9.16 14.88 -15.67
CA GLY A 194 9.61 13.65 -15.07
C GLY A 194 8.79 12.44 -15.46
N LEU A 195 7.56 12.67 -15.89
CA LEU A 195 6.66 11.58 -16.21
C LEU A 195 6.56 11.37 -17.71
N SER A 196 5.94 12.28 -18.48
CA SER A 196 5.86 12.05 -19.92
C SER A 196 7.05 12.61 -20.69
N GLY A 197 7.81 13.55 -20.13
CA GLY A 197 8.97 14.04 -20.83
C GLY A 197 10.08 13.00 -20.91
N SER A 198 10.40 12.36 -19.78
CA SER A 198 11.41 11.32 -19.68
C SER A 198 10.81 9.91 -19.88
N GLY A 199 9.47 9.80 -19.89
CA GLY A 199 8.79 8.52 -19.96
C GLY A 199 9.21 7.62 -21.10
N PRO A 200 9.27 8.16 -22.33
CA PRO A 200 9.68 7.28 -23.45
C PRO A 200 11.03 6.64 -23.20
N ALA A 201 11.98 7.35 -22.58
CA ALA A 201 13.27 6.71 -22.30
C ALA A 201 13.12 5.55 -21.32
N TYR A 202 12.25 5.72 -20.29
CA TYR A 202 11.98 4.59 -19.39
C TYR A 202 11.45 3.42 -20.19
N ALA A 203 10.54 3.70 -21.14
CA ALA A 203 9.96 2.63 -21.93
C ALA A 203 10.97 1.98 -22.86
N PHE A 204 11.86 2.78 -23.48
CA PHE A 204 12.87 2.16 -24.33
C PHE A 204 13.79 1.24 -23.52
N THR A 205 14.19 1.67 -22.32
CA THR A 205 14.97 0.82 -21.41
C THR A 205 14.17 -0.45 -21.04
N ALA A 206 12.91 -0.27 -20.65
CA ALA A 206 12.08 -1.46 -20.36
C ALA A 206 11.96 -2.42 -21.54
N LEU A 207 11.76 -1.90 -22.77
CA LEU A 207 11.62 -2.76 -23.96
C LEU A 207 12.92 -3.50 -24.26
N ASP A 208 14.06 -2.83 -24.09
CA ASP A 208 15.34 -3.53 -24.28
C ASP A 208 15.47 -4.68 -23.28
N ALA A 209 15.10 -4.42 -22.00
CA ALA A 209 15.24 -5.46 -20.95
C ALA A 209 14.25 -6.59 -21.17
N LEU A 210 13.01 -6.25 -21.52
CA LEU A 210 12.02 -7.28 -21.82
C LEU A 210 12.45 -8.17 -22.98
N ALA A 211 13.04 -7.58 -24.03
CA ALA A 211 13.57 -8.34 -25.14
C ALA A 211 14.72 -9.23 -24.69
N ASP A 212 15.60 -8.71 -23.82
CA ASP A 212 16.68 -9.57 -23.31
C ASP A 212 16.07 -10.76 -22.58
N GLY A 213 15.01 -10.51 -21.82
CA GLY A 213 14.30 -11.63 -21.15
C GLY A 213 13.72 -12.62 -22.15
N GLY A 214 13.06 -12.12 -23.21
CA GLY A 214 12.57 -13.02 -24.23
C GLY A 214 13.67 -13.83 -24.87
N VAL A 215 14.82 -13.19 -25.14
CA VAL A 215 15.95 -13.90 -25.73
C VAL A 215 16.49 -14.93 -24.76
N LYS A 216 16.63 -14.57 -23.49
CA LYS A 216 17.13 -15.57 -22.53
C LYS A 216 16.26 -16.83 -22.55
N MET A 217 14.96 -16.65 -22.66
CA MET A 217 14.06 -17.81 -22.68
C MET A 217 13.88 -18.40 -24.06
N GLY A 218 14.66 -18.00 -25.08
CA GLY A 218 14.72 -18.72 -26.35
C GLY A 218 14.05 -18.05 -27.55
N LEU A 219 13.55 -16.81 -27.41
CA LEU A 219 13.01 -16.11 -28.59
C LEU A 219 14.12 -15.41 -29.40
N PRO A 220 13.97 -15.38 -30.71
CA PRO A 220 14.84 -14.56 -31.54
C PRO A 220 14.67 -13.11 -31.13
N ARG A 221 15.76 -12.33 -31.25
CA ARG A 221 15.71 -10.95 -30.77
C ARG A 221 14.64 -10.12 -31.51
N ARG A 222 14.56 -10.25 -32.85
CA ARG A 222 13.56 -9.43 -33.56
C ARG A 222 12.14 -9.65 -33.04
N LEU A 223 11.73 -10.93 -32.91
CA LEU A 223 10.40 -11.27 -32.39
C LEU A 223 10.21 -10.76 -30.97
N ALA A 224 11.24 -10.89 -30.14
CA ALA A 224 11.10 -10.43 -28.77
C ALA A 224 10.87 -8.92 -28.72
N VAL A 225 11.59 -8.14 -29.55
CA VAL A 225 11.39 -6.68 -29.52
C VAL A 225 9.98 -6.34 -30.02
N ARG A 226 9.54 -7.06 -31.06
CA ARG A 226 8.22 -6.82 -31.64
CA ARG A 226 8.22 -6.82 -31.64
C ARG A 226 7.12 -7.11 -30.63
N LEU A 227 7.18 -8.28 -29.99
CA LEU A 227 6.16 -8.68 -29.01
C LEU A 227 6.16 -7.78 -27.79
N GLY A 228 7.34 -7.42 -27.28
CA GLY A 228 7.40 -6.57 -26.12
C GLY A 228 6.81 -5.19 -26.41
N ALA A 229 7.12 -4.64 -27.58
CA ALA A 229 6.60 -3.31 -27.92
C ALA A 229 5.10 -3.38 -28.15
N GLN A 230 4.63 -4.46 -28.78
CA GLN A 230 3.19 -4.60 -29.02
C GLN A 230 2.45 -4.75 -27.69
N ALA A 231 3.03 -5.48 -26.74
CA ALA A 231 2.41 -5.64 -25.42
C ALA A 231 2.25 -4.30 -24.72
N LEU A 232 3.31 -3.52 -24.75
CA LEU A 232 3.27 -2.21 -24.08
C LEU A 232 2.28 -1.27 -24.76
N LEU A 233 2.29 -1.24 -26.09
CA LEU A 233 1.33 -0.41 -26.82
C LEU A 233 -0.10 -0.83 -26.50
N GLY A 234 -0.37 -2.14 -26.55
CA GLY A 234 -1.74 -2.60 -26.31
C GLY A 234 -2.21 -2.30 -24.89
N ALA A 235 -1.33 -2.47 -23.90
CA ALA A 235 -1.68 -2.22 -22.51
C ALA A 235 -1.97 -0.73 -22.30
N ALA A 236 -1.11 0.12 -22.86
CA ALA A 236 -1.33 1.56 -22.71
C ALA A 236 -2.62 2.00 -23.39
N LYS A 237 -2.91 1.43 -24.56
CA LYS A 237 -4.18 1.76 -25.22
C LYS A 237 -5.38 1.23 -24.43
N MET A 238 -5.30 0.00 -23.92
CA MET A 238 -6.34 -0.53 -23.04
C MET A 238 -6.63 0.44 -21.89
N LEU A 239 -5.58 0.94 -21.25
CA LEU A 239 -5.82 1.80 -20.11
C LEU A 239 -6.46 3.13 -20.55
N LEU A 240 -5.96 3.73 -21.63
CA LEU A 240 -6.56 4.96 -22.13
C LEU A 240 -8.01 4.80 -22.52
N HIS A 241 -8.40 3.64 -23.02
CA HIS A 241 -9.77 3.47 -23.48
C HIS A 241 -10.67 2.93 -22.39
N SER A 242 -10.12 2.58 -21.25
CA SER A 242 -10.82 1.99 -20.14
C SER A 242 -11.25 3.09 -19.19
N GLU A 243 -12.34 2.82 -18.45
CA GLU A 243 -12.66 3.65 -17.30
C GLU A 243 -12.07 3.09 -16.00
N GLN A 244 -11.20 2.07 -16.10
CA GLN A 244 -10.78 1.29 -14.96
C GLN A 244 -9.41 1.76 -14.45
N HIS A 245 -9.18 1.48 -13.19
CA HIS A 245 -7.89 1.72 -12.56
C HIS A 245 -6.84 0.74 -13.12
N PRO A 246 -5.58 1.17 -13.28
CA PRO A 246 -4.57 0.21 -13.79
C PRO A 246 -4.45 -1.04 -12.93
N GLY A 247 -4.74 -0.93 -11.64
CA GLY A 247 -4.67 -2.13 -10.82
C GLY A 247 -5.84 -3.06 -11.08
N GLN A 248 -7.00 -2.52 -11.48
CA GLN A 248 -8.11 -3.38 -11.85
C GLN A 248 -7.75 -4.16 -13.11
N LEU A 249 -7.15 -3.49 -14.08
CA LEU A 249 -6.71 -4.17 -15.29
C LEU A 249 -5.63 -5.22 -14.98
N LYS A 250 -4.71 -4.87 -14.08
CA LYS A 250 -3.75 -5.85 -13.59
C LYS A 250 -4.46 -7.06 -13.01
N ASP A 251 -5.44 -6.82 -12.12
CA ASP A 251 -6.22 -7.93 -11.55
C ASP A 251 -6.89 -8.74 -12.64
N ASN A 252 -7.53 -8.05 -13.59
CA ASN A 252 -8.33 -8.75 -14.57
C ASN A 252 -7.47 -9.70 -15.38
N VAL A 253 -6.19 -9.40 -15.57
CA VAL A 253 -5.38 -10.25 -16.45
C VAL A 253 -4.52 -11.28 -15.72
N SER A 254 -4.54 -11.29 -14.40
CA SER A 254 -3.75 -12.23 -13.61
C SER A 254 -4.61 -13.40 -13.15
N SER A 255 -4.50 -14.57 -13.84
CA SER A 255 -5.30 -15.71 -13.39
C SER A 255 -4.69 -16.39 -12.16
N PRO A 256 -5.54 -16.93 -11.28
CA PRO A 256 -5.01 -17.56 -10.05
C PRO A 256 -4.01 -18.65 -10.30
N GLY A 257 -2.92 -18.62 -9.52
CA GLY A 257 -1.80 -19.53 -9.61
C GLY A 257 -0.99 -19.46 -10.90
N GLY A 258 -1.29 -18.53 -11.79
CA GLY A 258 -0.79 -18.55 -13.14
C GLY A 258 0.56 -17.90 -13.36
N ALA A 259 0.92 -17.84 -14.64
CA ALA A 259 2.27 -17.33 -14.98
C ALA A 259 2.40 -15.84 -14.65
N THR A 260 1.40 -15.08 -14.98
CA THR A 260 1.50 -13.62 -14.81
C THR A 260 1.67 -13.23 -13.33
N ILE A 261 0.83 -13.81 -12.45
CA ILE A 261 0.95 -13.43 -11.04
C ILE A 261 2.29 -13.89 -10.46
N HIS A 262 2.87 -14.99 -10.96
CA HIS A 262 4.22 -15.35 -10.51
C HIS A 262 5.23 -14.29 -10.95
N ALA A 263 5.11 -13.81 -12.18
CA ALA A 263 6.08 -12.80 -12.61
C ALA A 263 5.84 -11.49 -11.89
N LEU A 264 4.57 -11.13 -11.63
CA LEU A 264 4.33 -9.89 -10.87
C LEU A 264 5.00 -9.98 -9.51
N HIS A 265 4.97 -11.14 -8.85
CA HIS A 265 5.65 -11.26 -7.55
C HIS A 265 7.15 -10.93 -7.66
N VAL A 266 7.83 -11.45 -8.70
CA VAL A 266 9.26 -11.12 -8.77
C VAL A 266 9.49 -9.63 -9.06
N LEU A 267 8.59 -8.97 -9.79
CA LEU A 267 8.73 -7.50 -9.89
C LEU A 267 8.59 -6.83 -8.52
N GLU A 268 7.56 -7.21 -7.74
CA GLU A 268 7.38 -6.64 -6.41
C GLU A 268 8.58 -6.88 -5.52
N SER A 269 9.14 -8.10 -5.54
CA SER A 269 10.29 -8.38 -4.68
C SER A 269 11.47 -7.48 -4.98
N GLY A 270 11.55 -6.95 -6.19
CA GLY A 270 12.63 -6.03 -6.57
C GLY A 270 12.28 -4.59 -6.32
N GLY A 271 11.09 -4.30 -5.78
CA GLY A 271 10.68 -2.89 -5.63
C GLY A 271 10.48 -2.18 -6.96
N PHE A 272 10.07 -2.92 -8.00
CA PHE A 272 9.78 -2.36 -9.34
C PHE A 272 9.00 -1.03 -9.28
N ARG A 273 7.88 -1.00 -8.52
CA ARG A 273 7.09 0.23 -8.46
C ARG A 273 7.92 1.38 -7.92
N SER A 274 8.64 1.13 -6.82
CA SER A 274 9.43 2.21 -6.23
C SER A 274 10.51 2.73 -7.21
N LEU A 275 11.03 1.88 -8.09
CA LEU A 275 12.05 2.42 -9.02
C LEU A 275 11.44 3.44 -9.98
N LEU A 276 10.26 3.14 -10.50
CA LEU A 276 9.56 4.06 -11.38
C LEU A 276 9.19 5.33 -10.64
N ILE A 277 8.72 5.24 -9.40
CA ILE A 277 8.49 6.49 -8.64
C ILE A 277 9.80 7.28 -8.49
N ASN A 278 10.88 6.56 -8.13
CA ASN A 278 12.19 7.23 -8.01
C ASN A 278 12.53 7.96 -9.30
N ALA A 279 12.30 7.32 -10.44
CA ALA A 279 12.69 7.92 -11.73
C ALA A 279 11.92 9.22 -12.00
N VAL A 280 10.59 9.20 -11.84
CA VAL A 280 9.81 10.43 -12.03
C VAL A 280 10.34 11.53 -11.11
N GLU A 281 10.57 11.18 -9.85
CA GLU A 281 11.08 12.15 -8.89
C GLU A 281 12.44 12.70 -9.35
N ALA A 282 13.35 11.81 -9.73
CA ALA A 282 14.71 12.27 -10.07
C ALA A 282 14.69 13.19 -11.28
N SER A 283 13.89 12.84 -12.32
CA SER A 283 13.80 13.72 -13.50
C SER A 283 13.17 15.07 -13.12
N CYS A 284 12.08 15.05 -12.33
CA CYS A 284 11.47 16.30 -11.87
C CYS A 284 12.46 17.13 -11.08
N ILE A 285 13.17 16.51 -10.12
CA ILE A 285 14.09 17.31 -9.32
C ILE A 285 15.22 17.88 -10.17
N ARG A 286 15.73 17.08 -11.11
CA ARG A 286 16.80 17.57 -11.99
C ARG A 286 16.27 18.74 -12.82
N THR A 287 15.04 18.63 -13.32
CA THR A 287 14.46 19.73 -14.07
C THR A 287 14.40 21.00 -13.23
N ARG A 288 14.01 20.86 -11.96
CA ARG A 288 14.01 22.04 -11.10
C ARG A 288 15.41 22.62 -10.93
N GLU A 289 16.43 21.76 -10.90
CA GLU A 289 17.81 22.29 -10.80
C GLU A 289 18.20 23.04 -12.06
N LEU A 290 17.83 22.51 -13.24
CA LEU A 290 18.06 23.28 -14.45
C LEU A 290 17.29 24.60 -14.44
N GLN A 291 16.08 24.60 -13.86
CA GLN A 291 15.26 25.81 -13.76
C GLN A 291 15.99 26.92 -13.02
N SER A 292 16.61 26.61 -11.89
CA SER A 292 17.39 27.61 -11.15
C SER A 292 18.56 28.15 -11.96
N PHE B 20 -16.87 -18.54 -45.08
CA PHE B 20 -16.40 -17.60 -44.08
C PHE B 20 -17.54 -16.77 -43.45
N GLN B 21 -18.61 -16.50 -44.20
CA GLN B 21 -19.74 -15.74 -43.64
C GLN B 21 -20.52 -16.58 -42.63
N SER B 22 -20.53 -17.89 -42.78
CA SER B 22 -21.26 -18.74 -41.86
C SER B 22 -20.44 -19.14 -40.63
N MET B 23 -19.24 -18.59 -40.45
CA MET B 23 -18.37 -19.09 -39.39
C MET B 23 -18.95 -18.77 -38.01
N SER B 24 -19.00 -19.78 -37.15
CA SER B 24 -19.44 -19.65 -35.78
C SER B 24 -18.26 -19.91 -34.85
N VAL B 25 -18.15 -19.10 -33.79
CA VAL B 25 -17.08 -19.20 -32.82
C VAL B 25 -17.64 -19.65 -31.48
N GLY B 26 -16.95 -20.59 -30.85
CA GLY B 26 -17.25 -20.99 -29.49
C GLY B 26 -16.08 -20.77 -28.57
N PHE B 27 -16.40 -20.45 -27.31
CA PHE B 27 -15.43 -20.38 -26.22
C PHE B 27 -15.85 -21.36 -25.13
N ILE B 28 -15.00 -22.33 -24.82
CA ILE B 28 -15.14 -23.10 -23.61
C ILE B 28 -14.28 -22.38 -22.57
N GLY B 29 -14.96 -21.80 -21.58
CA GLY B 29 -14.42 -20.77 -20.73
C GLY B 29 -15.12 -19.46 -21.04
N ALA B 30 -15.56 -18.75 -20.02
CA ALA B 30 -16.24 -17.47 -20.22
C ALA B 30 -15.59 -16.41 -19.33
N GLY B 31 -14.26 -16.45 -19.25
CA GLY B 31 -13.50 -15.52 -18.42
C GLY B 31 -13.00 -14.30 -19.18
N GLN B 32 -11.90 -13.71 -18.68
CA GLN B 32 -11.42 -12.43 -19.22
CA GLN B 32 -11.47 -12.43 -19.23
C GLN B 32 -11.01 -12.58 -20.68
N LEU B 33 -10.33 -13.67 -21.03
CA LEU B 33 -9.87 -13.83 -22.41
C LEU B 33 -11.04 -14.01 -23.38
N ALA B 34 -12.01 -14.85 -23.01
CA ALA B 34 -13.17 -15.02 -23.89
C ALA B 34 -13.84 -13.68 -24.14
N PHE B 35 -14.01 -12.87 -23.09
CA PHE B 35 -14.63 -11.57 -23.27
C PHE B 35 -13.79 -10.69 -24.17
N ALA B 36 -12.46 -10.64 -23.90
CA ALA B 36 -11.61 -9.75 -24.67
C ALA B 36 -11.64 -10.12 -26.15
N LEU B 37 -11.49 -11.42 -26.47
CA LEU B 37 -11.57 -11.84 -27.86
C LEU B 37 -12.94 -11.58 -28.47
N ALA B 38 -14.02 -11.88 -27.73
CA ALA B 38 -15.35 -11.62 -28.30
C ALA B 38 -15.55 -10.13 -28.54
N LYS B 39 -15.12 -9.31 -27.61
CA LYS B 39 -15.20 -7.85 -27.81
C LYS B 39 -14.40 -7.42 -29.03
N GLY B 40 -13.13 -7.84 -29.10
CA GLY B 40 -12.32 -7.50 -30.27
C GLY B 40 -12.91 -8.01 -31.57
N PHE B 41 -13.25 -9.32 -31.65
CA PHE B 41 -13.78 -9.84 -32.91
C PHE B 41 -14.98 -9.03 -33.39
N THR B 42 -15.89 -8.69 -32.47
CA THR B 42 -17.10 -8.04 -32.95
C THR B 42 -16.79 -6.58 -33.31
N ALA B 43 -15.90 -5.96 -32.53
CA ALA B 43 -15.44 -4.62 -32.87
C ALA B 43 -14.80 -4.58 -34.26
N ALA B 44 -14.04 -5.62 -34.60
CA ALA B 44 -13.49 -5.72 -35.94
C ALA B 44 -14.51 -6.05 -37.00
N GLY B 45 -15.78 -6.25 -36.63
CA GLY B 45 -16.80 -6.74 -37.55
C GLY B 45 -16.54 -8.10 -38.15
N VAL B 46 -15.77 -8.96 -37.48
CA VAL B 46 -15.50 -10.30 -38.00
C VAL B 46 -16.79 -11.11 -38.06
N LEU B 47 -17.58 -11.03 -37.01
CA LEU B 47 -18.85 -11.74 -36.94
C LEU B 47 -19.70 -11.11 -35.85
N ALA B 48 -20.98 -11.41 -35.95
CA ALA B 48 -21.98 -10.89 -35.03
C ALA B 48 -21.83 -11.51 -33.65
N ALA B 49 -22.14 -10.72 -32.62
CA ALA B 49 -22.01 -11.26 -31.26
C ALA B 49 -22.83 -12.52 -31.07
N HIS B 50 -24.02 -12.62 -31.71
CA HIS B 50 -24.84 -13.83 -31.50
C HIS B 50 -24.31 -15.06 -32.23
N LYS B 51 -23.30 -14.90 -33.10
CA LYS B 51 -22.59 -16.04 -33.68
C LYS B 51 -21.49 -16.56 -32.76
N ILE B 52 -21.33 -15.97 -31.59
CA ILE B 52 -20.42 -16.45 -30.57
C ILE B 52 -21.22 -17.11 -29.46
N MET B 53 -20.77 -18.28 -29.02
CA MET B 53 -21.35 -18.94 -27.86
C MET B 53 -20.23 -19.26 -26.88
N ALA B 54 -20.50 -19.06 -25.59
CA ALA B 54 -19.53 -19.30 -24.54
C ALA B 54 -20.19 -20.13 -23.45
N SER B 55 -19.43 -21.05 -22.87
CA SER B 55 -19.92 -21.86 -21.77
C SER B 55 -18.94 -21.72 -20.61
N SER B 56 -19.48 -21.87 -19.40
CA SER B 56 -18.76 -21.76 -18.14
C SER B 56 -19.49 -22.59 -17.09
N PRO B 57 -18.76 -23.23 -16.19
CA PRO B 57 -19.43 -23.84 -15.03
C PRO B 57 -20.02 -22.79 -14.09
N ASP B 58 -19.44 -21.60 -14.04
CA ASP B 58 -19.93 -20.50 -13.19
C ASP B 58 -20.52 -19.44 -14.11
N MET B 59 -21.84 -19.31 -14.10
CA MET B 59 -22.51 -18.23 -14.82
C MET B 59 -22.64 -16.96 -13.98
N ASP B 60 -22.14 -16.97 -12.74
CA ASP B 60 -22.20 -15.81 -11.88
C ASP B 60 -20.99 -14.88 -12.04
N LEU B 61 -20.20 -15.07 -13.10
CA LEU B 61 -19.02 -14.25 -13.32
C LEU B 61 -19.39 -12.92 -13.95
N ALA B 62 -18.57 -11.90 -13.66
CA ALA B 62 -18.82 -10.60 -14.26
C ALA B 62 -18.56 -10.64 -15.76
N THR B 63 -17.56 -11.42 -16.17
CA THR B 63 -17.27 -11.58 -17.59
C THR B 63 -18.42 -12.26 -18.33
N VAL B 64 -19.13 -13.17 -17.66
CA VAL B 64 -20.35 -13.75 -18.22
C VAL B 64 -21.45 -12.67 -18.36
N SER B 65 -21.56 -11.77 -17.36
CA SER B 65 -22.49 -10.65 -17.48
C SER B 65 -22.07 -9.72 -18.61
N ALA B 66 -20.77 -9.49 -18.76
CA ALA B 66 -20.27 -8.69 -19.88
C ALA B 66 -20.61 -9.34 -21.22
N LEU B 67 -20.25 -10.62 -21.38
CA LEU B 67 -20.61 -11.37 -22.60
C LEU B 67 -22.10 -11.29 -22.87
N ARG B 68 -22.91 -11.50 -21.83
CA ARG B 68 -24.36 -11.48 -22.01
C ARG B 68 -24.83 -10.15 -22.60
N LYS B 69 -24.39 -9.04 -22.02
CA LYS B 69 -24.82 -7.72 -22.50
C LYS B 69 -24.32 -7.47 -23.92
N MET B 70 -23.15 -8.02 -24.28
CA MET B 70 -22.65 -7.92 -25.65
C MET B 70 -23.60 -8.51 -26.69
N GLY B 71 -24.44 -9.46 -26.30
CA GLY B 71 -25.15 -10.31 -27.26
C GLY B 71 -24.57 -11.69 -27.52
N VAL B 72 -23.52 -12.10 -26.80
CA VAL B 72 -22.95 -13.43 -26.98
C VAL B 72 -23.89 -14.48 -26.37
N LYS B 73 -24.11 -15.59 -27.08
CA LYS B 73 -24.96 -16.64 -26.50
C LYS B 73 -24.20 -17.39 -25.40
N LEU B 74 -24.90 -17.73 -24.32
CA LEU B 74 -24.25 -18.29 -23.14
C LEU B 74 -24.92 -19.59 -22.77
N THR B 75 -24.12 -20.56 -22.31
CA THR B 75 -24.74 -21.82 -21.92
C THR B 75 -23.89 -22.44 -20.83
N PRO B 76 -24.48 -23.26 -19.95
CA PRO B 76 -23.67 -24.08 -19.04
C PRO B 76 -23.12 -25.36 -19.65
N HIS B 77 -23.47 -25.69 -20.90
CA HIS B 77 -23.15 -27.00 -21.47
C HIS B 77 -22.08 -26.88 -22.55
N ASN B 78 -20.86 -27.33 -22.24
CA ASN B 78 -19.79 -27.35 -23.24
C ASN B 78 -20.21 -28.06 -24.53
N LYS B 79 -21.04 -29.09 -24.42
CA LYS B 79 -21.46 -29.80 -25.64
C LYS B 79 -22.23 -28.86 -26.57
N GLU B 80 -23.06 -28.00 -26.02
CA GLU B 80 -23.79 -27.02 -26.83
C GLU B 80 -22.82 -26.06 -27.52
N THR B 81 -21.85 -25.55 -26.78
CA THR B 81 -20.82 -24.72 -27.39
C THR B 81 -20.11 -25.44 -28.52
N VAL B 82 -19.74 -26.71 -28.32
CA VAL B 82 -19.08 -27.47 -29.37
C VAL B 82 -19.99 -27.60 -30.60
N GLN B 83 -21.26 -27.94 -30.38
CA GLN B 83 -22.13 -28.16 -31.53
C GLN B 83 -22.42 -26.86 -32.24
N HIS B 84 -22.41 -25.74 -31.51
CA HIS B 84 -22.57 -24.42 -32.12
C HIS B 84 -21.37 -24.07 -33.00
N SER B 85 -20.18 -24.37 -32.55
CA SER B 85 -19.04 -23.66 -33.08
C SER B 85 -18.47 -24.36 -34.32
N ASP B 86 -17.76 -23.57 -35.14
CA ASP B 86 -16.80 -24.09 -36.11
C ASP B 86 -15.36 -23.90 -35.63
N VAL B 87 -15.01 -22.71 -35.16
CA VAL B 87 -13.74 -22.47 -34.52
C VAL B 87 -13.99 -22.49 -33.02
N LEU B 88 -13.31 -23.38 -32.32
CA LEU B 88 -13.60 -23.64 -30.91
C LEU B 88 -12.39 -23.23 -30.11
N PHE B 89 -12.52 -22.13 -29.35
CA PHE B 89 -11.43 -21.68 -28.50
C PHE B 89 -11.52 -22.37 -27.15
N LEU B 90 -10.39 -22.90 -26.66
CA LEU B 90 -10.33 -23.48 -25.32
C LEU B 90 -9.65 -22.44 -24.43
N ALA B 91 -10.44 -21.81 -23.57
CA ALA B 91 -9.95 -20.66 -22.81
C ALA B 91 -10.25 -20.85 -21.36
N VAL B 92 -9.83 -22.01 -20.85
CA VAL B 92 -9.96 -22.42 -19.47
C VAL B 92 -8.55 -22.61 -18.92
N LYS B 93 -8.46 -22.72 -17.60
CA LYS B 93 -7.15 -22.88 -16.96
C LYS B 93 -6.49 -24.17 -17.45
N PRO B 94 -5.15 -24.22 -17.46
CA PRO B 94 -4.47 -25.39 -18.02
C PRO B 94 -4.86 -26.70 -17.38
N HIS B 95 -5.14 -26.72 -16.07
CA HIS B 95 -5.45 -27.99 -15.43
C HIS B 95 -6.86 -28.49 -15.75
N ILE B 96 -7.71 -27.67 -16.36
CA ILE B 96 -9.06 -28.10 -16.74
C ILE B 96 -9.10 -28.70 -18.14
N ILE B 97 -8.11 -28.36 -18.99
CA ILE B 97 -8.13 -28.81 -20.40
C ILE B 97 -8.38 -30.31 -20.51
N PRO B 98 -7.68 -31.18 -19.78
CA PRO B 98 -7.90 -32.63 -19.98
C PRO B 98 -9.30 -33.10 -19.63
N PHE B 99 -9.95 -32.46 -18.66
CA PHE B 99 -11.34 -32.81 -18.37
C PHE B 99 -12.26 -32.38 -19.51
N ILE B 100 -12.09 -31.14 -19.98
CA ILE B 100 -12.81 -30.66 -21.15
C ILE B 100 -12.63 -31.62 -22.32
N LEU B 101 -11.37 -31.94 -22.67
CA LEU B 101 -11.18 -32.81 -23.84
C LEU B 101 -11.90 -34.13 -23.66
N ASP B 102 -11.87 -34.68 -22.45
CA ASP B 102 -12.58 -35.94 -22.26
C ASP B 102 -14.08 -35.73 -22.38
N GLU B 103 -14.57 -34.56 -21.96
CA GLU B 103 -16.02 -34.35 -21.89
C GLU B 103 -16.63 -34.21 -23.29
N ILE B 104 -15.98 -33.45 -24.18
CA ILE B 104 -16.61 -33.15 -25.45
C ILE B 104 -15.81 -33.69 -26.62
N GLY B 105 -14.79 -34.51 -26.34
CA GLY B 105 -14.03 -35.15 -27.40
C GLY B 105 -14.87 -35.97 -28.36
N ALA B 106 -15.94 -36.62 -27.86
CA ALA B 106 -16.79 -37.35 -28.79
C ALA B 106 -17.66 -36.43 -29.60
N ASP B 107 -17.71 -35.14 -29.26
CA ASP B 107 -18.55 -34.20 -29.98
C ASP B 107 -17.79 -33.39 -31.01
N ILE B 108 -16.46 -33.55 -31.10
CA ILE B 108 -15.68 -32.89 -32.14
C ILE B 108 -16.08 -33.48 -33.48
N GLU B 109 -16.15 -32.64 -34.51
CA GLU B 109 -16.60 -33.07 -35.82
C GLU B 109 -15.51 -32.72 -36.83
N ASP B 110 -15.68 -33.19 -38.07
CA ASP B 110 -14.63 -32.88 -39.07
C ASP B 110 -14.43 -31.38 -39.29
N ARG B 111 -15.51 -30.59 -39.27
CA ARG B 111 -15.37 -29.15 -39.49
C ARG B 111 -14.58 -28.44 -38.40
N HIS B 112 -14.41 -29.01 -37.22
CA HIS B 112 -13.89 -28.18 -36.12
C HIS B 112 -12.42 -27.84 -36.26
N ILE B 113 -12.05 -26.58 -35.96
CA ILE B 113 -10.67 -26.18 -35.65
C ILE B 113 -10.65 -25.87 -34.17
N VAL B 114 -9.87 -26.65 -33.41
CA VAL B 114 -9.79 -26.50 -31.95
C VAL B 114 -8.60 -25.62 -31.67
N VAL B 115 -8.83 -24.45 -31.07
CA VAL B 115 -7.76 -23.48 -30.81
C VAL B 115 -7.55 -23.45 -29.30
N SER B 116 -6.44 -23.98 -28.82
CA SER B 116 -6.21 -23.92 -27.40
C SER B 116 -5.49 -22.64 -27.04
N CYS B 117 -6.06 -21.87 -26.10
CA CYS B 117 -5.36 -20.70 -25.59
C CYS B 117 -4.68 -20.97 -24.26
N ALA B 118 -4.78 -22.18 -23.75
CA ALA B 118 -4.28 -22.43 -22.41
C ALA B 118 -2.75 -22.27 -22.36
N ALA B 119 -2.26 -21.60 -21.32
CA ALA B 119 -0.81 -21.54 -21.12
C ALA B 119 -0.22 -22.93 -20.95
N GLY B 120 0.92 -23.15 -21.59
CA GLY B 120 1.72 -24.32 -21.28
C GLY B 120 1.27 -25.61 -21.97
N VAL B 121 -0.03 -25.75 -22.27
CA VAL B 121 -0.57 -27.03 -22.75
C VAL B 121 -0.16 -27.29 -24.20
N THR B 122 0.41 -28.46 -24.44
CA THR B 122 1.05 -28.72 -25.72
C THR B 122 0.05 -29.27 -26.75
N ILE B 123 0.39 -29.03 -28.01
CA ILE B 123 -0.42 -29.55 -29.09
C ILE B 123 -0.46 -31.05 -29.00
N SER B 124 0.69 -31.64 -28.68
CA SER B 124 0.78 -33.09 -28.62
C SER B 124 -0.21 -33.67 -27.63
N SER B 125 -0.37 -33.02 -26.50
CA SER B 125 -1.21 -33.58 -25.45
C SER B 125 -2.68 -33.46 -25.83
N ILE B 126 -3.04 -32.35 -26.50
CA ILE B 126 -4.40 -32.17 -26.98
C ILE B 126 -4.72 -33.18 -28.06
N GLU B 127 -3.85 -33.31 -29.06
CA GLU B 127 -4.08 -34.31 -30.12
C GLU B 127 -4.20 -35.70 -29.53
N LYS B 128 -3.40 -36.01 -28.51
CA LYS B 128 -3.43 -37.36 -27.95
C LYS B 128 -4.80 -37.67 -27.35
N LYS B 129 -5.33 -36.74 -26.55
CA LYS B 129 -6.65 -36.92 -25.93
C LYS B 129 -7.77 -36.95 -26.99
N LEU B 130 -7.78 -35.98 -27.91
CA LEU B 130 -8.84 -35.96 -28.92
C LEU B 130 -8.75 -37.15 -29.89
N SER B 131 -7.54 -37.59 -30.24
CA SER B 131 -7.39 -38.74 -31.14
C SER B 131 -8.10 -40.00 -30.65
N ALA B 132 -8.35 -40.11 -29.34
CA ALA B 132 -9.09 -41.27 -28.85
C ALA B 132 -10.48 -41.32 -29.42
N PHE B 133 -10.99 -40.18 -29.88
CA PHE B 133 -12.36 -40.05 -30.29
C PHE B 133 -12.54 -40.01 -31.79
N ARG B 134 -11.58 -39.46 -32.51
CA ARG B 134 -11.76 -39.30 -33.94
C ARG B 134 -10.37 -39.04 -34.47
N PRO B 135 -9.99 -39.64 -35.60
CA PRO B 135 -8.67 -39.40 -36.14
C PRO B 135 -8.56 -37.97 -36.66
N ALA B 136 -7.35 -37.53 -36.73
CA ALA B 136 -7.02 -36.23 -37.34
C ALA B 136 -7.73 -35.00 -36.75
N PRO B 137 -7.78 -34.82 -35.43
CA PRO B 137 -8.32 -33.55 -34.91
C PRO B 137 -7.46 -32.38 -35.38
N ARG B 138 -8.10 -31.28 -35.77
CA ARG B 138 -7.39 -30.12 -36.30
C ARG B 138 -7.18 -29.17 -35.13
N VAL B 139 -5.91 -29.02 -34.71
CA VAL B 139 -5.57 -28.31 -33.49
C VAL B 139 -4.61 -27.19 -33.78
N ILE B 140 -4.84 -26.04 -33.14
CA ILE B 140 -3.93 -24.92 -33.20
C ILE B 140 -3.71 -24.47 -31.75
N ARG B 141 -2.46 -24.11 -31.42
CA ARG B 141 -2.20 -23.57 -30.10
C ARG B 141 -1.91 -22.08 -30.24
N CYS B 142 -2.49 -21.27 -29.38
CA CYS B 142 -2.09 -19.86 -29.50
C CYS B 142 -1.79 -19.27 -28.13
N MET B 143 -1.10 -18.12 -28.14
CA MET B 143 -0.89 -17.35 -26.92
C MET B 143 -1.24 -15.94 -27.33
N THR B 144 -2.24 -15.35 -26.70
CA THR B 144 -2.65 -14.00 -27.08
C THR B 144 -2.66 -13.18 -25.78
N ASN B 145 -3.29 -12.01 -25.80
CA ASN B 145 -3.36 -11.23 -24.57
C ASN B 145 -4.60 -10.35 -24.57
N THR B 146 -4.85 -9.65 -23.44
CA THR B 146 -6.14 -8.95 -23.27
CA THR B 146 -6.18 -9.01 -23.35
C THR B 146 -6.29 -7.76 -24.21
N PRO B 147 -5.20 -7.07 -24.62
CA PRO B 147 -5.39 -5.93 -25.52
C PRO B 147 -6.05 -6.21 -26.86
N VAL B 148 -6.35 -7.49 -27.18
CA VAL B 148 -7.23 -7.75 -28.31
C VAL B 148 -8.55 -6.97 -28.12
N VAL B 149 -8.90 -6.65 -26.87
CA VAL B 149 -10.14 -5.93 -26.61
C VAL B 149 -10.11 -4.53 -27.24
N VAL B 150 -8.93 -3.97 -27.47
CA VAL B 150 -8.81 -2.72 -28.20
C VAL B 150 -8.11 -2.94 -29.54
N ARG B 151 -8.17 -4.20 -30.03
CA ARG B 151 -7.60 -4.57 -31.31
C ARG B 151 -6.11 -4.26 -31.41
N GLU B 152 -5.39 -4.36 -30.28
CA GLU B 152 -3.93 -4.23 -30.27
C GLU B 152 -3.29 -5.38 -29.50
N GLY B 153 -3.85 -6.59 -29.68
CA GLY B 153 -3.24 -7.76 -29.12
C GLY B 153 -1.90 -8.09 -29.73
N ALA B 154 -1.24 -9.04 -29.06
CA ALA B 154 -0.02 -9.68 -29.54
C ALA B 154 -0.31 -11.17 -29.51
N THR B 155 -0.40 -11.79 -30.68
CA THR B 155 -0.81 -13.20 -30.74
C THR B 155 0.24 -14.00 -31.51
N VAL B 156 0.58 -15.20 -31.00
CA VAL B 156 1.36 -16.14 -31.82
C VAL B 156 0.57 -17.42 -31.84
N TYR B 157 0.83 -18.25 -32.86
CA TYR B 157 0.15 -19.54 -32.90
C TYR B 157 1.06 -20.54 -33.58
N ALA B 158 0.81 -21.80 -33.25
CA ALA B 158 1.47 -22.93 -33.89
C ALA B 158 0.38 -23.88 -34.33
N THR B 159 0.51 -24.46 -35.52
CA THR B 159 -0.50 -25.39 -36.04
C THR B 159 -0.10 -26.83 -35.75
N GLY B 160 -1.11 -27.66 -35.50
CA GLY B 160 -0.87 -29.05 -35.15
C GLY B 160 -0.71 -29.93 -36.37
N THR B 161 -0.55 -31.23 -36.07
CA THR B 161 -0.27 -32.26 -37.07
C THR B 161 -1.26 -32.26 -38.23
N HIS B 162 -2.55 -32.17 -37.93
CA HIS B 162 -3.61 -32.32 -38.92
C HIS B 162 -4.23 -31.00 -39.33
N ALA B 163 -3.75 -29.89 -38.80
CA ALA B 163 -4.21 -28.59 -39.29
C ALA B 163 -3.83 -28.43 -40.76
N GLN B 164 -4.79 -28.00 -41.55
CA GLN B 164 -4.54 -27.71 -42.95
C GLN B 164 -3.88 -26.33 -43.11
N VAL B 165 -3.24 -26.11 -44.26
CA VAL B 165 -2.70 -24.78 -44.55
C VAL B 165 -3.81 -23.75 -44.46
N GLU B 166 -5.01 -24.09 -44.92
CA GLU B 166 -6.13 -23.16 -44.80
C GLU B 166 -6.43 -22.83 -43.34
N ASP B 167 -6.26 -23.80 -42.44
CA ASP B 167 -6.57 -23.53 -41.03
C ASP B 167 -5.65 -22.47 -40.46
N GLY B 168 -4.35 -22.59 -40.77
CA GLY B 168 -3.40 -21.58 -40.30
C GLY B 168 -3.71 -20.20 -40.85
N ARG B 169 -4.02 -20.13 -42.15
CA ARG B 169 -4.39 -18.85 -42.77
C ARG B 169 -5.64 -18.27 -42.12
N LEU B 170 -6.68 -19.08 -41.94
CA LEU B 170 -7.88 -18.60 -41.25
C LEU B 170 -7.55 -18.10 -39.87
N MET B 171 -6.78 -18.89 -39.12
CA MET B 171 -6.34 -18.50 -37.79
C MET B 171 -5.65 -17.14 -37.83
N GLU B 172 -4.73 -16.96 -38.78
CA GLU B 172 -3.99 -15.71 -38.80
C GLU B 172 -4.87 -14.53 -39.20
N GLN B 173 -5.78 -14.73 -40.15
CA GLN B 173 -6.69 -13.65 -40.52
C GLN B 173 -7.57 -13.23 -39.34
N LEU B 174 -8.11 -14.22 -38.62
CA LEU B 174 -8.95 -13.94 -37.45
C LEU B 174 -8.20 -13.19 -36.36
N LEU B 175 -7.04 -13.72 -35.92
CA LEU B 175 -6.36 -13.04 -34.83
C LEU B 175 -5.65 -11.76 -35.29
N SER B 176 -5.33 -11.61 -36.58
CA SER B 176 -4.83 -10.30 -37.07
C SER B 176 -5.90 -9.21 -37.04
N SER B 177 -7.18 -9.55 -37.03
CA SER B 177 -8.19 -8.49 -36.98
C SER B 177 -8.20 -7.78 -35.64
N VAL B 178 -7.54 -8.33 -34.64
CA VAL B 178 -7.54 -7.73 -33.32
C VAL B 178 -6.12 -7.51 -32.82
N GLY B 179 -5.14 -7.48 -33.72
CA GLY B 179 -3.81 -7.04 -33.29
C GLY B 179 -2.72 -7.69 -34.13
N PHE B 180 -1.53 -7.74 -33.56
CA PHE B 180 -0.41 -8.37 -34.23
C PHE B 180 -0.57 -9.88 -34.13
N CYS B 181 -0.27 -10.60 -35.20
CA CYS B 181 -0.36 -12.07 -35.14
C CYS B 181 0.67 -12.71 -36.06
N THR B 182 1.36 -13.75 -35.57
CA THR B 182 2.32 -14.44 -36.43
C THR B 182 2.44 -15.90 -36.02
N GLU B 183 2.74 -16.75 -37.00
CA GLU B 183 2.99 -18.15 -36.70
C GLU B 183 4.39 -18.33 -36.10
N VAL B 184 4.53 -19.21 -35.11
CA VAL B 184 5.83 -19.55 -34.52
C VAL B 184 5.92 -21.05 -34.34
N GLU B 185 7.15 -21.54 -34.22
CA GLU B 185 7.37 -22.91 -33.74
C GLU B 185 6.76 -23.04 -32.35
N GLU B 186 6.11 -24.18 -32.09
CA GLU B 186 5.44 -24.34 -30.81
C GLU B 186 6.40 -24.16 -29.64
N ASP B 187 7.67 -24.55 -29.80
CA ASP B 187 8.56 -24.49 -28.64
C ASP B 187 8.92 -23.06 -28.25
N LEU B 188 8.49 -22.04 -29.01
CA LEU B 188 8.66 -20.66 -28.54
C LEU B 188 7.51 -20.17 -27.65
N ILE B 189 6.39 -20.90 -27.57
CA ILE B 189 5.17 -20.28 -27.05
C ILE B 189 5.27 -20.03 -25.55
N ASP B 190 5.94 -20.91 -24.80
CA ASP B 190 6.12 -20.65 -23.37
C ASP B 190 6.86 -19.32 -23.14
N ALA B 191 7.90 -19.04 -23.92
CA ALA B 191 8.64 -17.78 -23.74
C ALA B 191 7.79 -16.58 -24.15
N VAL B 192 7.03 -16.73 -25.22
CA VAL B 192 6.13 -15.65 -25.63
C VAL B 192 5.15 -15.36 -24.50
N THR B 193 4.64 -16.42 -23.84
CA THR B 193 3.75 -16.22 -22.70
C THR B 193 4.39 -15.31 -21.66
N GLY B 194 5.68 -15.51 -21.38
CA GLY B 194 6.30 -14.68 -20.36
C GLY B 194 6.53 -13.24 -20.80
N LEU B 195 6.52 -13.01 -22.11
CA LEU B 195 6.83 -11.69 -22.65
C LEU B 195 5.55 -10.94 -23.00
N SER B 196 4.85 -11.31 -24.08
CA SER B 196 3.63 -10.59 -24.43
C SER B 196 2.36 -11.13 -23.75
N GLY B 197 2.34 -12.40 -23.31
CA GLY B 197 1.16 -12.87 -22.54
C GLY B 197 1.04 -12.13 -21.21
N SER B 198 2.12 -12.12 -20.42
CA SER B 198 2.18 -11.42 -19.14
C SER B 198 2.51 -9.93 -19.27
N GLY B 199 3.03 -9.49 -20.41
CA GLY B 199 3.48 -8.12 -20.60
C GLY B 199 2.52 -7.03 -20.20
N PRO B 200 1.27 -7.15 -20.61
CA PRO B 200 0.34 -6.06 -20.28
C PRO B 200 0.25 -5.85 -18.78
N ALA B 201 0.27 -6.94 -17.99
CA ALA B 201 0.29 -6.79 -16.53
C ALA B 201 1.54 -6.04 -16.04
N TYR B 202 2.70 -6.29 -16.64
CA TYR B 202 3.89 -5.53 -16.23
C TYR B 202 3.66 -4.06 -16.52
N ALA B 203 3.05 -3.74 -17.69
CA ALA B 203 2.77 -2.36 -18.03
C ALA B 203 1.73 -1.74 -17.11
N PHE B 204 0.66 -2.47 -16.76
CA PHE B 204 -0.31 -1.88 -15.82
C PHE B 204 0.35 -1.57 -14.46
N THR B 205 1.20 -2.49 -13.97
CA THR B 205 1.95 -2.19 -12.73
C THR B 205 2.80 -0.94 -12.90
N ALA B 206 3.58 -0.88 -13.99
CA ALA B 206 4.44 0.28 -14.28
C ALA B 206 3.63 1.58 -14.33
N LEU B 207 2.46 1.56 -15.00
CA LEU B 207 1.64 2.75 -15.17
C LEU B 207 1.09 3.26 -13.84
N ASP B 208 0.65 2.33 -12.99
CA ASP B 208 0.22 2.70 -11.64
C ASP B 208 1.37 3.36 -10.87
N ALA B 209 2.55 2.76 -10.92
CA ALA B 209 3.72 3.32 -10.20
C ALA B 209 4.13 4.67 -10.77
N LEU B 210 4.20 4.77 -12.11
CA LEU B 210 4.52 6.06 -12.74
C LEU B 210 3.53 7.15 -12.30
N ALA B 211 2.24 6.79 -12.25
CA ALA B 211 1.23 7.74 -11.78
C ALA B 211 1.48 8.15 -10.34
N ASP B 212 1.82 7.18 -9.47
CA ASP B 212 2.16 7.52 -8.09
C ASP B 212 3.33 8.50 -8.06
N GLY B 213 4.33 8.28 -8.89
CA GLY B 213 5.42 9.25 -8.97
C GLY B 213 4.97 10.62 -9.45
N GLY B 214 4.14 10.67 -10.49
CA GLY B 214 3.60 11.97 -10.88
C GLY B 214 2.83 12.66 -9.78
N VAL B 215 2.01 11.90 -9.04
CA VAL B 215 1.26 12.48 -7.92
C VAL B 215 2.21 12.93 -6.82
N LYS B 216 3.25 12.12 -6.52
CA LYS B 216 4.20 12.55 -5.48
C LYS B 216 4.79 13.92 -5.84
N MET B 217 5.08 14.12 -7.11
CA MET B 217 5.70 15.36 -7.55
C MET B 217 4.70 16.47 -7.87
N GLY B 218 3.40 16.30 -7.56
CA GLY B 218 2.42 17.40 -7.53
C GLY B 218 1.36 17.35 -8.61
N LEU B 219 1.33 16.29 -9.41
CA LEU B 219 0.33 16.21 -10.48
C LEU B 219 -0.98 15.61 -9.94
N PRO B 220 -2.11 16.07 -10.42
CA PRO B 220 -3.38 15.36 -10.17
C PRO B 220 -3.30 13.92 -10.69
N ARG B 221 -3.97 13.02 -9.99
CA ARG B 221 -3.92 11.60 -10.36
C ARG B 221 -4.40 11.39 -11.81
N ARG B 222 -5.54 12.00 -12.16
CA ARG B 222 -6.12 11.75 -13.48
C ARG B 222 -5.15 12.09 -14.60
N LEU B 223 -4.51 13.26 -14.47
CA LEU B 223 -3.51 13.69 -15.46
C LEU B 223 -2.29 12.80 -15.41
N ALA B 224 -1.86 12.41 -14.21
CA ALA B 224 -0.68 11.57 -14.15
C ALA B 224 -0.88 10.22 -14.88
N VAL B 225 -2.03 9.59 -14.67
CA VAL B 225 -2.32 8.32 -15.36
C VAL B 225 -2.35 8.54 -16.86
N ARG B 226 -2.98 9.64 -17.31
CA ARG B 226 -3.12 9.89 -18.74
C ARG B 226 -1.76 10.12 -19.37
N LEU B 227 -0.93 10.95 -18.73
CA LEU B 227 0.41 11.24 -19.26
C LEU B 227 1.28 10.00 -19.30
N GLY B 228 1.25 9.18 -18.24
CA GLY B 228 2.05 7.99 -18.20
C GLY B 228 1.65 7.00 -19.30
N ALA B 229 0.33 6.81 -19.48
CA ALA B 229 -0.17 5.88 -20.51
C ALA B 229 0.17 6.38 -21.91
N GLN B 230 0.06 7.69 -22.11
CA GLN B 230 0.39 8.28 -23.41
C GLN B 230 1.87 8.14 -23.70
N ALA B 231 2.71 8.35 -22.67
CA ALA B 231 4.16 8.18 -22.80
C ALA B 231 4.49 6.78 -23.26
N LEU B 232 3.88 5.80 -22.61
CA LEU B 232 4.19 4.41 -22.97
C LEU B 232 3.64 4.06 -24.36
N LEU B 233 2.42 4.48 -24.65
CA LEU B 233 1.85 4.23 -25.97
C LEU B 233 2.73 4.84 -27.04
N GLY B 234 3.12 6.12 -26.87
CA GLY B 234 3.93 6.77 -27.89
C GLY B 234 5.30 6.13 -28.07
N ALA B 235 5.96 5.77 -26.98
CA ALA B 235 7.28 5.15 -27.05
C ALA B 235 7.20 3.80 -27.75
N ALA B 236 6.16 3.04 -27.41
CA ALA B 236 6.01 1.73 -28.07
C ALA B 236 5.76 1.89 -29.56
N LYS B 237 4.90 2.84 -29.93
CA LYS B 237 4.67 3.09 -31.34
C LYS B 237 5.94 3.59 -32.03
N MET B 238 6.67 4.51 -31.40
CA MET B 238 7.90 4.99 -32.01
C MET B 238 8.85 3.83 -32.30
N LEU B 239 9.02 2.94 -31.33
CA LEU B 239 9.93 1.81 -31.51
C LEU B 239 9.46 0.91 -32.67
N LEU B 240 8.17 0.58 -32.69
CA LEU B 240 7.66 -0.24 -33.78
C LEU B 240 7.90 0.40 -35.12
N HIS B 241 7.76 1.71 -35.21
CA HIS B 241 7.92 2.40 -36.50
C HIS B 241 9.36 2.74 -36.84
N SER B 242 10.29 2.53 -35.92
CA SER B 242 11.69 2.86 -36.06
C SER B 242 12.46 1.67 -36.63
N GLU B 243 13.53 1.95 -37.36
CA GLU B 243 14.48 0.87 -37.62
C GLU B 243 15.64 0.86 -36.61
N GLN B 244 15.54 1.65 -35.54
CA GLN B 244 16.63 1.80 -34.59
C GLN B 244 16.49 0.85 -33.40
N HIS B 245 17.62 0.56 -32.79
CA HIS B 245 17.67 -0.19 -31.55
C HIS B 245 17.07 0.65 -30.41
N PRO B 246 16.36 0.02 -29.47
CA PRO B 246 15.79 0.78 -28.36
C PRO B 246 16.86 1.52 -27.57
N GLY B 247 18.09 1.03 -27.54
CA GLY B 247 19.14 1.78 -26.87
C GLY B 247 19.56 3.01 -27.63
N GLN B 248 19.53 2.93 -28.97
CA GLN B 248 19.78 4.15 -29.75
C GLN B 248 18.68 5.19 -29.54
N LEU B 249 17.42 4.75 -29.47
CA LEU B 249 16.36 5.73 -29.18
C LEU B 249 16.55 6.34 -27.79
N LYS B 250 16.94 5.50 -26.82
CA LYS B 250 17.29 6.00 -25.49
C LYS B 250 18.37 7.08 -25.58
N ASP B 251 19.43 6.80 -26.34
CA ASP B 251 20.49 7.79 -26.47
C ASP B 251 19.97 9.04 -27.13
N ASN B 252 19.11 8.89 -28.16
CA ASN B 252 18.61 10.02 -28.92
C ASN B 252 17.89 11.03 -28.02
N VAL B 253 17.19 10.57 -27.01
CA VAL B 253 16.34 11.47 -26.22
C VAL B 253 16.96 11.81 -24.86
N SER B 254 18.18 11.36 -24.60
CA SER B 254 18.91 11.62 -23.34
C SER B 254 19.95 12.76 -23.47
N SER B 255 19.57 13.98 -23.16
CA SER B 255 20.54 15.06 -23.34
C SER B 255 21.62 15.04 -22.23
N PRO B 256 22.82 15.49 -22.55
CA PRO B 256 23.90 15.50 -21.54
C PRO B 256 23.54 16.32 -20.32
N GLY B 257 23.82 15.75 -19.14
CA GLY B 257 23.45 16.36 -17.88
C GLY B 257 21.97 16.50 -17.57
N GLY B 258 21.10 16.01 -18.45
CA GLY B 258 19.69 16.35 -18.38
C GLY B 258 18.85 15.48 -17.42
N ALA B 259 17.54 15.83 -17.38
CA ALA B 259 16.61 15.17 -16.45
C ALA B 259 16.49 13.67 -16.75
N THR B 260 16.38 13.34 -18.02
CA THR B 260 16.16 11.93 -18.38
C THR B 260 17.34 11.05 -17.96
N ILE B 261 18.57 11.47 -18.28
CA ILE B 261 19.71 10.60 -17.93
C ILE B 261 19.85 10.48 -16.42
N HIS B 262 19.48 11.52 -15.67
CA HIS B 262 19.46 11.38 -14.22
C HIS B 262 18.44 10.32 -13.77
N ALA B 263 17.26 10.31 -14.39
CA ALA B 263 16.28 9.32 -13.98
C ALA B 263 16.69 7.93 -14.42
N LEU B 264 17.32 7.82 -15.61
CA LEU B 264 17.76 6.48 -16.05
C LEU B 264 18.79 5.92 -15.09
N HIS B 265 19.64 6.77 -14.54
CA HIS B 265 20.60 6.28 -13.55
C HIS B 265 19.89 5.63 -12.36
N VAL B 266 18.85 6.30 -11.82
CA VAL B 266 18.18 5.72 -10.64
C VAL B 266 17.46 4.42 -10.99
N LEU B 267 16.91 4.30 -12.21
CA LEU B 267 16.40 2.98 -12.64
C LEU B 267 17.52 1.94 -12.65
N GLU B 268 18.68 2.27 -13.26
CA GLU B 268 19.78 1.31 -13.29
C GLU B 268 20.24 0.93 -11.90
N SER B 269 20.23 1.91 -10.96
CA SER B 269 20.75 1.60 -9.63
C SER B 269 19.89 0.58 -8.92
N GLY B 270 18.61 0.53 -9.25
CA GLY B 270 17.69 -0.51 -8.73
C GLY B 270 17.66 -1.80 -9.51
N GLY B 271 18.49 -1.94 -10.54
CA GLY B 271 18.43 -3.19 -11.33
C GLY B 271 17.16 -3.32 -12.15
N PHE B 272 16.56 -2.19 -12.55
CA PHE B 272 15.30 -2.17 -13.30
C PHE B 272 15.29 -3.19 -14.45
N ARG B 273 16.33 -3.16 -15.30
CA ARG B 273 16.40 -4.10 -16.41
C ARG B 273 16.34 -5.53 -15.93
N SER B 274 17.12 -5.85 -14.90
CA SER B 274 17.09 -7.23 -14.41
C SER B 274 15.73 -7.64 -13.85
N LEU B 275 14.94 -6.71 -13.30
CA LEU B 275 13.61 -7.13 -12.81
C LEU B 275 12.71 -7.55 -13.95
N LEU B 276 12.76 -6.83 -15.07
CA LEU B 276 11.96 -7.20 -16.22
C LEU B 276 12.44 -8.54 -16.80
N ILE B 277 13.76 -8.72 -16.92
CA ILE B 277 14.25 -10.06 -17.31
C ILE B 277 13.71 -11.14 -16.34
N ASN B 278 13.82 -10.88 -15.05
CA ASN B 278 13.33 -11.85 -14.05
C ASN B 278 11.87 -12.19 -14.29
N ALA B 279 11.07 -11.18 -14.59
CA ALA B 279 9.63 -11.35 -14.79
C ALA B 279 9.37 -12.25 -16.00
N VAL B 280 9.97 -11.94 -17.15
CA VAL B 280 9.77 -12.82 -18.33
C VAL B 280 10.17 -14.25 -18.00
N GLU B 281 11.33 -14.40 -17.39
CA GLU B 281 11.81 -15.73 -17.01
C GLU B 281 10.81 -16.42 -16.08
N ALA B 282 10.37 -15.72 -15.04
CA ALA B 282 9.48 -16.38 -14.05
C ALA B 282 8.15 -16.79 -14.67
N SER B 283 7.60 -15.94 -15.54
CA SER B 283 6.34 -16.30 -16.19
C SER B 283 6.53 -17.49 -17.12
N CYS B 284 7.61 -17.49 -17.89
CA CYS B 284 7.91 -18.62 -18.78
C CYS B 284 8.10 -19.93 -18.00
N ILE B 285 8.89 -19.88 -16.91
CA ILE B 285 9.13 -21.07 -16.10
C ILE B 285 7.82 -21.60 -15.50
N ARG B 286 7.00 -20.69 -14.96
CA ARG B 286 5.70 -21.11 -14.43
C ARG B 286 4.84 -21.77 -15.52
N THR B 287 4.85 -21.20 -16.73
CA THR B 287 4.12 -21.79 -17.83
C THR B 287 4.58 -23.21 -18.10
N ARG B 288 5.90 -23.46 -18.04
CA ARG B 288 6.41 -24.84 -18.20
C ARG B 288 5.94 -25.76 -17.05
N GLU B 289 5.84 -25.24 -15.83
CA GLU B 289 5.29 -26.03 -14.71
C GLU B 289 3.81 -26.36 -14.91
N LEU B 290 3.02 -25.39 -15.40
CA LEU B 290 1.60 -25.63 -15.62
C LEU B 290 1.41 -26.80 -16.57
N GLN B 291 2.25 -26.91 -17.60
CA GLN B 291 2.23 -28.06 -18.50
C GLN B 291 2.45 -29.35 -17.72
N SER B 292 3.54 -29.41 -16.93
CA SER B 292 3.79 -30.53 -16.02
C SER B 292 2.74 -30.63 -14.92
N ASN C 17 -30.28 8.58 18.98
CA ASN C 17 -31.23 9.53 18.40
C ASN C 17 -30.76 10.96 18.47
N LEU C 18 -29.47 11.14 18.61
CA LEU C 18 -28.85 12.46 18.51
C LEU C 18 -29.23 13.16 17.20
N TYR C 19 -29.54 14.45 17.32
CA TYR C 19 -29.82 15.32 16.18
C TYR C 19 -29.49 16.77 16.54
N PHE C 20 -28.71 17.45 15.69
CA PHE C 20 -28.31 18.85 15.93
C PHE C 20 -29.36 19.76 15.34
N GLN C 21 -30.32 20.19 16.20
CA GLN C 21 -31.52 20.88 15.74
C GLN C 21 -31.20 22.19 15.02
N SER C 22 -30.29 22.98 15.57
CA SER C 22 -30.08 24.34 15.09
C SER C 22 -28.82 24.51 14.23
N MET C 23 -28.19 23.42 13.79
CA MET C 23 -26.86 23.52 13.22
C MET C 23 -26.93 23.52 11.70
N SER C 24 -26.40 24.57 11.07
CA SER C 24 -26.14 24.57 9.63
C SER C 24 -24.65 24.36 9.40
N VAL C 25 -24.32 23.42 8.51
CA VAL C 25 -22.93 23.07 8.23
C VAL C 25 -22.59 23.51 6.82
N GLY C 26 -21.38 24.04 6.63
CA GLY C 26 -20.89 24.36 5.31
C GLY C 26 -19.57 23.67 5.07
N PHE C 27 -19.31 23.34 3.81
CA PHE C 27 -18.02 22.80 3.40
C PHE C 27 -17.45 23.73 2.33
N ILE C 28 -16.30 24.32 2.61
CA ILE C 28 -15.54 25.00 1.57
C ILE C 28 -14.56 23.97 1.02
N GLY C 29 -14.79 23.56 -0.22
CA GLY C 29 -14.18 22.37 -0.78
C GLY C 29 -15.28 21.33 -0.89
N ALA C 30 -15.42 20.68 -2.05
CA ALA C 30 -16.41 19.63 -2.24
C ALA C 30 -15.76 18.37 -2.76
N GLY C 31 -14.64 17.97 -2.15
CA GLY C 31 -13.87 16.83 -2.57
C GLY C 31 -14.16 15.56 -1.77
N GLN C 32 -13.16 14.67 -1.74
CA GLN C 32 -13.33 13.36 -1.11
C GLN C 32 -13.73 13.52 0.36
N LEU C 33 -13.11 14.48 1.07
CA LEU C 33 -13.37 14.65 2.50
C LEU C 33 -14.77 15.20 2.76
N ALA C 34 -15.14 16.26 2.02
CA ALA C 34 -16.47 16.85 2.18
C ALA C 34 -17.55 15.84 1.90
N PHE C 35 -17.41 15.09 0.81
CA PHE C 35 -18.38 14.04 0.51
C PHE C 35 -18.45 13.01 1.63
N ALA C 36 -17.29 12.56 2.09
CA ALA C 36 -17.25 11.52 3.11
C ALA C 36 -17.94 11.97 4.39
N LEU C 37 -17.65 13.18 4.85
CA LEU C 37 -18.25 13.64 6.09
C LEU C 37 -19.76 13.84 5.95
N ALA C 38 -20.19 14.46 4.85
CA ALA C 38 -21.62 14.67 4.65
C ALA C 38 -22.36 13.33 4.56
N LYS C 39 -21.76 12.36 3.86
CA LYS C 39 -22.36 11.04 3.81
C LYS C 39 -22.40 10.41 5.20
N GLY C 40 -21.32 10.56 5.98
CA GLY C 40 -21.32 9.99 7.30
C GLY C 40 -22.33 10.65 8.22
N PHE C 41 -22.38 11.98 8.19
CA PHE C 41 -23.31 12.70 9.07
C PHE C 41 -24.75 12.33 8.75
N THR C 42 -25.09 12.29 7.47
CA THR C 42 -26.48 11.99 7.15
C THR C 42 -26.78 10.52 7.41
N ALA C 43 -25.80 9.64 7.16
CA ALA C 43 -25.96 8.24 7.52
C ALA C 43 -26.24 8.07 9.00
N ALA C 44 -25.57 8.86 9.84
CA ALA C 44 -25.74 8.78 11.28
C ALA C 44 -27.09 9.32 11.74
N GLY C 45 -27.77 10.07 10.88
CA GLY C 45 -28.97 10.77 11.25
C GLY C 45 -28.75 12.00 12.12
N VAL C 46 -27.54 12.57 12.18
CA VAL C 46 -27.36 13.72 13.06
C VAL C 46 -27.64 15.04 12.35
N LEU C 47 -27.65 15.03 11.03
CA LEU C 47 -27.94 16.20 10.21
C LEU C 47 -28.76 15.74 9.03
N ALA C 48 -29.70 16.58 8.61
CA ALA C 48 -30.35 16.35 7.34
C ALA C 48 -29.50 16.93 6.23
N ALA C 49 -29.52 16.28 5.07
CA ALA C 49 -28.64 16.71 3.98
C ALA C 49 -28.90 18.16 3.59
N HIS C 50 -30.14 18.66 3.71
CA HIS C 50 -30.42 20.02 3.26
C HIS C 50 -29.90 21.10 4.20
N LYS C 51 -29.51 20.76 5.42
CA LYS C 51 -28.85 21.75 6.28
C LYS C 51 -27.35 21.78 6.04
N ILE C 52 -26.86 21.10 4.99
CA ILE C 52 -25.47 21.08 4.60
C ILE C 52 -25.34 21.80 3.28
N MET C 53 -24.31 22.64 3.13
CA MET C 53 -23.99 23.28 1.87
C MET C 53 -22.50 23.13 1.59
N ALA C 54 -22.14 22.91 0.33
CA ALA C 54 -20.74 22.82 -0.08
C ALA C 54 -20.50 23.67 -1.32
N SER C 55 -19.26 24.12 -1.48
CA SER C 55 -18.87 24.96 -2.61
C SER C 55 -17.60 24.42 -3.25
N SER C 56 -17.46 24.66 -4.56
CA SER C 56 -16.30 24.15 -5.31
C SER C 56 -15.88 25.08 -6.44
N MET C 59 -16.28 22.24 -9.86
CA MET C 59 -17.74 22.12 -9.74
C MET C 59 -18.32 21.12 -10.76
N ASP C 60 -17.49 20.70 -11.72
CA ASP C 60 -17.78 19.52 -12.53
C ASP C 60 -17.17 18.26 -11.93
N LEU C 61 -16.99 18.26 -10.61
CA LEU C 61 -16.25 17.23 -9.90
C LEU C 61 -17.12 16.00 -9.68
N ALA C 62 -16.48 14.83 -9.60
CA ALA C 62 -17.23 13.61 -9.31
C ALA C 62 -17.92 13.70 -7.95
N THR C 63 -17.15 14.08 -6.91
CA THR C 63 -17.70 14.27 -5.57
C THR C 63 -18.85 15.26 -5.56
N VAL C 64 -18.75 16.35 -6.32
CA VAL C 64 -19.83 17.34 -6.31
C VAL C 64 -21.10 16.78 -6.95
N SER C 65 -20.96 15.83 -7.87
CA SER C 65 -22.14 15.19 -8.44
C SER C 65 -22.85 14.32 -7.39
N ALA C 66 -22.06 13.56 -6.61
CA ALA C 66 -22.64 12.71 -5.57
C ALA C 66 -23.36 13.53 -4.50
N LEU C 67 -22.71 14.61 -4.01
CA LEU C 67 -23.32 15.49 -3.01
C LEU C 67 -24.72 15.93 -3.42
N ARG C 68 -24.91 16.33 -4.68
CA ARG C 68 -26.23 16.75 -5.13
C ARG C 68 -27.25 15.62 -4.98
N LYS C 69 -26.84 14.37 -5.21
CA LYS C 69 -27.77 13.25 -5.06
C LYS C 69 -28.23 13.09 -3.62
N MET C 70 -27.31 13.23 -2.66
CA MET C 70 -27.63 13.11 -1.24
C MET C 70 -28.71 14.10 -0.80
N GLY C 71 -28.78 15.26 -1.44
CA GLY C 71 -29.61 16.36 -0.99
C GLY C 71 -28.84 17.53 -0.40
N VAL C 72 -27.53 17.56 -0.54
CA VAL C 72 -26.70 18.66 -0.03
C VAL C 72 -26.85 19.86 -0.96
N LYS C 73 -27.09 21.05 -0.38
CA LYS C 73 -27.09 22.26 -1.19
C LYS C 73 -25.68 22.55 -1.72
N LEU C 74 -25.61 23.10 -2.93
CA LEU C 74 -24.33 23.36 -3.59
C LEU C 74 -24.33 24.76 -4.17
N THR C 75 -23.12 25.27 -4.47
CA THR C 75 -22.91 26.66 -4.91
C THR C 75 -21.45 26.85 -5.31
N PRO C 76 -21.17 27.64 -6.35
CA PRO C 76 -19.78 27.90 -6.70
C PRO C 76 -19.16 29.05 -5.93
N HIS C 77 -19.89 29.59 -4.95
CA HIS C 77 -19.50 30.82 -4.26
C HIS C 77 -19.22 30.53 -2.81
N ASN C 78 -17.94 30.65 -2.41
CA ASN C 78 -17.59 30.40 -1.02
C ASN C 78 -18.29 31.36 -0.06
N LYS C 79 -18.64 32.58 -0.52
CA LYS C 79 -19.35 33.49 0.37
C LYS C 79 -20.73 32.94 0.72
N GLU C 80 -21.37 32.23 -0.22
CA GLU C 80 -22.70 31.73 0.07
C GLU C 80 -22.65 30.61 1.12
N THR C 81 -21.71 29.68 0.96
CA THR C 81 -21.43 28.69 2.01
C THR C 81 -21.26 29.36 3.38
N VAL C 82 -20.49 30.45 3.43
CA VAL C 82 -20.26 31.11 4.72
C VAL C 82 -21.55 31.70 5.30
N GLN C 83 -22.35 32.38 4.49
CA GLN C 83 -23.59 32.94 5.02
C GLN C 83 -24.60 31.86 5.41
N HIS C 84 -24.55 30.71 4.72
CA HIS C 84 -25.42 29.60 5.09
C HIS C 84 -25.05 29.00 6.44
N SER C 85 -23.76 28.98 6.79
CA SER C 85 -23.24 28.01 7.75
C SER C 85 -23.12 28.58 9.15
N ASP C 86 -23.26 27.69 10.12
CA ASP C 86 -22.83 27.92 11.50
C ASP C 86 -21.45 27.30 11.71
N VAL C 87 -21.35 25.97 11.51
CA VAL C 87 -20.09 25.27 11.56
C VAL C 87 -19.53 25.23 10.14
N LEU C 88 -18.30 25.68 9.95
CA LEU C 88 -17.73 25.81 8.61
C LEU C 88 -16.45 24.99 8.51
N PHE C 89 -16.49 23.88 7.75
CA PHE C 89 -15.33 23.03 7.51
C PHE C 89 -14.56 23.57 6.31
N LEU C 90 -13.26 23.71 6.48
CA LEU C 90 -12.36 24.07 5.39
C LEU C 90 -11.72 22.76 4.96
N ALA C 91 -12.23 22.22 3.86
CA ALA C 91 -11.81 20.90 3.38
C ALA C 91 -11.06 21.10 2.06
N VAL C 92 -9.99 21.89 2.11
CA VAL C 92 -9.20 22.23 0.94
C VAL C 92 -7.75 21.87 1.24
N LYS C 93 -6.91 21.93 0.20
CA LYS C 93 -5.50 21.54 0.35
C LYS C 93 -4.75 22.60 1.16
N PRO C 94 -3.69 22.20 1.87
CA PRO C 94 -2.97 23.15 2.76
C PRO C 94 -2.63 24.48 2.11
N HIS C 95 -2.20 24.48 0.85
CA HIS C 95 -1.77 25.75 0.26
C HIS C 95 -2.95 26.60 -0.16
N ILE C 96 -4.17 26.06 -0.21
CA ILE C 96 -5.32 26.88 -0.59
C ILE C 96 -5.90 27.65 0.61
N ILE C 97 -5.62 27.18 1.84
CA ILE C 97 -6.21 27.77 3.04
C ILE C 97 -5.99 29.28 3.12
N PRO C 98 -4.77 29.82 2.94
CA PRO C 98 -4.62 31.27 3.06
C PRO C 98 -5.48 32.02 2.07
N PHE C 99 -5.52 31.55 0.82
CA PHE C 99 -6.39 32.16 -0.18
C PHE C 99 -7.85 32.17 0.31
N ILE C 100 -8.29 31.07 0.93
CA ILE C 100 -9.68 30.98 1.40
C ILE C 100 -9.93 32.00 2.51
N LEU C 101 -9.02 32.06 3.49
CA LEU C 101 -9.23 32.93 4.62
C LEU C 101 -9.29 34.38 4.19
N ASP C 102 -8.49 34.77 3.20
CA ASP C 102 -8.58 36.16 2.74
C ASP C 102 -9.88 36.40 1.96
N GLU C 103 -10.38 35.39 1.25
CA GLU C 103 -11.60 35.58 0.47
C GLU C 103 -12.84 35.75 1.36
N ILE C 104 -13.02 34.90 2.37
CA ILE C 104 -14.23 34.98 3.20
C ILE C 104 -13.97 35.55 4.58
N GLY C 105 -12.74 35.96 4.90
CA GLY C 105 -12.44 36.46 6.24
C GLY C 105 -13.37 37.59 6.69
N ALA C 106 -13.79 38.46 5.77
CA ALA C 106 -14.70 39.53 6.12
C ALA C 106 -16.16 39.06 6.24
N ASP C 107 -16.47 37.82 5.85
CA ASP C 107 -17.82 37.31 6.00
C ASP C 107 -18.00 36.52 7.29
N ILE C 108 -16.94 36.36 8.06
CA ILE C 108 -17.05 35.59 9.29
C ILE C 108 -17.83 36.42 10.30
N GLU C 109 -18.74 35.79 11.01
CA GLU C 109 -19.59 36.45 12.00
C GLU C 109 -19.39 35.78 13.34
N ASP C 110 -19.99 36.38 14.37
CA ASP C 110 -19.82 35.86 15.73
C ASP C 110 -20.13 34.38 15.80
N ARG C 111 -21.17 33.95 15.09
CA ARG C 111 -21.67 32.58 15.26
C ARG C 111 -20.74 31.53 14.68
N HIS C 112 -19.79 31.90 13.80
CA HIS C 112 -19.08 30.87 13.05
C HIS C 112 -18.05 30.12 13.89
N ILE C 113 -18.06 28.81 13.80
CA ILE C 113 -16.93 27.97 14.19
C ILE C 113 -16.25 27.49 12.91
N VAL C 114 -14.98 27.87 12.75
CA VAL C 114 -14.22 27.56 11.55
C VAL C 114 -13.40 26.31 11.86
N VAL C 115 -13.69 25.21 11.19
CA VAL C 115 -13.03 23.94 11.49
C VAL C 115 -12.10 23.65 10.32
N SER C 116 -10.79 23.71 10.57
CA SER C 116 -9.85 23.48 9.48
C SER C 116 -9.47 22.01 9.43
N CYS C 117 -9.63 21.41 8.26
CA CYS C 117 -9.24 20.01 8.07
C CYS C 117 -7.91 19.85 7.35
N ALA C 118 -7.28 20.97 6.98
CA ALA C 118 -6.09 20.90 6.12
C ALA C 118 -4.91 20.33 6.90
N ALA C 119 -4.20 19.36 6.30
CA ALA C 119 -2.99 18.82 6.93
C ALA C 119 -2.00 19.93 7.24
N GLY C 120 -1.43 19.90 8.45
CA GLY C 120 -0.27 20.68 8.80
C GLY C 120 -0.52 22.14 9.13
N VAL C 121 -1.64 22.71 8.67
CA VAL C 121 -1.88 24.16 8.85
C VAL C 121 -2.20 24.45 10.32
N THR C 122 -1.47 25.38 10.90
CA THR C 122 -1.64 25.52 12.34
C THR C 122 -2.82 26.44 12.68
N ILE C 123 -3.31 26.25 13.90
CA ILE C 123 -4.34 27.10 14.45
C ILE C 123 -3.84 28.53 14.50
N SER C 124 -2.58 28.67 14.93
CA SER C 124 -1.97 29.99 15.05
C SER C 124 -2.07 30.76 13.74
N SER C 125 -1.78 30.10 12.63
CA SER C 125 -1.76 30.80 11.36
C SER C 125 -3.16 31.13 10.87
N ILE C 126 -4.13 30.23 11.07
CA ILE C 126 -5.50 30.53 10.67
C ILE C 126 -6.01 31.73 11.46
N GLU C 127 -5.79 31.71 12.77
CA GLU C 127 -6.23 32.83 13.60
C GLU C 127 -5.54 34.12 13.20
N LYS C 128 -4.26 34.05 12.84
CA LYS C 128 -3.57 35.26 12.38
C LYS C 128 -4.29 35.84 11.17
N LYS C 129 -4.53 35.00 10.15
CA LYS C 129 -5.14 35.49 8.92
C LYS C 129 -6.55 36.02 9.17
N LEU C 130 -7.36 35.32 9.97
CA LEU C 130 -8.74 35.78 10.17
C LEU C 130 -8.83 37.01 11.07
N SER C 131 -7.93 37.12 12.05
CA SER C 131 -7.96 38.26 12.96
C SER C 131 -7.70 39.58 12.26
N ALA C 132 -7.17 39.58 11.05
CA ALA C 132 -7.09 40.82 10.28
C ALA C 132 -8.46 41.40 9.98
N PHE C 133 -9.50 40.58 9.99
CA PHE C 133 -10.87 40.98 9.67
C PHE C 133 -11.75 41.20 10.88
N ARG C 134 -11.56 40.40 11.92
CA ARG C 134 -12.40 40.51 13.10
C ARG C 134 -11.60 39.84 14.19
N PRO C 135 -11.64 40.32 15.42
CA PRO C 135 -10.91 39.67 16.49
C PRO C 135 -11.65 38.43 16.97
N ALA C 136 -10.88 37.57 17.58
CA ALA C 136 -11.36 36.34 18.19
C ALA C 136 -12.16 35.42 17.26
N PRO C 137 -11.67 35.06 16.09
CA PRO C 137 -12.36 34.01 15.33
C PRO C 137 -12.30 32.70 16.10
N ARG C 138 -13.35 31.89 15.98
CA ARG C 138 -13.46 30.63 16.71
C ARG C 138 -12.95 29.54 15.79
N VAL C 139 -11.81 28.93 16.14
CA VAL C 139 -11.11 28.03 15.21
C VAL C 139 -10.88 26.70 15.90
N ILE C 140 -11.11 25.63 15.17
CA ILE C 140 -10.78 24.28 15.58
C ILE C 140 -9.99 23.66 14.45
N ARG C 141 -8.92 22.94 14.81
CA ARG C 141 -8.16 22.18 13.86
C ARG C 141 -8.52 20.71 14.06
N CYS C 142 -8.69 20.01 12.97
CA CYS C 142 -9.07 18.61 13.05
C CYS C 142 -8.27 17.82 12.03
N MET C 143 -8.05 16.52 12.29
CA MET C 143 -7.42 15.64 11.32
C MET C 143 -8.33 14.42 11.32
N THR C 144 -8.99 14.16 10.20
CA THR C 144 -9.88 12.99 10.14
C THR C 144 -9.45 12.15 8.94
N ASN C 145 -10.24 11.14 8.55
CA ASN C 145 -9.85 10.33 7.39
C ASN C 145 -11.12 9.89 6.66
N THR C 146 -10.94 9.26 5.52
CA THR C 146 -12.09 9.03 4.65
CA THR C 146 -12.14 9.10 4.70
C THR C 146 -13.08 8.00 5.19
N PRO C 147 -12.64 7.03 6.02
CA PRO C 147 -13.62 6.03 6.52
C PRO C 147 -14.78 6.61 7.37
N VAL C 148 -14.79 7.92 7.64
CA VAL C 148 -16.02 8.55 8.15
C VAL C 148 -17.16 8.29 7.19
N VAL C 149 -16.86 8.00 5.92
CA VAL C 149 -17.96 7.72 4.98
C VAL C 149 -18.73 6.43 5.35
N VAL C 150 -18.11 5.50 6.09
CA VAL C 150 -18.78 4.32 6.63
C VAL C 150 -18.90 4.40 8.15
N ARG C 151 -18.83 5.64 8.66
CA ARG C 151 -18.93 5.93 10.08
C ARG C 151 -17.89 5.20 10.91
N GLU C 152 -16.71 4.97 10.34
CA GLU C 152 -15.62 4.37 11.10
C GLU C 152 -14.35 5.20 10.96
N GLY C 153 -14.52 6.53 10.94
CA GLY C 153 -13.37 7.41 10.86
C GLY C 153 -12.57 7.40 12.16
N ALA C 154 -11.40 8.04 12.06
CA ALA C 154 -10.53 8.34 13.19
C ALA C 154 -10.28 9.83 13.13
N THR C 155 -10.76 10.55 14.16
CA THR C 155 -10.67 12.01 14.13
C THR C 155 -10.00 12.49 15.40
N VAL C 156 -9.06 13.45 15.26
CA VAL C 156 -8.64 14.21 16.44
C VAL C 156 -8.90 15.68 16.16
N TYR C 157 -9.05 16.45 17.23
CA TYR C 157 -9.18 17.88 17.04
C TYR C 157 -8.48 18.63 18.16
N ALA C 158 -8.21 19.91 17.90
CA ALA C 158 -7.65 20.78 18.91
C ALA C 158 -8.41 22.09 18.83
N THR C 159 -8.68 22.74 19.98
CA THR C 159 -9.47 23.96 20.00
C THR C 159 -8.56 25.17 19.99
N GLY C 160 -8.99 26.22 19.29
CA GLY C 160 -8.17 27.42 19.16
C GLY C 160 -8.32 28.34 20.33
N THR C 161 -7.68 29.51 20.20
CA THR C 161 -7.53 30.41 21.33
C THR C 161 -8.88 30.93 21.80
N HIS C 162 -9.77 31.23 20.86
CA HIS C 162 -11.04 31.85 21.15
C HIS C 162 -12.20 30.88 21.05
N ALA C 163 -11.93 29.59 20.81
CA ALA C 163 -13.00 28.60 20.85
C ALA C 163 -13.66 28.59 22.22
N GLN C 164 -14.98 28.55 22.25
CA GLN C 164 -15.71 28.42 23.50
C GLN C 164 -15.73 26.95 23.93
N VAL C 165 -15.96 26.74 25.23
CA VAL C 165 -15.89 25.38 25.77
C VAL C 165 -16.97 24.51 25.14
N GLU C 166 -18.13 25.09 24.85
CA GLU C 166 -19.14 24.32 24.13
C GLU C 166 -18.68 23.95 22.72
N ASP C 167 -17.78 24.74 22.09
CA ASP C 167 -17.41 24.51 20.68
C ASP C 167 -16.70 23.15 20.52
N GLY C 168 -15.73 22.88 21.40
CA GLY C 168 -15.04 21.59 21.33
C GLY C 168 -15.96 20.43 21.64
N ARG C 169 -16.87 20.61 22.59
CA ARG C 169 -17.83 19.55 22.91
C ARG C 169 -18.78 19.30 21.74
N LEU C 170 -19.28 20.38 21.13
CA LEU C 170 -20.11 20.22 19.94
C LEU C 170 -19.36 19.50 18.83
N MET C 171 -18.12 19.94 18.53
CA MET C 171 -17.38 19.27 17.47
CA MET C 171 -17.29 19.29 17.51
C MET C 171 -17.10 17.81 17.82
N GLU C 172 -16.83 17.49 19.08
CA GLU C 172 -16.63 16.09 19.42
C GLU C 172 -17.91 15.26 19.28
N GLN C 173 -19.06 15.80 19.71
CA GLN C 173 -20.31 15.08 19.53
C GLN C 173 -20.62 14.87 18.06
N LEU C 174 -20.38 15.89 17.22
CA LEU C 174 -20.62 15.72 15.78
C LEU C 174 -19.65 14.69 15.18
N LEU C 175 -18.36 14.85 15.42
CA LEU C 175 -17.43 13.93 14.74
C LEU C 175 -17.45 12.53 15.34
N SER C 176 -17.91 12.37 16.60
CA SER C 176 -18.06 11.02 17.15
C SER C 176 -19.16 10.24 16.47
N SER C 177 -20.07 10.92 15.77
CA SER C 177 -21.16 10.20 15.12
C SER C 177 -20.68 9.42 13.91
N VAL C 178 -19.48 9.70 13.40
CA VAL C 178 -18.92 9.09 12.21
C VAL C 178 -17.61 8.34 12.51
N GLY C 179 -17.32 8.07 13.78
CA GLY C 179 -16.13 7.30 14.10
C GLY C 179 -15.56 7.67 15.45
N PHE C 180 -14.30 7.31 15.64
CA PHE C 180 -13.62 7.66 16.87
C PHE C 180 -13.30 9.14 16.82
N CYS C 181 -13.44 9.83 17.97
CA CYS C 181 -13.00 11.22 17.95
C CYS C 181 -12.54 11.64 19.35
N THR C 182 -11.43 12.36 19.43
CA THR C 182 -10.96 12.77 20.74
C THR C 182 -10.16 14.05 20.57
N GLU C 183 -10.15 14.87 21.61
CA GLU C 183 -9.34 16.08 21.64
C GLU C 183 -7.87 15.75 21.90
N VAL C 184 -6.97 16.41 21.17
CA VAL C 184 -5.53 16.28 21.39
C VAL C 184 -4.93 17.68 21.49
N GLU C 185 -3.79 17.77 22.17
CA GLU C 185 -2.93 18.94 22.02
C GLU C 185 -2.60 19.12 20.54
N GLU C 186 -2.52 20.37 20.09
CA GLU C 186 -2.29 20.59 18.66
C GLU C 186 -0.96 20.02 18.20
N ASP C 187 0.07 19.98 19.07
CA ASP C 187 1.36 19.53 18.53
C ASP C 187 1.41 18.02 18.31
N LEU C 188 0.34 17.29 18.62
CA LEU C 188 0.26 15.86 18.24
C LEU C 188 -0.32 15.64 16.84
N ILE C 189 -0.91 16.66 16.21
CA ILE C 189 -1.78 16.36 15.08
C ILE C 189 -0.98 15.91 13.86
N ASP C 190 0.23 16.47 13.67
CA ASP C 190 1.05 16.01 12.57
C ASP C 190 1.39 14.50 12.69
N ALA C 191 1.73 14.02 13.89
CA ALA C 191 1.92 12.58 14.09
C ALA C 191 0.64 11.78 13.86
N VAL C 192 -0.51 12.29 14.32
CA VAL C 192 -1.79 11.58 14.02
C VAL C 192 -1.99 11.49 12.51
N THR C 193 -1.63 12.56 11.79
CA THR C 193 -1.72 12.52 10.33
C THR C 193 -0.91 11.36 9.78
N GLY C 194 0.29 11.12 10.33
CA GLY C 194 1.11 10.04 9.75
C GLY C 194 0.61 8.67 10.09
N LEU C 195 -0.22 8.55 11.15
CA LEU C 195 -0.75 7.29 11.61
C LEU C 195 -2.15 7.05 11.07
N SER C 196 -3.15 7.78 11.58
CA SER C 196 -4.52 7.51 11.14
C SER C 196 -4.95 8.33 9.92
N GLY C 197 -4.32 9.48 9.63
CA GLY C 197 -4.68 10.20 8.42
C GLY C 197 -4.24 9.47 7.16
N SER C 198 -2.99 9.01 7.14
CA SER C 198 -2.44 8.23 6.03
C SER C 198 -2.72 6.74 6.17
N GLY C 199 -3.13 6.31 7.35
CA GLY C 199 -3.31 4.89 7.64
C GLY C 199 -4.17 4.12 6.67
N PRO C 200 -5.33 4.65 6.30
CA PRO C 200 -6.17 3.86 5.38
C PRO C 200 -5.45 3.55 4.08
N ALA C 201 -4.69 4.50 3.54
CA ALA C 201 -3.90 4.24 2.32
C ALA C 201 -2.92 3.06 2.52
N TYR C 202 -2.23 3.04 3.67
CA TYR C 202 -1.37 1.90 3.95
C TYR C 202 -2.16 0.61 3.86
N ALA C 203 -3.34 0.60 4.49
CA ALA C 203 -4.19 -0.59 4.47
C ALA C 203 -4.67 -0.95 3.07
N PHE C 204 -5.11 0.04 2.27
CA PHE C 204 -5.49 -0.29 0.89
C PHE C 204 -4.33 -0.93 0.13
N THR C 205 -3.10 -0.42 0.31
CA THR C 205 -1.92 -1.02 -0.32
C THR C 205 -1.71 -2.45 0.16
N ALA C 206 -1.79 -2.64 1.49
CA ALA C 206 -1.64 -3.98 2.07
C ALA C 206 -2.69 -4.94 1.55
N LEU C 207 -3.95 -4.48 1.46
CA LEU C 207 -5.04 -5.34 0.99
C LEU C 207 -4.85 -5.74 -0.47
N ASP C 208 -4.39 -4.80 -1.31
CA ASP C 208 -4.08 -5.15 -2.69
C ASP C 208 -2.99 -6.25 -2.76
N ALA C 209 -1.93 -6.08 -1.97
CA ALA C 209 -0.82 -7.06 -1.93
C ALA C 209 -1.25 -8.39 -1.33
N LEU C 210 -2.03 -8.36 -0.23
CA LEU C 210 -2.52 -9.62 0.29
C LEU C 210 -3.37 -10.36 -0.74
N ALA C 211 -4.16 -9.60 -1.51
CA ALA C 211 -4.99 -10.26 -2.52
C ALA C 211 -4.11 -10.87 -3.62
N ASP C 212 -3.07 -10.11 -4.04
CA ASP C 212 -2.10 -10.68 -4.98
C ASP C 212 -1.51 -11.98 -4.43
N GLY C 213 -1.18 -11.99 -3.14
CA GLY C 213 -0.78 -13.25 -2.49
C GLY C 213 -1.81 -14.36 -2.63
N GLY C 214 -3.09 -14.08 -2.29
CA GLY C 214 -4.09 -15.11 -2.42
C GLY C 214 -4.23 -15.60 -3.84
N VAL C 215 -4.18 -14.68 -4.81
CA VAL C 215 -4.29 -15.06 -6.22
C VAL C 215 -3.06 -15.89 -6.63
N LYS C 216 -1.87 -15.54 -6.14
CA LYS C 216 -0.68 -16.36 -6.47
C LYS C 216 -0.89 -17.79 -6.04
N MET C 217 -1.49 -17.99 -4.88
CA MET C 217 -1.71 -19.33 -4.33
C MET C 217 -2.99 -19.99 -4.83
N GLY C 218 -3.69 -19.38 -5.80
CA GLY C 218 -4.78 -20.04 -6.50
C GLY C 218 -6.19 -19.55 -6.19
N LEU C 219 -6.35 -18.44 -5.40
CA LEU C 219 -7.67 -17.90 -5.11
C LEU C 219 -8.13 -16.98 -6.23
N PRO C 220 -9.41 -16.97 -6.56
CA PRO C 220 -9.97 -15.95 -7.45
C PRO C 220 -9.84 -14.58 -6.80
N ARG C 221 -9.63 -13.58 -7.64
CA ARG C 221 -9.32 -12.24 -7.11
C ARG C 221 -10.44 -11.74 -6.18
N ARG C 222 -11.70 -11.84 -6.63
CA ARG C 222 -12.79 -11.30 -5.82
C ARG C 222 -12.82 -11.91 -4.41
N LEU C 223 -12.65 -13.23 -4.31
CA LEU C 223 -12.59 -13.88 -3.01
C LEU C 223 -11.38 -13.44 -2.22
N ALA C 224 -10.20 -13.33 -2.87
CA ALA C 224 -9.01 -12.93 -2.15
C ALA C 224 -9.15 -11.52 -1.56
N VAL C 225 -9.76 -10.60 -2.31
CA VAL C 225 -9.95 -9.23 -1.79
C VAL C 225 -10.91 -9.25 -0.58
N ARG C 226 -12.03 -9.97 -0.70
CA ARG C 226 -13.03 -10.07 0.37
C ARG C 226 -12.40 -10.65 1.63
N LEU C 227 -11.66 -11.75 1.47
CA LEU C 227 -11.06 -12.44 2.62
C LEU C 227 -10.00 -11.58 3.31
N GLY C 228 -9.11 -10.92 2.53
CA GLY C 228 -8.09 -10.08 3.10
C GLY C 228 -8.73 -8.93 3.87
N ALA C 229 -9.76 -8.29 3.30
CA ALA C 229 -10.40 -7.15 3.99
C ALA C 229 -11.15 -7.62 5.22
N GLN C 230 -11.75 -8.80 5.15
CA GLN C 230 -12.47 -9.28 6.34
C GLN C 230 -11.47 -9.60 7.44
N ALA C 231 -10.33 -10.18 7.06
CA ALA C 231 -9.28 -10.50 8.02
C ALA C 231 -8.83 -9.22 8.74
N LEU C 232 -8.53 -8.21 7.97
CA LEU C 232 -8.03 -6.96 8.60
C LEU C 232 -9.10 -6.35 9.49
N LEU C 233 -10.33 -6.30 8.99
CA LEU C 233 -11.43 -5.77 9.80
C LEU C 233 -11.58 -6.53 11.11
N GLY C 234 -11.60 -7.86 11.03
CA GLY C 234 -11.79 -8.64 12.25
C GLY C 234 -10.64 -8.46 13.23
N ALA C 235 -9.41 -8.43 12.70
CA ALA C 235 -8.23 -8.27 13.58
C ALA C 235 -8.28 -6.92 14.27
N ALA C 236 -8.66 -5.91 13.52
CA ALA C 236 -8.70 -4.56 14.13
C ALA C 236 -9.76 -4.48 15.20
N LYS C 237 -10.93 -5.08 14.94
CA LYS C 237 -11.96 -5.09 15.96
C LYS C 237 -11.55 -5.90 17.18
N MET C 238 -10.95 -7.08 16.96
CA MET C 238 -10.46 -7.89 18.07
C MET C 238 -9.58 -7.08 19.01
N LEU C 239 -8.59 -6.39 18.44
CA LEU C 239 -7.70 -5.54 19.23
C LEU C 239 -8.45 -4.38 19.91
N LEU C 240 -9.37 -3.72 19.21
CA LEU C 240 -10.13 -2.66 19.86
C LEU C 240 -10.94 -3.19 21.02
N HIS C 241 -11.48 -4.40 20.89
CA HIS C 241 -12.30 -4.96 21.96
C HIS C 241 -11.50 -5.73 23.00
N SER C 242 -10.21 -5.92 22.78
CA SER C 242 -9.38 -6.70 23.68
C SER C 242 -8.76 -5.77 24.70
N GLU C 243 -8.39 -6.32 25.85
CA GLU C 243 -7.53 -5.58 26.76
C GLU C 243 -6.06 -5.94 26.57
N GLN C 244 -5.73 -6.71 25.53
CA GLN C 244 -4.42 -7.33 25.40
C GLN C 244 -3.52 -6.58 24.43
N HIS C 245 -2.23 -6.78 24.62
CA HIS C 245 -1.25 -6.18 23.72
C HIS C 245 -1.35 -6.84 22.34
N PRO C 246 -1.17 -6.09 21.24
CA PRO C 246 -1.23 -6.74 19.92
C PRO C 246 -0.25 -7.89 19.77
N GLY C 247 0.89 -7.83 20.49
CA GLY C 247 1.83 -8.95 20.50
C GLY C 247 1.25 -10.17 21.19
N GLN C 248 0.45 -9.98 22.25
CA GLN C 248 -0.22 -11.08 22.90
C GLN C 248 -1.25 -11.72 21.96
N LEU C 249 -1.99 -10.91 21.21
CA LEU C 249 -2.93 -11.52 20.27
C LEU C 249 -2.18 -12.28 19.19
N LYS C 250 -1.07 -11.73 18.72
CA LYS C 250 -0.20 -12.45 17.80
C LYS C 250 0.18 -13.81 18.38
N ASP C 251 0.61 -13.82 19.64
CA ASP C 251 1.05 -15.06 20.26
C ASP C 251 -0.09 -16.06 20.36
N ASN C 252 -1.28 -15.54 20.73
CA ASN C 252 -2.45 -16.40 20.90
C ASN C 252 -2.80 -17.12 19.62
N VAL C 253 -2.67 -16.46 18.46
CA VAL C 253 -3.16 -17.08 17.23
C VAL C 253 -2.07 -17.86 16.50
N SER C 254 -0.82 -17.85 17.00
CA SER C 254 0.30 -18.57 16.36
C SER C 254 0.57 -19.91 17.01
N SER C 255 0.33 -21.00 16.29
CA SER C 255 0.60 -22.28 16.95
C SER C 255 2.00 -22.81 16.65
N PRO C 256 2.56 -23.61 17.56
CA PRO C 256 3.96 -24.04 17.40
C PRO C 256 4.16 -24.81 16.10
N GLY C 257 5.20 -24.44 15.35
CA GLY C 257 5.50 -25.03 14.06
C GLY C 257 4.56 -24.71 12.94
N GLY C 258 3.55 -23.87 13.17
CA GLY C 258 2.42 -23.74 12.28
C GLY C 258 2.61 -22.77 11.14
N ALA C 259 1.56 -22.68 10.32
CA ALA C 259 1.65 -21.85 9.13
C ALA C 259 1.85 -20.39 9.49
N THR C 260 1.18 -19.93 10.54
CA THR C 260 1.20 -18.49 10.82
C THR C 260 2.59 -18.05 11.27
N ILE C 261 3.23 -18.80 12.18
CA ILE C 261 4.58 -18.39 12.63
C ILE C 261 5.58 -18.48 11.49
N HIS C 262 5.37 -19.41 10.54
CA HIS C 262 6.24 -19.42 9.37
C HIS C 262 6.09 -18.11 8.57
N ALA C 263 4.85 -17.67 8.35
CA ALA C 263 4.64 -16.47 7.55
C ALA C 263 5.12 -15.24 8.32
N LEU C 264 4.94 -15.22 9.64
CA LEU C 264 5.45 -14.05 10.41
C LEU C 264 6.97 -13.94 10.29
N HIS C 265 7.67 -15.07 10.27
CA HIS C 265 9.12 -15.03 10.04
C HIS C 265 9.46 -14.36 8.72
N VAL C 266 8.74 -14.67 7.64
CA VAL C 266 9.14 -14.02 6.39
C VAL C 266 8.80 -12.54 6.41
N LEU C 267 7.73 -12.12 7.11
CA LEU C 267 7.54 -10.68 7.29
C LEU C 267 8.70 -10.06 8.02
N GLU C 268 9.11 -10.68 9.14
CA GLU C 268 10.23 -10.16 9.91
C GLU C 268 11.48 -10.09 9.06
N SER C 269 11.73 -11.09 8.23
CA SER C 269 12.98 -11.08 7.46
C SER C 269 13.05 -9.92 6.47
N GLY C 270 11.91 -9.42 6.00
CA GLY C 270 11.93 -8.19 5.19
C GLY C 270 11.80 -6.91 5.97
N GLY C 271 11.77 -6.95 7.29
CA GLY C 271 11.68 -5.66 8.03
C GLY C 271 10.32 -5.01 7.93
N PHE C 272 9.28 -5.81 7.71
CA PHE C 272 7.89 -5.37 7.68
C PHE C 272 7.61 -4.31 8.75
N ARG C 273 7.96 -4.59 10.02
CA ARG C 273 7.64 -3.64 11.06
C ARG C 273 8.32 -2.30 10.79
N SER C 274 9.59 -2.34 10.38
CA SER C 274 10.32 -1.07 10.14
C SER C 274 9.68 -0.28 8.98
N LEU C 275 9.14 -0.94 7.99
CA LEU C 275 8.53 -0.20 6.90
C LEU C 275 7.33 0.63 7.37
N LEU C 276 6.47 0.05 8.20
CA LEU C 276 5.33 0.78 8.74
C LEU C 276 5.78 1.92 9.65
N ILE C 277 6.81 1.70 10.46
CA ILE C 277 7.36 2.83 11.23
C ILE C 277 7.86 3.92 10.27
N ASN C 278 8.61 3.49 9.22
CA ASN C 278 9.12 4.48 8.25
C ASN C 278 7.97 5.28 7.65
N ALA C 279 6.86 4.60 7.35
CA ALA C 279 5.74 5.27 6.69
C ALA C 279 5.14 6.33 7.61
N VAL C 280 4.79 5.96 8.87
CA VAL C 280 4.23 6.94 9.81
C VAL C 280 5.16 8.14 9.94
N GLU C 281 6.46 7.85 10.08
CA GLU C 281 7.44 8.93 10.20
C GLU C 281 7.45 9.81 8.95
N ALA C 282 7.43 9.19 7.77
CA ALA C 282 7.58 9.99 6.55
C ALA C 282 6.35 10.87 6.34
N SER C 283 5.16 10.31 6.57
CA SER C 283 3.93 11.10 6.47
C SER C 283 3.96 12.27 7.48
N CYS C 284 4.34 12.02 8.73
CA CYS C 284 4.42 13.08 9.74
C CYS C 284 5.39 14.17 9.31
N ILE C 285 6.59 13.77 8.87
CA ILE C 285 7.61 14.75 8.47
C ILE C 285 7.13 15.57 7.28
N ARG C 286 6.48 14.94 6.30
CA ARG C 286 5.98 15.73 5.16
C ARG C 286 4.88 16.69 5.60
N THR C 287 4.04 16.25 6.52
CA THR C 287 3.03 17.15 7.11
C THR C 287 3.66 18.34 7.76
N ARG C 288 4.77 18.14 8.49
CA ARG C 288 5.45 19.27 9.10
C ARG C 288 6.01 20.21 8.06
N GLU C 289 6.48 19.67 6.94
CA GLU C 289 6.94 20.51 5.84
C GLU C 289 5.80 21.31 5.24
N LEU C 290 4.61 20.71 5.14
CA LEU C 290 3.49 21.47 4.61
C LEU C 290 3.17 22.65 5.53
N GLN C 291 3.26 22.47 6.85
CA GLN C 291 3.08 23.59 7.77
C GLN C 291 4.01 24.71 7.34
N SER C 292 5.31 24.51 7.49
CA SER C 292 6.33 25.46 7.04
C SER C 292 6.09 25.89 5.59
N SER D 22 -32.74 -26.50 18.77
CA SER D 22 -32.67 -27.97 18.91
C SER D 22 -31.24 -28.53 18.63
N MET D 23 -30.42 -27.78 17.90
CA MET D 23 -29.12 -28.31 17.55
C MET D 23 -28.16 -28.20 18.73
N SER D 24 -27.31 -29.22 18.92
CA SER D 24 -26.27 -29.18 19.94
C SER D 24 -24.91 -29.22 19.26
N VAL D 25 -23.94 -28.50 19.83
CA VAL D 25 -22.60 -28.36 19.25
C VAL D 25 -21.55 -28.97 20.18
N GLY D 26 -20.60 -29.67 19.59
CA GLY D 26 -19.48 -30.21 20.34
C GLY D 26 -18.16 -29.73 19.77
N PHE D 27 -17.18 -29.55 20.66
CA PHE D 27 -15.81 -29.27 20.24
C PHE D 27 -14.88 -30.36 20.77
N ILE D 28 -14.17 -31.00 19.88
CA ILE D 28 -13.03 -31.79 20.27
C ILE D 28 -11.82 -30.89 20.11
N GLY D 29 -11.13 -30.61 21.20
CA GLY D 29 -10.16 -29.54 21.23
C GLY D 29 -10.84 -28.42 21.97
N ALA D 30 -10.14 -27.77 22.90
CA ALA D 30 -10.68 -26.67 23.67
C ALA D 30 -9.67 -25.54 23.74
N GLY D 31 -9.08 -25.22 22.59
CA GLY D 31 -8.10 -24.16 22.47
C GLY D 31 -8.70 -22.85 22.06
N GLN D 32 -7.84 -21.95 21.52
CA GLN D 32 -8.25 -20.60 21.12
C GLN D 32 -9.42 -20.63 20.14
N LEU D 33 -9.39 -21.53 19.15
CA LEU D 33 -10.45 -21.60 18.16
C LEU D 33 -11.79 -22.00 18.79
N ALA D 34 -11.80 -22.99 19.65
CA ALA D 34 -13.08 -23.41 20.22
C ALA D 34 -13.63 -22.33 21.14
N PHE D 35 -12.74 -21.68 21.90
CA PHE D 35 -13.21 -20.54 22.69
C PHE D 35 -13.80 -19.48 21.78
N ALA D 36 -13.07 -19.10 20.73
CA ALA D 36 -13.50 -18.01 19.89
C ALA D 36 -14.85 -18.31 19.27
N LEU D 37 -15.00 -19.53 18.71
CA LEU D 37 -16.27 -19.95 18.13
C LEU D 37 -17.37 -20.03 19.19
N ALA D 38 -17.10 -20.63 20.36
CA ALA D 38 -18.15 -20.65 21.39
C ALA D 38 -18.51 -19.23 21.82
N LYS D 39 -17.52 -18.36 21.98
CA LYS D 39 -17.88 -17.00 22.35
C LYS D 39 -18.72 -16.34 21.25
N GLY D 40 -18.31 -16.47 19.99
CA GLY D 40 -19.09 -15.84 18.92
C GLY D 40 -20.50 -16.40 18.79
N PHE D 41 -20.65 -17.74 18.85
CA PHE D 41 -21.97 -18.35 18.70
C PHE D 41 -22.90 -17.88 19.81
N THR D 42 -22.40 -17.84 21.05
CA THR D 42 -23.27 -17.43 22.13
C THR D 42 -23.60 -15.95 22.01
N ALA D 43 -22.61 -15.13 21.65
CA ALA D 43 -22.83 -13.70 21.47
C ALA D 43 -23.87 -13.44 20.38
N ALA D 44 -23.78 -14.16 19.26
CA ALA D 44 -24.81 -14.09 18.23
C ALA D 44 -26.15 -14.61 18.69
N GLY D 45 -26.19 -15.32 19.82
CA GLY D 45 -27.45 -15.88 20.24
C GLY D 45 -27.89 -17.06 19.42
N VAL D 46 -26.98 -17.72 18.69
CA VAL D 46 -27.45 -18.85 17.91
C VAL D 46 -27.69 -20.05 18.80
N LEU D 47 -26.98 -20.16 19.92
CA LEU D 47 -27.39 -21.15 20.91
C LEU D 47 -26.77 -20.82 22.25
N ALA D 48 -27.30 -21.46 23.26
CA ALA D 48 -26.88 -21.20 24.63
C ALA D 48 -25.58 -21.91 24.91
N ALA D 49 -24.78 -21.27 25.76
CA ALA D 49 -23.50 -21.83 26.21
C ALA D 49 -23.62 -23.30 26.63
N HIS D 50 -24.67 -23.64 27.40
CA HIS D 50 -24.80 -24.99 27.92
C HIS D 50 -25.20 -26.01 26.87
N LYS D 51 -25.59 -25.59 25.65
CA LYS D 51 -25.79 -26.54 24.55
C LYS D 51 -24.49 -26.81 23.79
N ILE D 52 -23.37 -26.29 24.29
CA ILE D 52 -22.04 -26.54 23.75
C ILE D 52 -21.27 -27.43 24.72
N MET D 53 -20.58 -28.42 24.20
CA MET D 53 -19.70 -29.25 25.02
C MET D 53 -18.33 -29.28 24.37
N ALA D 54 -17.28 -29.18 25.20
CA ALA D 54 -15.90 -29.19 24.75
C ALA D 54 -15.11 -30.22 25.55
N SER D 55 -14.25 -30.97 24.84
CA SER D 55 -13.33 -31.92 25.44
C SER D 55 -11.90 -31.53 25.09
N SER D 56 -10.98 -31.68 26.05
CA SER D 56 -9.57 -31.40 25.81
C SER D 56 -8.72 -32.37 26.62
N PRO D 57 -7.61 -32.86 26.05
CA PRO D 57 -6.66 -33.63 26.87
C PRO D 57 -6.09 -32.84 28.03
N ASP D 58 -5.98 -31.52 27.89
CA ASP D 58 -5.46 -30.65 28.94
C ASP D 58 -6.61 -29.80 29.48
N MET D 59 -7.13 -30.17 30.65
CA MET D 59 -8.20 -29.44 31.32
C MET D 59 -7.68 -28.26 32.14
N ASP D 60 -6.41 -27.89 31.97
CA ASP D 60 -5.81 -26.80 32.71
C ASP D 60 -5.47 -25.60 31.83
N LEU D 61 -5.75 -25.67 30.52
CA LEU D 61 -5.53 -24.54 29.64
C LEU D 61 -6.41 -23.36 30.07
N ALA D 62 -5.95 -22.14 29.76
CA ALA D 62 -6.72 -20.95 30.12
C ALA D 62 -8.00 -20.85 29.30
N THR D 63 -7.93 -21.28 28.04
CA THR D 63 -9.12 -21.38 27.20
C THR D 63 -10.16 -22.31 27.80
N VAL D 64 -9.73 -23.41 28.44
CA VAL D 64 -10.71 -24.27 29.09
C VAL D 64 -11.35 -23.56 30.28
N SER D 65 -10.56 -22.79 31.04
CA SER D 65 -11.15 -22.08 32.19
C SER D 65 -12.10 -21.00 31.71
N ALA D 66 -11.77 -20.34 30.59
CA ALA D 66 -12.66 -19.35 30.01
C ALA D 66 -13.96 -19.97 29.50
N LEU D 67 -13.88 -21.13 28.84
CA LEU D 67 -15.08 -21.87 28.46
C LEU D 67 -15.96 -22.18 29.67
N ARG D 68 -15.33 -22.60 30.78
CA ARG D 68 -16.07 -22.84 32.02
C ARG D 68 -16.85 -21.59 32.43
N LYS D 69 -16.17 -20.44 32.47
CA LYS D 69 -16.84 -19.20 32.87
C LYS D 69 -18.06 -18.92 32.01
N MET D 70 -17.90 -19.00 30.69
CA MET D 70 -19.00 -18.80 29.74
C MET D 70 -20.21 -19.68 30.00
N GLY D 71 -20.05 -20.82 30.65
CA GLY D 71 -21.13 -21.75 30.81
C GLY D 71 -21.12 -22.92 29.84
N VAL D 72 -20.02 -23.15 29.13
CA VAL D 72 -19.90 -24.31 28.23
C VAL D 72 -19.64 -25.56 29.06
N LYS D 73 -20.22 -26.69 28.66
CA LYS D 73 -19.93 -27.95 29.34
C LYS D 73 -18.56 -28.49 28.91
N LEU D 74 -17.82 -29.00 29.90
CA LEU D 74 -16.49 -29.51 29.68
C LEU D 74 -16.44 -30.98 30.11
N THR D 75 -15.62 -31.76 29.44
CA THR D 75 -15.40 -33.16 29.80
C THR D 75 -14.03 -33.58 29.32
N PRO D 76 -13.39 -34.55 29.98
CA PRO D 76 -12.16 -35.16 29.44
C PRO D 76 -12.42 -36.20 28.37
N HIS D 77 -13.65 -36.61 28.18
CA HIS D 77 -13.95 -37.79 27.40
C HIS D 77 -14.51 -37.36 26.06
N ASN D 78 -13.78 -37.65 25.00
CA ASN D 78 -14.20 -37.26 23.67
C ASN D 78 -15.51 -37.94 23.28
N LYS D 79 -15.74 -39.13 23.81
CA LYS D 79 -16.97 -39.85 23.50
C LYS D 79 -18.17 -39.08 24.04
N GLU D 80 -18.02 -38.46 25.20
CA GLU D 80 -19.08 -37.63 25.77
C GLU D 80 -19.43 -36.46 24.84
N THR D 81 -18.41 -35.81 24.30
CA THR D 81 -18.63 -34.73 23.33
C THR D 81 -19.35 -35.24 22.08
N VAL D 82 -18.93 -36.38 21.55
CA VAL D 82 -19.57 -36.92 20.35
C VAL D 82 -21.05 -37.21 20.62
N GLN D 83 -21.36 -37.86 21.74
CA GLN D 83 -22.75 -38.21 22.00
C GLN D 83 -23.61 -37.00 22.37
N HIS D 84 -22.99 -35.96 22.91
CA HIS D 84 -23.70 -34.72 23.17
C HIS D 84 -24.04 -34.01 21.87
N SER D 85 -23.14 -34.05 20.90
CA SER D 85 -23.17 -33.09 19.81
C SER D 85 -24.03 -33.60 18.65
N ASP D 86 -24.51 -32.63 17.87
CA ASP D 86 -25.04 -32.89 16.54
C ASP D 86 -24.08 -32.41 15.48
N VAL D 87 -23.66 -31.16 15.59
CA VAL D 87 -22.55 -30.64 14.81
C VAL D 87 -21.29 -30.78 15.66
N LEU D 88 -20.31 -31.49 15.15
CA LEU D 88 -19.12 -31.82 15.91
C LEU D 88 -17.94 -31.17 15.22
N PHE D 89 -17.36 -30.14 15.86
CA PHE D 89 -16.16 -29.50 15.33
C PHE D 89 -14.91 -30.21 15.82
N LEU D 90 -13.98 -30.47 14.90
CA LEU D 90 -12.66 -31.00 15.25
C LEU D 90 -11.71 -29.80 15.24
N ALA D 91 -11.34 -29.33 16.42
CA ALA D 91 -10.50 -28.15 16.50
C ALA D 91 -9.23 -28.55 17.22
N VAL D 92 -8.59 -29.57 16.71
CA VAL D 92 -7.33 -30.07 17.22
C VAL D 92 -6.26 -29.82 16.18
N LYS D 93 -5.01 -30.13 16.54
CA LYS D 93 -3.88 -29.92 15.63
C LYS D 93 -3.92 -30.96 14.51
N PRO D 94 -3.48 -30.58 13.30
CA PRO D 94 -3.58 -31.49 12.15
C PRO D 94 -3.09 -32.87 12.44
N HIS D 95 -2.00 -33.01 13.21
CA HIS D 95 -1.46 -34.34 13.44
C HIS D 95 -2.22 -35.11 14.50
N ILE D 96 -3.14 -34.45 15.21
CA ILE D 96 -3.99 -35.17 16.15
C ILE D 96 -5.23 -35.76 15.46
N ILE D 97 -5.67 -35.17 14.34
CA ILE D 97 -6.91 -35.60 13.68
C ILE D 97 -6.98 -37.12 13.50
N PRO D 98 -5.97 -37.80 12.93
CA PRO D 98 -6.15 -39.26 12.73
C PRO D 98 -6.33 -40.01 14.02
N PHE D 99 -5.72 -39.54 15.11
CA PHE D 99 -5.90 -40.23 16.38
C PHE D 99 -7.30 -39.98 16.94
N ILE D 100 -7.83 -38.78 16.75
CA ILE D 100 -9.20 -38.51 17.18
C ILE D 100 -10.20 -39.35 16.39
N LEU D 101 -10.00 -39.43 15.07
CA LEU D 101 -10.93 -40.18 14.23
C LEU D 101 -10.91 -41.65 14.60
N ASP D 102 -9.72 -42.17 14.93
CA ASP D 102 -9.70 -43.55 15.40
C ASP D 102 -10.39 -43.68 16.75
N GLU D 103 -10.27 -42.65 17.62
CA GLU D 103 -10.84 -42.77 18.96
C GLU D 103 -12.37 -42.77 18.93
N ILE D 104 -12.99 -41.86 18.17
CA ILE D 104 -14.44 -41.78 18.26
C ILE D 104 -15.14 -42.16 16.96
N GLY D 105 -14.41 -42.75 15.99
CA GLY D 105 -15.05 -43.20 14.78
C GLY D 105 -16.25 -44.13 15.00
N ALA D 106 -16.12 -45.07 15.95
CA ALA D 106 -17.23 -45.96 16.26
C ALA D 106 -18.41 -45.26 16.91
N ASP D 107 -18.28 -44.00 17.36
CA ASP D 107 -19.39 -43.35 18.05
C ASP D 107 -20.14 -42.38 17.17
N ILE D 108 -19.67 -42.15 15.95
CA ILE D 108 -20.38 -41.30 15.02
C ILE D 108 -21.72 -41.96 14.68
N GLU D 109 -22.78 -41.17 14.65
CA GLU D 109 -24.12 -41.64 14.38
C GLU D 109 -24.62 -41.02 13.08
N ASP D 110 -25.78 -41.47 12.59
CA ASP D 110 -26.36 -40.90 11.38
C ASP D 110 -26.45 -39.38 11.46
N ARG D 111 -26.92 -38.87 12.61
CA ARG D 111 -27.21 -37.44 12.70
C ARG D 111 -25.98 -36.55 12.58
N HIS D 112 -24.75 -37.07 12.70
CA HIS D 112 -23.61 -36.16 12.92
C HIS D 112 -23.16 -35.48 11.65
N ILE D 113 -22.86 -34.19 11.76
CA ILE D 113 -22.08 -33.46 10.76
C ILE D 113 -20.73 -33.20 11.40
N VAL D 114 -19.66 -33.78 10.85
CA VAL D 114 -18.32 -33.63 11.39
C VAL D 114 -17.60 -32.51 10.66
N VAL D 115 -17.28 -31.41 11.35
CA VAL D 115 -16.70 -30.23 10.73
C VAL D 115 -15.25 -30.16 11.18
N SER D 116 -14.33 -30.41 10.26
CA SER D 116 -12.93 -30.38 10.64
C SER D 116 -12.43 -28.96 10.43
N CYS D 117 -11.86 -28.37 11.49
CA CYS D 117 -11.24 -27.07 11.36
C CYS D 117 -9.74 -27.14 11.18
N ALA D 118 -9.17 -28.34 11.10
CA ALA D 118 -7.71 -28.50 11.10
C ALA D 118 -7.12 -27.96 9.80
N ALA D 119 -6.07 -27.13 9.90
CA ALA D 119 -5.32 -26.74 8.69
C ALA D 119 -4.79 -27.96 7.92
N GLY D 120 -4.96 -27.94 6.60
CA GLY D 120 -4.26 -28.85 5.72
C GLY D 120 -4.92 -30.20 5.56
N VAL D 121 -5.78 -30.61 6.49
CA VAL D 121 -6.27 -32.00 6.51
C VAL D 121 -7.41 -32.15 5.53
N THR D 122 -7.33 -33.14 4.65
CA THR D 122 -8.30 -33.20 3.55
C THR D 122 -9.57 -33.93 3.95
N ILE D 123 -10.66 -33.58 3.25
CA ILE D 123 -11.92 -34.28 3.45
C ILE D 123 -11.72 -35.74 3.15
N SER D 124 -10.92 -36.03 2.14
CA SER D 124 -10.68 -37.43 1.74
C SER D 124 -10.10 -38.25 2.90
N SER D 125 -9.08 -37.71 3.55
CA SER D 125 -8.44 -38.47 4.62
C SER D 125 -9.39 -38.71 5.79
N ILE D 126 -10.24 -37.71 6.10
CA ILE D 126 -11.20 -37.88 7.19
C ILE D 126 -12.24 -38.91 6.82
N GLU D 127 -12.76 -38.82 5.60
CA GLU D 127 -13.80 -39.75 5.18
C GLU D 127 -13.26 -41.16 5.16
N LYS D 128 -11.98 -41.31 4.80
CA LYS D 128 -11.44 -42.67 4.70
C LYS D 128 -11.36 -43.30 6.09
N LYS D 129 -10.91 -42.53 7.08
CA LYS D 129 -10.83 -43.09 8.44
C LYS D 129 -12.22 -43.29 9.04
N LEU D 130 -13.14 -42.34 8.84
CA LEU D 130 -14.46 -42.57 9.42
C LEU D 130 -15.20 -43.72 8.73
N SER D 131 -15.03 -43.85 7.41
CA SER D 131 -15.73 -44.88 6.64
C SER D 131 -15.43 -46.29 7.09
N ALA D 132 -14.31 -46.47 7.81
CA ALA D 132 -13.97 -47.76 8.41
C ALA D 132 -14.98 -48.19 9.44
N PHE D 133 -15.68 -47.25 10.05
CA PHE D 133 -16.64 -47.54 11.10
C PHE D 133 -18.08 -47.47 10.65
N ARG D 134 -18.43 -46.56 9.74
CA ARG D 134 -19.80 -46.51 9.28
C ARG D 134 -19.74 -45.90 7.89
N PRO D 135 -20.59 -46.33 6.96
CA PRO D 135 -20.55 -45.75 5.63
C PRO D 135 -21.16 -44.35 5.63
N ALA D 136 -20.74 -43.57 4.68
CA ALA D 136 -21.35 -42.26 4.47
C ALA D 136 -21.24 -41.28 5.65
N PRO D 137 -20.07 -41.12 6.28
CA PRO D 137 -19.92 -40.00 7.23
C PRO D 137 -20.11 -38.66 6.53
N ARG D 138 -20.79 -37.77 7.21
CA ARG D 138 -21.09 -36.44 6.69
C ARG D 138 -19.99 -35.52 7.19
N VAL D 139 -19.14 -35.04 6.28
CA VAL D 139 -17.95 -34.29 6.63
C VAL D 139 -17.98 -32.94 5.92
N ILE D 140 -17.61 -31.93 6.66
CA ILE D 140 -17.40 -30.59 6.11
C ILE D 140 -16.00 -30.18 6.53
N ARG D 141 -15.25 -29.51 5.65
CA ARG D 141 -13.97 -28.97 6.04
C ARG D 141 -14.08 -27.46 6.08
N CYS D 142 -13.52 -26.84 7.11
CA CYS D 142 -13.62 -25.38 7.15
C CYS D 142 -12.29 -24.75 7.55
N MET D 143 -12.14 -23.47 7.20
CA MET D 143 -10.97 -22.69 7.62
C MET D 143 -11.56 -21.37 8.11
N THR D 144 -11.34 -21.07 9.38
CA THR D 144 -11.91 -19.84 9.95
C THR D 144 -10.80 -19.11 10.68
N ASN D 145 -11.11 -18.04 11.44
CA ASN D 145 -10.05 -17.36 12.17
C ASN D 145 -10.58 -16.84 13.50
N THR D 146 -9.65 -16.29 14.33
CA THR D 146 -10.09 -15.97 15.70
C THR D 146 -11.10 -14.84 15.81
N PRO D 147 -11.14 -13.86 14.86
CA PRO D 147 -12.12 -12.76 14.96
C PRO D 147 -13.61 -13.17 14.97
N VAL D 148 -13.89 -14.48 14.85
CA VAL D 148 -15.24 -14.94 15.17
C VAL D 148 -15.61 -14.56 16.60
N VAL D 149 -14.60 -14.40 17.46
CA VAL D 149 -14.85 -13.99 18.85
C VAL D 149 -15.50 -12.60 18.94
N VAL D 150 -15.37 -11.74 17.93
CA VAL D 150 -16.11 -10.48 17.86
C VAL D 150 -17.07 -10.50 16.67
N ARG D 151 -17.44 -11.71 16.23
CA ARG D 151 -18.40 -11.92 15.17
C ARG D 151 -17.94 -11.25 13.88
N GLU D 152 -16.65 -11.20 13.66
CA GLU D 152 -16.13 -10.69 12.38
C GLU D 152 -15.11 -11.67 11.80
N GLY D 153 -15.40 -12.97 11.91
CA GLY D 153 -14.49 -13.94 11.30
C GLY D 153 -14.60 -13.96 9.79
N ALA D 154 -13.65 -14.68 9.19
CA ALA D 154 -13.64 -14.98 7.76
C ALA D 154 -13.62 -16.49 7.65
N THR D 155 -14.72 -17.09 7.19
CA THR D 155 -14.81 -18.54 7.15
C THR D 155 -15.08 -18.99 5.72
N VAL D 156 -14.40 -20.07 5.31
CA VAL D 156 -14.78 -20.80 4.11
C VAL D 156 -15.01 -22.23 4.52
N TYR D 157 -15.81 -22.93 3.72
CA TYR D 157 -16.00 -24.35 3.98
C TYR D 157 -16.17 -25.09 2.67
N ALA D 158 -15.95 -26.41 2.73
CA ALA D 158 -16.18 -27.28 1.60
C ALA D 158 -16.93 -28.51 2.14
N THR D 159 -17.97 -28.96 1.41
CA THR D 159 -18.78 -30.12 1.80
C THR D 159 -18.19 -31.40 1.24
N GLY D 160 -18.23 -32.48 2.04
CA GLY D 160 -17.68 -33.75 1.64
C GLY D 160 -18.64 -34.57 0.81
N THR D 161 -18.19 -35.80 0.52
CA THR D 161 -18.92 -36.69 -0.39
C THR D 161 -20.36 -36.93 0.05
N HIS D 162 -20.58 -37.09 1.35
CA HIS D 162 -21.88 -37.52 1.85
C HIS D 162 -22.65 -36.39 2.50
N ALA D 163 -22.08 -35.19 2.49
CA ALA D 163 -22.76 -34.05 3.08
C ALA D 163 -23.98 -33.67 2.25
N GLN D 164 -25.14 -33.72 2.88
CA GLN D 164 -26.34 -33.29 2.19
C GLN D 164 -26.30 -31.78 1.91
N VAL D 165 -27.08 -31.36 0.91
CA VAL D 165 -27.14 -29.94 0.58
C VAL D 165 -27.60 -29.14 1.79
N GLU D 166 -28.54 -29.69 2.56
CA GLU D 166 -28.99 -29.08 3.81
C GLU D 166 -27.85 -28.89 4.80
N ASP D 167 -26.85 -29.77 4.76
CA ASP D 167 -25.72 -29.66 5.66
C ASP D 167 -24.86 -28.43 5.34
N GLY D 168 -24.59 -28.17 4.05
CA GLY D 168 -23.87 -26.96 3.71
C GLY D 168 -24.64 -25.70 4.09
N ARG D 169 -25.97 -25.72 3.90
CA ARG D 169 -26.77 -24.55 4.27
C ARG D 169 -26.75 -24.31 5.78
N LEU D 170 -26.90 -25.36 6.57
CA LEU D 170 -26.80 -25.22 8.02
C LEU D 170 -25.44 -24.66 8.42
N MET D 171 -24.39 -25.20 7.80
CA MET D 171 -23.05 -24.79 8.14
C MET D 171 -22.85 -23.31 7.83
N GLU D 172 -23.34 -22.86 6.67
CA GLU D 172 -23.19 -21.47 6.30
C GLU D 172 -23.98 -20.57 7.23
N GLN D 173 -25.16 -21.03 7.64
CA GLN D 173 -26.00 -20.19 8.49
C GLN D 173 -25.38 -20.07 9.86
N LEU D 174 -24.85 -21.17 10.39
CA LEU D 174 -24.09 -21.12 11.63
C LEU D 174 -22.86 -20.21 11.50
N LEU D 175 -21.98 -20.46 10.52
CA LEU D 175 -20.75 -19.70 10.52
C LEU D 175 -20.95 -18.25 10.07
N SER D 176 -22.05 -17.94 9.36
CA SER D 176 -22.36 -16.53 9.05
C SER D 176 -22.79 -15.73 10.28
N SER D 177 -23.22 -16.39 11.35
CA SER D 177 -23.62 -15.64 12.52
C SER D 177 -22.41 -14.99 13.19
N VAL D 178 -21.19 -15.43 12.85
CA VAL D 178 -19.98 -14.90 13.48
C VAL D 178 -19.01 -14.29 12.48
N GLY D 179 -19.50 -13.92 11.30
CA GLY D 179 -18.68 -13.21 10.35
C GLY D 179 -19.07 -13.58 8.93
N PHE D 180 -18.11 -13.40 8.04
CA PHE D 180 -18.28 -13.72 6.62
C PHE D 180 -18.15 -15.23 6.44
N CYS D 181 -19.03 -15.81 5.62
CA CYS D 181 -18.90 -17.25 5.36
C CYS D 181 -19.31 -17.57 3.92
N THR D 182 -18.49 -18.35 3.21
CA THR D 182 -18.87 -18.79 1.86
C THR D 182 -18.33 -20.20 1.61
N GLU D 183 -19.05 -20.94 0.78
CA GLU D 183 -18.60 -22.24 0.30
C GLU D 183 -17.50 -22.05 -0.75
N VAL D 184 -16.46 -22.89 -0.69
CA VAL D 184 -15.42 -22.91 -1.72
C VAL D 184 -15.15 -24.35 -2.14
N GLU D 185 -14.52 -24.50 -3.31
CA GLU D 185 -13.88 -25.79 -3.63
C GLU D 185 -12.79 -26.10 -2.62
N GLU D 186 -12.69 -27.37 -2.22
CA GLU D 186 -11.71 -27.71 -1.18
C GLU D 186 -10.28 -27.35 -1.58
N ASP D 187 -9.99 -27.41 -2.88
CA ASP D 187 -8.59 -27.13 -3.24
C ASP D 187 -8.21 -25.66 -3.08
N LEU D 188 -9.13 -24.79 -2.65
CA LEU D 188 -8.79 -23.41 -2.32
C LEU D 188 -8.41 -23.19 -0.85
N ILE D 189 -8.65 -24.17 0.04
CA ILE D 189 -8.65 -23.89 1.47
C ILE D 189 -7.23 -23.67 2.01
N ASP D 190 -6.24 -24.38 1.47
CA ASP D 190 -4.85 -24.11 1.88
C ASP D 190 -4.45 -22.65 1.61
N ALA D 191 -4.83 -22.10 0.45
CA ALA D 191 -4.54 -20.69 0.16
C ALA D 191 -5.36 -19.77 1.06
N VAL D 192 -6.63 -20.10 1.29
CA VAL D 192 -7.40 -19.28 2.23
C VAL D 192 -6.68 -19.23 3.58
N THR D 193 -6.14 -20.38 4.02
CA THR D 193 -5.41 -20.44 5.28
C THR D 193 -4.29 -19.42 5.30
N GLY D 194 -3.59 -19.24 4.17
CA GLY D 194 -2.46 -18.33 4.21
C GLY D 194 -2.86 -16.88 4.16
N LEU D 195 -4.07 -16.61 3.70
CA LEU D 195 -4.62 -15.25 3.61
C LEU D 195 -5.45 -14.89 4.84
N SER D 196 -6.66 -15.49 4.98
CA SER D 196 -7.44 -15.04 6.14
C SER D 196 -7.21 -15.89 7.39
N GLY D 197 -6.74 -17.13 7.26
CA GLY D 197 -6.37 -17.88 8.45
C GLY D 197 -5.24 -17.21 9.23
N SER D 198 -4.16 -16.85 8.53
CA SER D 198 -2.98 -16.21 9.15
C SER D 198 -3.10 -14.69 9.14
N GLY D 199 -4.01 -14.14 8.32
CA GLY D 199 -4.19 -12.70 8.18
C GLY D 199 -4.25 -11.87 9.44
N PRO D 200 -5.04 -12.30 10.44
CA PRO D 200 -5.13 -11.45 11.65
C PRO D 200 -3.78 -11.30 12.31
N ALA D 201 -2.92 -12.34 12.26
CA ALA D 201 -1.58 -12.21 12.85
C ALA D 201 -0.77 -11.18 12.09
N TYR D 202 -0.89 -11.15 10.74
CA TYR D 202 -0.23 -10.10 9.98
C TYR D 202 -0.70 -8.73 10.46
N ALA D 203 -2.02 -8.59 10.69
CA ALA D 203 -2.56 -7.31 11.13
C ALA D 203 -2.08 -6.94 12.53
N PHE D 204 -2.10 -7.89 13.47
CA PHE D 204 -1.60 -7.56 14.81
C PHE D 204 -0.13 -7.09 14.75
N THR D 205 0.69 -7.76 13.93
CA THR D 205 2.09 -7.29 13.70
C THR D 205 2.12 -5.86 13.16
N ALA D 206 1.35 -5.61 12.09
CA ALA D 206 1.21 -4.27 11.50
C ALA D 206 0.79 -3.24 12.54
N LEU D 207 -0.17 -3.58 13.39
CA LEU D 207 -0.69 -2.61 14.35
C LEU D 207 0.33 -2.27 15.43
N ASP D 208 1.06 -3.27 15.91
CA ASP D 208 2.13 -2.98 16.86
C ASP D 208 3.15 -2.04 16.23
N ALA D 209 3.54 -2.30 14.99
CA ALA D 209 4.56 -1.47 14.33
C ALA D 209 4.04 -0.06 14.02
N LEU D 210 2.80 0.04 13.52
CA LEU D 210 2.20 1.37 13.35
C LEU D 210 2.22 2.19 14.64
N ALA D 211 1.85 1.55 15.76
CA ALA D 211 1.84 2.23 17.05
C ALA D 211 3.26 2.65 17.45
N ASP D 212 4.26 1.77 17.17
CA ASP D 212 5.65 2.17 17.42
C ASP D 212 5.98 3.44 16.61
N GLY D 213 5.47 3.52 15.38
CA GLY D 213 5.72 4.70 14.57
C GLY D 213 5.01 5.92 15.13
N GLY D 214 3.78 5.74 15.60
CA GLY D 214 3.10 6.84 16.28
C GLY D 214 3.87 7.34 17.49
N VAL D 215 4.31 6.39 18.33
CA VAL D 215 5.10 6.73 19.52
C VAL D 215 6.41 7.42 19.13
N LYS D 216 7.09 6.90 18.10
CA LYS D 216 8.32 7.57 17.66
C LYS D 216 8.07 9.04 17.34
N MET D 217 6.98 9.32 16.66
CA MET D 217 6.64 10.71 16.31
C MET D 217 5.94 11.51 17.41
N GLY D 218 5.82 11.00 18.64
CA GLY D 218 5.40 11.82 19.76
C GLY D 218 4.05 11.44 20.35
N LEU D 219 3.39 10.38 19.86
CA LEU D 219 2.06 10.03 20.39
C LEU D 219 2.19 9.10 21.62
N PRO D 220 1.31 9.26 22.61
CA PRO D 220 1.23 8.29 23.71
C PRO D 220 0.88 6.94 23.14
N ARG D 221 1.40 5.88 23.77
CA ARG D 221 1.21 4.53 23.21
C ARG D 221 -0.28 4.19 23.12
N ARG D 222 -1.04 4.50 24.17
CA ARG D 222 -2.44 4.08 24.16
C ARG D 222 -3.19 4.67 22.98
N LEU D 223 -2.99 5.98 22.74
CA LEU D 223 -3.65 6.66 21.63
C LEU D 223 -3.17 6.11 20.30
N ALA D 224 -1.86 5.85 20.20
CA ALA D 224 -1.32 5.37 18.93
C ALA D 224 -1.92 4.02 18.57
N VAL D 225 -2.08 3.15 19.55
CA VAL D 225 -2.67 1.82 19.28
C VAL D 225 -4.12 1.99 18.83
N ARG D 226 -4.86 2.89 19.51
CA ARG D 226 -6.28 3.09 19.21
CA ARG D 226 -6.28 3.10 19.21
C ARG D 226 -6.46 3.65 17.80
N LEU D 227 -5.66 4.67 17.43
CA LEU D 227 -5.78 5.25 16.10
C LEU D 227 -5.37 4.28 15.00
N GLY D 228 -4.29 3.52 15.20
CA GLY D 228 -3.90 2.60 14.17
C GLY D 228 -4.98 1.53 13.96
N ALA D 229 -5.55 1.03 15.05
CA ALA D 229 -6.58 -0.01 14.91
C ALA D 229 -7.82 0.56 14.25
N GLN D 230 -8.15 1.81 14.58
CA GLN D 230 -9.33 2.42 13.97
C GLN D 230 -9.09 2.66 12.50
N ALA D 231 -7.87 3.09 12.13
CA ALA D 231 -7.53 3.33 10.73
C ALA D 231 -7.69 2.04 9.91
N LEU D 232 -7.18 0.95 10.44
CA LEU D 232 -7.30 -0.34 9.74
C LEU D 232 -8.75 -0.81 9.69
N LEU D 233 -9.47 -0.72 10.80
CA LEU D 233 -10.88 -1.12 10.74
C LEU D 233 -11.65 -0.29 9.72
N GLY D 234 -11.50 1.04 9.76
CA GLY D 234 -12.23 1.87 8.82
C GLY D 234 -11.88 1.59 7.36
N ALA D 235 -10.58 1.40 7.08
CA ALA D 235 -10.13 1.16 5.71
C ALA D 235 -10.76 -0.15 5.18
N ALA D 236 -10.70 -1.18 6.01
CA ALA D 236 -11.25 -2.49 5.59
C ALA D 236 -12.76 -2.39 5.33
N LYS D 237 -13.49 -1.73 6.24
CA LYS D 237 -14.92 -1.55 6.04
C LYS D 237 -15.22 -0.71 4.80
N MET D 238 -14.44 0.37 4.62
CA MET D 238 -14.60 1.18 3.43
C MET D 238 -14.46 0.34 2.17
N LEU D 239 -13.44 -0.52 2.12
CA LEU D 239 -13.22 -1.35 0.94
C LEU D 239 -14.36 -2.36 0.78
N LEU D 240 -14.75 -3.01 1.87
CA LEU D 240 -15.88 -3.94 1.77
C LEU D 240 -17.14 -3.25 1.28
N HIS D 241 -17.43 -2.04 1.75
CA HIS D 241 -18.65 -1.36 1.31
C HIS D 241 -18.54 -0.68 -0.05
N SER D 242 -17.35 -0.55 -0.60
CA SER D 242 -17.17 0.15 -1.86
C SER D 242 -17.24 -0.84 -3.02
N GLU D 243 -17.55 -0.32 -4.21
CA GLU D 243 -17.40 -1.14 -5.41
C GLU D 243 -16.05 -0.91 -6.09
N GLN D 244 -15.12 -0.26 -5.42
CA GLN D 244 -13.89 0.19 -6.06
C GLN D 244 -12.73 -0.74 -5.77
N HIS D 245 -11.77 -0.75 -6.66
CA HIS D 245 -10.52 -1.46 -6.45
C HIS D 245 -9.73 -0.81 -5.31
N PRO D 246 -8.98 -1.60 -4.52
CA PRO D 246 -8.19 -0.97 -3.44
C PRO D 246 -7.20 0.07 -3.95
N GLY D 247 -6.70 -0.08 -5.17
CA GLY D 247 -5.80 0.93 -5.70
C GLY D 247 -6.52 2.23 -6.00
N GLN D 248 -7.80 2.15 -6.41
CA GLN D 248 -8.60 3.34 -6.61
C GLN D 248 -8.82 4.06 -5.29
N LEU D 249 -9.12 3.30 -4.25
CA LEU D 249 -9.28 3.96 -2.96
C LEU D 249 -7.96 4.61 -2.55
N LYS D 250 -6.85 3.90 -2.74
CA LYS D 250 -5.54 4.47 -2.48
C LYS D 250 -5.37 5.76 -3.28
N ASP D 251 -5.72 5.73 -4.57
CA ASP D 251 -5.63 6.95 -5.38
C ASP D 251 -6.52 8.05 -4.81
N ASN D 252 -7.76 7.70 -4.45
CA ASN D 252 -8.70 8.73 -3.97
C ASN D 252 -8.17 9.47 -2.74
N VAL D 253 -7.45 8.79 -1.85
CA VAL D 253 -7.08 9.46 -0.58
C VAL D 253 -5.68 10.06 -0.62
N SER D 254 -4.95 9.92 -1.74
CA SER D 254 -3.57 10.43 -1.83
C SER D 254 -3.54 11.77 -2.61
N SER D 255 -3.43 12.93 -1.88
CA SER D 255 -3.35 14.18 -2.63
C SER D 255 -1.96 14.47 -3.23
N PRO D 256 -1.91 15.26 -4.32
CA PRO D 256 -0.61 15.52 -5.00
C PRO D 256 0.38 16.19 -4.08
N GLY D 257 1.60 15.66 -4.05
CA GLY D 257 2.64 16.16 -3.15
C GLY D 257 2.44 15.96 -1.66
N GLY D 258 1.38 15.28 -1.24
CA GLY D 258 0.96 15.24 0.15
C GLY D 258 1.68 14.20 1.01
N ALA D 259 1.23 14.14 2.26
CA ALA D 259 1.92 13.31 3.25
C ALA D 259 1.74 11.84 2.90
N THR D 260 0.57 11.50 2.44
CA THR D 260 0.27 10.06 2.23
C THR D 260 1.08 9.49 1.06
N ILE D 261 1.16 10.22 -0.05
CA ILE D 261 1.95 9.67 -1.17
C ILE D 261 3.44 9.61 -0.82
N HIS D 262 3.95 10.53 0.01
CA HIS D 262 5.30 10.36 0.48
C HIS D 262 5.49 9.07 1.28
N ALA D 263 4.58 8.78 2.19
CA ALA D 263 4.72 7.58 2.98
C ALA D 263 4.50 6.33 2.15
N LEU D 264 3.65 6.39 1.11
CA LEU D 264 3.49 5.20 0.26
C LEU D 264 4.76 4.95 -0.51
N HIS D 265 5.46 6.01 -0.93
CA HIS D 265 6.74 5.78 -1.58
C HIS D 265 7.70 5.03 -0.65
N VAL D 266 7.77 5.39 0.63
CA VAL D 266 8.73 4.64 1.47
C VAL D 266 8.30 3.19 1.68
N LEU D 267 6.99 2.92 1.75
CA LEU D 267 6.56 1.48 1.76
C LEU D 267 7.03 0.78 0.50
N GLU D 268 6.81 1.41 -0.68
CA GLU D 268 7.23 0.77 -1.92
C GLU D 268 8.73 0.51 -1.95
N SER D 269 9.54 1.47 -1.47
CA SER D 269 10.97 1.28 -1.54
C SER D 269 11.44 0.09 -0.72
N GLY D 270 10.70 -0.26 0.31
CA GLY D 270 11.00 -1.47 1.07
C GLY D 270 10.36 -2.75 0.55
N GLY D 271 9.65 -2.69 -0.58
CA GLY D 271 9.04 -3.92 -1.11
C GLY D 271 7.89 -4.41 -0.23
N PHE D 272 7.20 -3.48 0.46
CA PHE D 272 6.10 -3.80 1.38
C PHE D 272 5.11 -4.79 0.77
N ARG D 273 4.67 -4.52 -0.47
CA ARG D 273 3.72 -5.42 -1.13
C ARG D 273 4.30 -6.82 -1.24
N SER D 274 5.58 -6.93 -1.66
CA SER D 274 6.15 -8.27 -1.83
C SER D 274 6.20 -9.03 -0.50
N LEU D 275 6.36 -8.33 0.63
CA LEU D 275 6.42 -9.04 1.91
C LEU D 275 5.09 -9.68 2.23
N LEU D 276 3.99 -8.99 1.95
CA LEU D 276 2.68 -9.57 2.22
C LEU D 276 2.40 -10.72 1.27
N ILE D 277 2.84 -10.62 0.02
CA ILE D 277 2.73 -11.79 -0.88
C ILE D 277 3.54 -12.96 -0.35
N ASN D 278 4.79 -12.68 0.10
CA ASN D 278 5.63 -13.73 0.68
C ASN D 278 4.93 -14.43 1.85
N ALA D 279 4.31 -13.64 2.73
CA ALA D 279 3.62 -14.18 3.90
C ALA D 279 2.49 -15.12 3.49
N VAL D 280 1.58 -14.65 2.62
CA VAL D 280 0.47 -15.54 2.20
C VAL D 280 1.03 -16.82 1.61
N GLU D 281 2.06 -16.69 0.75
CA GLU D 281 2.64 -17.87 0.14
C GLU D 281 3.24 -18.80 1.19
N ALA D 282 4.00 -18.23 2.15
CA ALA D 282 4.69 -19.07 3.12
C ALA D 282 3.69 -19.79 4.00
N SER D 283 2.63 -19.10 4.42
CA SER D 283 1.65 -19.79 5.26
C SER D 283 0.92 -20.89 4.48
N CYS D 284 0.53 -20.59 3.24
CA CYS D 284 -0.09 -21.61 2.38
C CYS D 284 0.82 -22.81 2.17
N ILE D 285 2.11 -22.55 1.86
CA ILE D 285 3.04 -23.66 1.61
C ILE D 285 3.24 -24.52 2.86
N ARG D 286 3.36 -23.87 4.00
CA ARG D 286 3.51 -24.63 5.24
C ARG D 286 2.25 -25.43 5.53
N THR D 287 1.08 -24.87 5.24
CA THR D 287 -0.18 -25.62 5.39
C THR D 287 -0.18 -26.88 4.54
N ARG D 288 0.31 -26.77 3.30
CA ARG D 288 0.41 -27.95 2.42
C ARG D 288 1.39 -28.98 2.97
N GLU D 289 2.44 -28.54 3.66
CA GLU D 289 3.38 -29.47 4.30
C GLU D 289 2.74 -30.21 5.46
N LEU D 290 1.73 -29.63 6.10
CA LEU D 290 1.14 -30.29 7.27
C LEU D 290 0.32 -31.51 6.87
N GLN D 291 -0.30 -31.50 5.68
CA GLN D 291 -0.89 -32.71 5.08
C GLN D 291 0.17 -33.48 4.29
N MET E 23 15.04 9.47 57.69
CA MET E 23 15.24 10.07 56.37
C MET E 23 14.01 9.90 55.45
N SER E 24 13.64 10.98 54.75
CA SER E 24 12.40 11.04 53.99
C SER E 24 12.72 11.21 52.51
N VAL E 25 11.94 10.55 51.67
CA VAL E 25 12.19 10.52 50.23
C VAL E 25 10.92 10.94 49.51
N GLY E 26 11.08 11.79 48.50
CA GLY E 26 9.94 12.27 47.76
C GLY E 26 10.15 12.03 46.28
N PHE E 27 9.04 11.86 45.59
CA PHE E 27 9.05 11.74 44.14
C PHE E 27 8.14 12.78 43.52
N ILE E 28 8.64 13.44 42.48
CA ILE E 28 7.82 14.28 41.62
C ILE E 28 7.74 13.58 40.28
N GLY E 29 6.52 13.29 39.86
CA GLY E 29 6.29 12.39 38.75
C GLY E 29 6.08 11.00 39.31
N ALA E 30 4.82 10.58 39.38
CA ALA E 30 4.48 9.26 39.92
C ALA E 30 4.41 8.19 38.84
N GLY E 31 5.39 8.16 37.93
CA GLY E 31 5.31 7.33 36.75
C GLY E 31 5.81 5.92 36.95
N GLN E 32 6.17 5.29 35.83
CA GLN E 32 6.78 3.95 35.88
C GLN E 32 8.07 3.96 36.67
N LEU E 33 8.87 5.03 36.52
CA LEU E 33 10.15 5.12 37.20
C LEU E 33 9.97 5.33 38.70
N ALA E 34 9.14 6.30 39.11
CA ALA E 34 8.88 6.49 40.52
C ALA E 34 8.45 5.18 41.18
N PHE E 35 7.53 4.46 40.54
CA PHE E 35 7.05 3.21 41.10
C PHE E 35 8.20 2.21 41.26
N ALA E 36 8.95 2.02 40.19
CA ALA E 36 9.99 1.02 40.17
C ALA E 36 10.98 1.25 41.31
N LEU E 37 11.45 2.49 41.48
CA LEU E 37 12.34 2.82 42.61
C LEU E 37 11.65 2.56 43.92
N ALA E 38 10.41 3.03 44.06
CA ALA E 38 9.67 2.83 45.31
C ALA E 38 9.53 1.35 45.64
N LYS E 39 9.11 0.55 44.67
CA LYS E 39 9.04 -0.90 44.90
C LYS E 39 10.42 -1.45 45.26
N GLY E 40 11.45 -1.06 44.50
CA GLY E 40 12.81 -1.51 44.82
C GLY E 40 13.28 -1.10 46.21
N PHE E 41 13.19 0.20 46.51
CA PHE E 41 13.72 0.69 47.80
C PHE E 41 13.12 -0.07 48.96
N THR E 42 11.81 -0.31 48.87
CA THR E 42 11.09 -1.03 49.91
C THR E 42 11.50 -2.49 49.97
N ALA E 43 11.52 -3.16 48.81
CA ALA E 43 11.96 -4.56 48.79
C ALA E 43 13.34 -4.70 49.43
N ALA E 44 14.21 -3.70 49.21
CA ALA E 44 15.52 -3.68 49.83
C ALA E 44 15.46 -3.60 51.35
N GLY E 45 14.29 -3.31 51.92
CA GLY E 45 14.24 -2.92 53.31
C GLY E 45 15.05 -1.69 53.60
N VAL E 46 15.38 -0.92 52.56
CA VAL E 46 16.15 0.31 52.72
C VAL E 46 15.29 1.41 53.33
N LEU E 47 14.06 1.57 52.81
CA LEU E 47 13.11 2.55 53.31
C LEU E 47 11.74 1.91 53.49
N ALA E 48 10.89 2.61 54.24
CA ALA E 48 9.53 2.19 54.54
C ALA E 48 8.54 2.93 53.65
N ALA E 49 7.54 2.21 53.13
CA ALA E 49 6.59 2.81 52.20
C ALA E 49 5.88 4.01 52.81
N HIS E 50 5.78 4.07 54.14
CA HIS E 50 5.18 5.22 54.82
C HIS E 50 6.00 6.50 54.62
N LYS E 51 7.34 6.38 54.56
CA LYS E 51 8.23 7.55 54.53
C LYS E 51 8.48 8.08 53.12
N ILE E 52 7.84 7.52 52.09
CA ILE E 52 7.98 7.99 50.72
C ILE E 52 6.68 8.68 50.32
N MET E 53 6.81 9.81 49.63
CA MET E 53 5.67 10.61 49.15
C MET E 53 5.85 10.92 47.67
N ALA E 54 4.78 10.77 46.90
CA ALA E 54 4.85 11.01 45.46
C ALA E 54 3.73 11.95 45.02
N SER E 55 3.98 12.62 43.90
CA SER E 55 3.08 13.63 43.35
C SER E 55 2.75 13.30 41.91
N SER E 56 1.58 13.77 41.47
CA SER E 56 1.15 13.65 40.08
C SER E 56 -0.08 14.52 39.83
N VAL E 72 2.29 4.00 49.91
CA VAL E 72 3.04 5.22 49.58
C VAL E 72 2.14 6.48 49.68
N LYS E 73 2.56 7.44 50.51
CA LYS E 73 1.81 8.69 50.61
C LYS E 73 1.75 9.37 49.25
N LEU E 74 0.55 9.74 48.82
CA LEU E 74 0.33 10.36 47.53
C LEU E 74 -0.32 11.72 47.72
N THR E 75 -0.02 12.63 46.80
CA THR E 75 -0.55 13.99 46.83
C THR E 75 -0.49 14.54 45.41
N PRO E 76 -1.42 15.44 45.02
CA PRO E 76 -1.40 15.96 43.64
C PRO E 76 -0.65 17.29 43.51
N HIS E 77 -0.34 17.91 44.65
CA HIS E 77 0.42 19.17 44.70
C HIS E 77 1.89 18.84 44.99
N ASN E 78 2.78 19.25 44.08
CA ASN E 78 4.22 19.02 44.23
C ASN E 78 4.83 19.72 45.44
N LYS E 79 4.15 20.74 45.99
CA LYS E 79 4.67 21.42 47.17
C LYS E 79 4.63 20.51 48.39
N GLU E 80 3.59 19.68 48.52
CA GLU E 80 3.50 18.78 49.65
C GLU E 80 4.63 17.76 49.60
N THR E 81 4.97 17.28 48.40
CA THR E 81 6.08 16.35 48.25
C THR E 81 7.41 17.01 48.61
N VAL E 82 7.61 18.27 48.19
CA VAL E 82 8.81 19.01 48.60
C VAL E 82 8.85 19.12 50.12
N GLN E 83 7.74 19.57 50.72
CA GLN E 83 7.69 19.80 52.16
C GLN E 83 8.06 18.54 52.95
N HIS E 84 7.65 17.36 52.47
CA HIS E 84 7.84 16.11 53.19
C HIS E 84 9.25 15.56 53.06
N SER E 85 9.85 15.68 51.88
CA SER E 85 11.04 14.90 51.57
C SER E 85 12.32 15.62 52.02
N ASP E 86 13.40 14.84 52.11
CA ASP E 86 14.76 15.37 52.24
C ASP E 86 15.59 15.10 50.99
N VAL E 87 15.56 13.87 50.49
CA VAL E 87 16.08 13.55 49.17
C VAL E 87 14.89 13.52 48.21
N LEU E 88 14.90 14.41 47.21
CA LEU E 88 13.76 14.60 46.32
C LEU E 88 14.17 14.12 44.94
N PHE E 89 13.44 13.12 44.43
CA PHE E 89 13.63 12.65 43.08
C PHE E 89 12.67 13.35 42.13
N LEU E 90 13.17 13.67 40.94
CA LEU E 90 12.37 14.24 39.86
C LEU E 90 12.22 13.15 38.81
N ALA E 91 11.03 12.53 38.76
CA ALA E 91 10.85 11.43 37.82
C ALA E 91 9.88 11.83 36.72
N VAL E 92 10.15 12.98 36.08
CA VAL E 92 9.27 13.56 35.09
C VAL E 92 10.00 13.57 33.76
N LYS E 93 9.29 13.93 32.69
CA LYS E 93 9.92 13.96 31.38
C LYS E 93 10.93 15.11 31.31
N PRO E 94 12.00 14.95 30.51
CA PRO E 94 12.97 16.05 30.35
C PRO E 94 12.34 17.41 30.05
N HIS E 95 11.33 17.44 29.15
CA HIS E 95 10.60 18.68 28.88
C HIS E 95 9.93 19.23 30.13
N ILE E 96 9.47 18.36 31.04
CA ILE E 96 8.67 18.83 32.18
C ILE E 96 9.53 19.41 33.31
N ILE E 97 10.83 19.13 33.35
CA ILE E 97 11.62 19.48 34.52
C ILE E 97 11.68 21.00 34.76
N PRO E 98 12.03 21.85 33.78
CA PRO E 98 12.11 23.29 34.08
C PRO E 98 10.84 23.87 34.65
N PHE E 99 9.67 23.31 34.30
CA PHE E 99 8.44 23.74 34.95
C PHE E 99 8.41 23.32 36.41
N ILE E 100 8.87 22.10 36.71
CA ILE E 100 8.92 21.65 38.11
C ILE E 100 9.85 22.57 38.91
N LEU E 101 11.04 22.83 38.36
CA LEU E 101 12.01 23.66 39.05
C LEU E 101 11.45 25.05 39.36
N ASP E 102 10.82 25.69 38.35
CA ASP E 102 10.17 26.98 38.57
C ASP E 102 9.05 26.91 39.61
N GLU E 103 8.47 25.74 39.84
CA GLU E 103 7.41 25.55 40.83
C GLU E 103 7.96 25.23 42.23
N ILE E 104 8.93 24.33 42.30
CA ILE E 104 9.46 23.85 43.57
C ILE E 104 10.47 24.83 44.17
N GLY E 105 11.18 25.57 43.32
CA GLY E 105 12.33 26.39 43.66
C GLY E 105 12.30 27.12 45.00
N ALA E 106 11.44 28.14 45.12
CA ALA E 106 11.38 28.92 46.35
C ALA E 106 11.07 28.07 47.58
N ASP E 107 10.57 26.85 47.38
CA ASP E 107 10.21 25.94 48.45
C ASP E 107 11.31 24.91 48.74
N ILE E 108 12.49 25.05 48.13
CA ILE E 108 13.63 24.20 48.47
C ILE E 108 14.34 24.75 49.70
N GLU E 109 14.54 23.89 50.70
CA GLU E 109 15.30 24.24 51.90
C GLU E 109 16.72 23.69 51.81
N ASP E 110 17.58 24.17 52.72
CA ASP E 110 19.00 23.83 52.67
C ASP E 110 19.25 22.34 52.86
N ARG E 111 18.32 21.61 53.45
CA ARG E 111 18.49 20.18 53.64
C ARG E 111 18.30 19.37 52.37
N HIS E 112 17.75 19.95 51.31
CA HIS E 112 17.28 19.13 50.19
C HIS E 112 18.44 18.70 49.29
N ILE E 113 18.38 17.43 48.87
CA ILE E 113 19.21 16.94 47.77
C ILE E 113 18.26 16.66 46.63
N VAL E 114 18.40 17.43 45.54
CA VAL E 114 17.53 17.31 44.38
C VAL E 114 18.16 16.33 43.41
N VAL E 115 17.50 15.19 43.22
CA VAL E 115 18.01 14.15 42.34
C VAL E 115 17.14 14.12 41.09
N SER E 116 17.68 14.55 39.96
CA SER E 116 16.93 14.52 38.71
C SER E 116 17.20 13.23 37.94
N CYS E 117 16.14 12.55 37.53
CA CYS E 117 16.25 11.33 36.74
C CYS E 117 16.01 11.53 35.26
N ALA E 118 15.65 12.74 34.82
CA ALA E 118 15.28 12.99 33.43
C ALA E 118 16.48 12.88 32.48
N ALA E 119 16.33 12.17 31.38
CA ALA E 119 17.47 11.97 30.48
C ALA E 119 17.89 13.27 29.83
N GLY E 120 19.20 13.39 29.59
CA GLY E 120 19.70 14.51 28.83
C GLY E 120 19.75 15.83 29.58
N VAL E 121 18.96 16.01 30.65
CA VAL E 121 18.87 17.30 31.34
C VAL E 121 20.10 17.49 32.22
N THR E 122 20.80 18.62 32.04
CA THR E 122 22.12 18.72 32.66
C THR E 122 22.08 19.31 34.06
N ILE E 123 23.12 18.99 34.84
CA ILE E 123 23.22 19.55 36.17
C ILE E 123 23.27 21.06 36.07
N SER E 124 24.03 21.54 35.09
CA SER E 124 24.23 22.97 34.89
C SER E 124 22.89 23.68 34.74
N SER E 125 22.02 23.12 33.91
CA SER E 125 20.72 23.75 33.70
C SER E 125 19.85 23.69 34.95
N ILE E 126 19.94 22.61 35.71
CA ILE E 126 19.14 22.54 36.93
C ILE E 126 19.66 23.55 37.96
N GLU E 127 20.98 23.63 38.11
CA GLU E 127 21.52 24.52 39.11
C GLU E 127 21.24 25.96 38.77
N LYS E 128 21.09 26.27 37.47
CA LYS E 128 20.82 27.65 37.06
C LYS E 128 19.38 28.02 37.37
N LYS E 129 18.44 27.09 37.16
CA LYS E 129 17.04 27.34 37.52
C LYS E 129 16.90 27.55 39.02
N LEU E 130 17.44 26.61 39.80
CA LEU E 130 17.31 26.69 41.26
C LEU E 130 18.17 27.80 41.88
N SER E 131 19.29 28.17 41.25
CA SER E 131 20.11 29.25 41.82
C SER E 131 19.32 30.54 41.99
N ALA E 132 18.33 30.77 41.14
CA ALA E 132 17.51 31.99 41.23
C ALA E 132 16.71 32.09 42.53
N PHE E 133 16.61 31.01 43.31
CA PHE E 133 15.90 31.01 44.58
C PHE E 133 16.83 30.90 45.79
N ARG E 134 17.87 30.08 45.73
CA ARG E 134 18.76 29.93 46.85
C ARG E 134 20.12 29.55 46.27
N PRO E 135 21.19 30.15 46.76
CA PRO E 135 22.53 29.75 46.30
C PRO E 135 22.91 28.38 46.84
N ALA E 136 23.84 27.76 46.12
CA ALA E 136 24.35 26.43 46.43
C ALA E 136 23.29 25.34 46.57
N PRO E 137 22.41 25.18 45.58
CA PRO E 137 21.50 24.02 45.57
C PRO E 137 22.29 22.73 45.39
N ARG E 138 21.86 21.68 46.06
CA ARG E 138 22.56 20.40 46.04
C ARG E 138 21.86 19.55 44.99
N VAL E 139 22.52 19.32 43.86
CA VAL E 139 21.89 18.62 42.76
C VAL E 139 22.67 17.36 42.44
N ILE E 140 21.96 16.28 42.15
CA ILE E 140 22.56 15.07 41.62
C ILE E 140 21.75 14.70 40.39
N ARG E 141 22.43 14.34 39.32
CA ARG E 141 21.76 13.81 38.15
C ARG E 141 21.99 12.30 38.09
N CYS E 142 20.94 11.56 37.82
CA CYS E 142 21.13 10.12 37.65
C CYS E 142 20.44 9.63 36.39
N MET E 143 20.88 8.47 35.95
CA MET E 143 20.23 7.74 34.85
C MET E 143 20.10 6.30 35.35
N THR E 144 18.87 5.84 35.53
CA THR E 144 18.65 4.46 35.99
C THR E 144 17.70 3.78 35.01
N ASN E 145 17.17 2.61 35.33
CA ASN E 145 16.28 1.97 34.39
C ASN E 145 15.21 1.18 35.16
N THR E 146 14.28 0.60 34.42
CA THR E 146 13.10 0.05 35.08
C THR E 146 13.39 -1.18 35.92
N PRO E 147 14.39 -2.03 35.57
CA PRO E 147 14.68 -3.20 36.40
C PRO E 147 14.99 -2.93 37.90
N VAL E 148 15.14 -1.68 38.34
CA VAL E 148 15.19 -1.42 39.78
C VAL E 148 13.96 -2.01 40.46
N VAL E 149 12.86 -2.16 39.72
CA VAL E 149 11.65 -2.78 40.26
C VAL E 149 11.88 -4.23 40.71
N VAL E 150 12.86 -4.93 40.15
CA VAL E 150 13.27 -6.22 40.69
C VAL E 150 14.68 -6.14 41.27
N ARG E 151 15.11 -4.92 41.63
CA ARG E 151 16.39 -4.70 42.30
C ARG E 151 17.57 -5.17 41.45
N GLU E 152 17.45 -5.10 40.13
CA GLU E 152 18.57 -5.35 39.25
C GLU E 152 18.70 -4.20 38.26
N GLY E 153 18.51 -2.98 38.78
CA GLY E 153 18.66 -1.81 37.94
C GLY E 153 20.12 -1.56 37.61
N ALA E 154 20.32 -0.68 36.64
CA ALA E 154 21.65 -0.16 36.31
C ALA E 154 21.56 1.35 36.51
N THR E 155 22.30 1.90 37.46
CA THR E 155 22.18 3.32 37.75
C THR E 155 23.55 3.96 37.69
N VAL E 156 23.64 5.15 37.06
CA VAL E 156 24.82 5.97 37.21
C VAL E 156 24.37 7.34 37.72
N TYR E 157 25.30 8.06 38.33
CA TYR E 157 24.94 9.38 38.81
C TYR E 157 26.15 10.27 38.72
N ALA E 158 25.90 11.57 38.61
CA ALA E 158 26.95 12.59 38.69
C ALA E 158 26.56 13.62 39.74
N THR E 159 27.53 14.06 40.56
CA THR E 159 27.27 15.05 41.61
C THR E 159 27.50 16.47 41.08
N GLY E 160 26.68 17.40 41.55
CA GLY E 160 26.70 18.76 41.08
C GLY E 160 27.71 19.63 41.78
N THR E 161 27.66 20.92 41.45
CA THR E 161 28.65 21.87 41.93
C THR E 161 28.71 21.91 43.46
N HIS E 162 27.55 21.98 44.10
CA HIS E 162 27.48 22.17 45.54
C HIS E 162 27.09 20.91 46.28
N ALA E 163 27.16 19.75 45.62
CA ALA E 163 26.92 18.50 46.33
C ALA E 163 28.07 18.21 47.30
N GLN E 164 27.72 17.96 48.56
CA GLN E 164 28.74 17.55 49.53
C GLN E 164 29.16 16.10 49.29
N VAL E 165 30.30 15.73 49.86
CA VAL E 165 30.87 14.41 49.60
C VAL E 165 29.98 13.32 50.18
N GLU E 166 29.31 13.61 51.31
CA GLU E 166 28.34 12.66 51.83
C GLU E 166 27.16 12.47 50.88
N ASP E 167 26.92 13.44 49.99
CA ASP E 167 25.73 13.36 49.14
C ASP E 167 25.87 12.26 48.10
N GLY E 168 27.02 12.21 47.42
CA GLY E 168 27.29 11.16 46.47
C GLY E 168 27.42 9.79 47.11
N ARG E 169 27.93 9.73 48.35
CA ARG E 169 27.99 8.47 49.08
C ARG E 169 26.59 8.01 49.47
N LEU E 170 25.76 8.92 50.01
CA LEU E 170 24.38 8.54 50.31
C LEU E 170 23.68 8.07 49.04
N MET E 171 23.84 8.83 47.96
CA MET E 171 23.24 8.49 46.67
C MET E 171 23.63 7.08 46.26
N GLU E 172 24.93 6.78 46.23
CA GLU E 172 25.38 5.45 45.82
C GLU E 172 24.93 4.36 46.81
N GLN E 173 24.78 4.69 48.09
CA GLN E 173 24.28 3.68 49.02
C GLN E 173 22.82 3.33 48.73
N LEU E 174 21.99 4.34 48.52
CA LEU E 174 20.57 4.11 48.25
C LEU E 174 20.36 3.39 46.91
N LEU E 175 21.03 3.83 45.85
CA LEU E 175 20.81 3.21 44.56
C LEU E 175 21.50 1.88 44.43
N SER E 176 22.54 1.61 45.21
CA SER E 176 23.09 0.25 45.23
C SER E 176 22.11 -0.77 45.81
N SER E 177 21.09 -0.33 46.55
CA SER E 177 20.17 -1.30 47.13
C SER E 177 19.23 -1.90 46.09
N VAL E 178 19.14 -1.28 44.91
CA VAL E 178 18.20 -1.73 43.88
C VAL E 178 18.92 -2.11 42.58
N GLY E 179 20.23 -2.34 42.61
CA GLY E 179 20.95 -2.78 41.43
C GLY E 179 22.37 -2.24 41.41
N PHE E 180 22.96 -2.23 40.23
CA PHE E 180 24.30 -1.68 40.09
C PHE E 180 24.21 -0.16 40.19
N CYS E 181 25.19 0.46 40.84
CA CYS E 181 25.25 1.92 40.87
C CYS E 181 26.70 2.38 40.90
N THR E 182 27.07 3.36 40.08
CA THR E 182 28.41 3.93 40.18
C THR E 182 28.38 5.38 39.75
N GLU E 183 29.35 6.16 40.23
CA GLU E 183 29.49 7.54 39.80
C GLU E 183 30.22 7.62 38.46
N VAL E 184 29.77 8.55 37.60
CA VAL E 184 30.39 8.81 36.31
C VAL E 184 30.55 10.33 36.16
N GLU E 185 31.52 10.74 35.34
CA GLU E 185 31.47 12.09 34.81
C GLU E 185 30.14 12.30 34.09
N GLU E 186 29.56 13.48 34.26
CA GLU E 186 28.25 13.76 33.69
C GLU E 186 28.25 13.66 32.18
N ASP E 187 29.37 13.95 31.51
CA ASP E 187 29.26 13.92 30.05
C ASP E 187 29.24 12.51 29.49
N LEU E 188 29.33 11.49 30.34
CA LEU E 188 29.07 10.10 29.92
C LEU E 188 27.59 9.70 29.97
N ILE E 189 26.71 10.47 30.64
CA ILE E 189 25.37 9.96 30.95
C ILE E 189 24.54 9.75 29.69
N ASP E 190 24.74 10.56 28.65
CA ASP E 190 23.95 10.31 27.45
C ASP E 190 24.35 8.98 26.76
N ALA E 191 25.63 8.58 26.80
CA ALA E 191 26.02 7.26 26.30
C ALA E 191 25.48 6.17 27.20
N VAL E 192 25.51 6.37 28.52
CA VAL E 192 24.90 5.35 29.39
C VAL E 192 23.42 5.18 29.06
N THR E 193 22.73 6.30 28.77
CA THR E 193 21.31 6.22 28.39
C THR E 193 21.12 5.29 27.19
N GLY E 194 22.00 5.40 26.20
CA GLY E 194 21.89 4.56 25.04
C GLY E 194 22.16 3.10 25.30
N LEU E 195 22.90 2.80 26.38
CA LEU E 195 23.27 1.42 26.64
C LEU E 195 22.36 0.78 27.70
N SER E 196 22.47 1.19 28.97
CA SER E 196 21.62 0.59 29.99
C SER E 196 20.28 1.31 30.18
N GLY E 197 20.15 2.56 29.73
CA GLY E 197 18.84 3.23 29.80
C GLY E 197 17.83 2.61 28.85
N SER E 198 18.21 2.47 27.58
CA SER E 198 17.40 1.85 26.55
C SER E 198 17.59 0.33 26.48
N GLY E 199 18.65 -0.20 27.12
CA GLY E 199 18.97 -1.61 26.98
C GLY E 199 17.86 -2.59 27.32
N PRO E 200 17.11 -2.39 28.41
CA PRO E 200 16.03 -3.35 28.67
C PRO E 200 15.07 -3.47 27.52
N ALA E 201 14.74 -2.36 26.83
CA ALA E 201 13.87 -2.46 25.65
C ALA E 201 14.48 -3.31 24.55
N TYR E 202 15.79 -3.17 24.32
CA TYR E 202 16.47 -4.03 23.35
C TYR E 202 16.26 -5.47 23.73
N ALA E 203 16.43 -5.79 25.02
CA ALA E 203 16.27 -7.14 25.52
C ALA E 203 14.84 -7.62 25.40
N PHE E 204 13.86 -6.74 25.67
CA PHE E 204 12.48 -7.22 25.54
C PHE E 204 12.16 -7.58 24.09
N THR E 205 12.65 -6.75 23.16
CA THR E 205 12.52 -7.04 21.72
C THR E 205 13.18 -8.37 21.35
N ALA E 206 14.40 -8.59 21.86
CA ALA E 206 15.13 -9.84 21.58
C ALA E 206 14.41 -11.03 22.16
N LEU E 207 13.83 -10.88 23.36
CA LEU E 207 13.15 -12.01 24.00
C LEU E 207 11.85 -12.37 23.26
N ASP E 208 11.13 -11.35 22.77
CA ASP E 208 9.97 -11.64 21.94
C ASP E 208 10.37 -12.44 20.69
N ALA E 209 11.42 -11.98 20.01
CA ALA E 209 11.90 -12.63 18.79
C ALA E 209 12.41 -14.03 19.07
N LEU E 210 13.20 -14.21 20.13
CA LEU E 210 13.67 -15.55 20.48
C LEU E 210 12.49 -16.47 20.73
N ALA E 211 11.47 -15.97 21.43
CA ALA E 211 10.31 -16.84 21.68
C ALA E 211 9.60 -17.18 20.36
N ASP E 212 9.50 -16.21 19.44
CA ASP E 212 8.96 -16.51 18.11
C ASP E 212 9.77 -17.63 17.44
N GLY E 213 11.09 -17.57 17.54
CA GLY E 213 11.89 -18.66 16.99
C GLY E 213 11.63 -20.00 17.69
N GLY E 214 11.51 -20.00 19.02
CA GLY E 214 11.20 -21.26 19.68
C GLY E 214 9.84 -21.82 19.23
N VAL E 215 8.84 -20.94 19.08
CA VAL E 215 7.52 -21.34 18.58
C VAL E 215 7.64 -21.87 17.15
N LYS E 216 8.40 -21.16 16.27
CA LYS E 216 8.55 -21.68 14.91
C LYS E 216 9.06 -23.11 14.92
N MET E 217 9.99 -23.40 15.82
CA MET E 217 10.56 -24.74 15.90
C MET E 217 9.77 -25.70 16.78
N GLY E 218 8.55 -25.33 17.23
CA GLY E 218 7.65 -26.30 17.82
C GLY E 218 7.45 -26.17 19.33
N LEU E 219 8.01 -25.13 19.98
CA LEU E 219 7.79 -24.97 21.42
C LEU E 219 6.48 -24.21 21.70
N PRO E 220 5.77 -24.56 22.76
CA PRO E 220 4.68 -23.69 23.24
C PRO E 220 5.24 -22.33 23.60
N ARG E 221 4.43 -21.29 23.37
CA ARG E 221 4.89 -19.91 23.55
C ARG E 221 5.37 -19.66 24.98
N ARG E 222 4.62 -20.15 25.98
CA ARG E 222 4.95 -19.86 27.37
C ARG E 222 6.30 -20.42 27.74
N LEU E 223 6.56 -21.67 27.34
CA LEU E 223 7.86 -22.27 27.56
C LEU E 223 8.96 -21.53 26.80
N ALA E 224 8.69 -21.08 25.57
CA ALA E 224 9.72 -20.41 24.80
C ALA E 224 10.13 -19.08 25.46
N VAL E 225 9.15 -18.32 25.96
CA VAL E 225 9.47 -17.05 26.65
C VAL E 225 10.30 -17.30 27.89
N ARG E 226 9.91 -18.31 28.69
CA ARG E 226 10.62 -18.67 29.91
C ARG E 226 12.07 -19.04 29.63
N LEU E 227 12.28 -19.92 28.65
CA LEU E 227 13.63 -20.39 28.33
C LEU E 227 14.47 -19.27 27.76
N GLY E 228 13.90 -18.43 26.90
CA GLY E 228 14.68 -17.38 26.33
C GLY E 228 15.06 -16.37 27.42
N ALA E 229 14.12 -16.05 28.31
CA ALA E 229 14.45 -15.14 29.41
C ALA E 229 15.47 -15.76 30.35
N GLN E 230 15.32 -17.04 30.67
CA GLN E 230 16.30 -17.67 31.55
C GLN E 230 17.68 -17.70 30.91
N ALA E 231 17.75 -17.98 29.59
CA ALA E 231 19.03 -18.00 28.89
C ALA E 231 19.75 -16.66 29.00
N LEU E 232 19.02 -15.56 28.75
CA LEU E 232 19.64 -14.24 28.80
C LEU E 232 20.06 -13.90 30.21
N LEU E 233 19.21 -14.18 31.18
CA LEU E 233 19.54 -13.89 32.57
C LEU E 233 20.78 -14.64 33.00
N GLY E 234 20.83 -15.93 32.71
CA GLY E 234 21.98 -16.71 33.13
C GLY E 234 23.26 -16.30 32.41
N ALA E 235 23.14 -15.97 31.12
CA ALA E 235 24.33 -15.54 30.38
C ALA E 235 24.84 -14.22 30.95
N ALA E 236 23.93 -13.29 31.24
CA ALA E 236 24.36 -12.01 31.79
C ALA E 236 25.05 -12.22 33.14
N LYS E 237 24.46 -13.06 33.99
CA LYS E 237 25.05 -13.34 35.30
C LYS E 237 26.41 -14.01 35.16
N MET E 238 26.51 -14.99 34.27
CA MET E 238 27.78 -15.64 34.03
C MET E 238 28.85 -14.61 33.71
N LEU E 239 28.54 -13.68 32.80
CA LEU E 239 29.54 -12.71 32.38
C LEU E 239 29.90 -11.78 33.54
N LEU E 240 28.90 -11.33 34.30
CA LEU E 240 29.18 -10.49 35.47
C LEU E 240 30.08 -11.21 36.47
N HIS E 241 29.83 -12.50 36.72
CA HIS E 241 30.63 -13.24 37.71
C HIS E 241 31.93 -13.80 37.18
N SER E 242 32.17 -13.69 35.89
CA SER E 242 33.38 -14.16 35.24
C SER E 242 34.40 -13.03 35.18
N GLU E 243 35.67 -13.40 35.07
CA GLU E 243 36.68 -12.40 34.72
C GLU E 243 37.03 -12.45 33.23
N GLN E 244 36.22 -13.11 32.42
CA GLN E 244 36.60 -13.36 31.03
C GLN E 244 35.88 -12.40 30.10
N HIS E 245 36.50 -12.18 28.95
CA HIS E 245 35.91 -11.39 27.89
C HIS E 245 34.69 -12.12 27.31
N PRO E 246 33.63 -11.42 26.90
CA PRO E 246 32.46 -12.17 26.36
C PRO E 246 32.78 -13.04 25.16
N GLY E 247 33.75 -12.67 24.34
CA GLY E 247 34.13 -13.52 23.21
C GLY E 247 34.72 -14.84 23.65
N GLN E 248 35.45 -14.82 24.78
CA GLN E 248 35.98 -16.05 25.35
C GLN E 248 34.85 -16.95 25.84
N LEU E 249 33.88 -16.35 26.53
CA LEU E 249 32.73 -17.15 26.95
C LEU E 249 32.01 -17.71 25.73
N LYS E 250 31.83 -16.87 24.71
CA LYS E 250 31.26 -17.34 23.46
C LYS E 250 32.05 -18.53 22.93
N ASP E 251 33.38 -18.39 22.82
CA ASP E 251 34.22 -19.51 22.35
C ASP E 251 34.03 -20.73 23.24
N ASN E 252 33.99 -20.52 24.57
CA ASN E 252 33.89 -21.63 25.51
C ASN E 252 32.67 -22.50 25.26
N VAL E 253 31.54 -21.89 24.85
CA VAL E 253 30.30 -22.67 24.76
C VAL E 253 29.99 -23.14 23.34
N SER E 254 30.84 -22.79 22.36
CA SER E 254 30.67 -23.24 20.96
C SER E 254 31.54 -24.46 20.65
N SER E 255 30.93 -25.65 20.54
CA SER E 255 31.74 -26.78 20.12
C SER E 255 31.97 -26.83 18.61
N PRO E 256 33.08 -27.42 18.18
CA PRO E 256 33.38 -27.50 16.75
C PRO E 256 32.26 -28.21 15.97
N GLY E 257 31.86 -27.57 14.89
CA GLY E 257 30.82 -28.12 14.04
C GLY E 257 29.42 -28.08 14.60
N GLY E 258 29.24 -27.51 15.80
CA GLY E 258 28.03 -27.69 16.58
C GLY E 258 26.90 -26.73 16.23
N ALA E 259 25.79 -26.88 16.97
CA ALA E 259 24.61 -26.07 16.68
C ALA E 259 24.87 -24.59 16.95
N THR E 260 25.56 -24.30 18.04
CA THR E 260 25.72 -22.90 18.44
C THR E 260 26.52 -22.13 17.40
N ILE E 261 27.66 -22.69 16.98
CA ILE E 261 28.48 -21.95 16.02
C ILE E 261 27.73 -21.80 14.70
N HIS E 262 26.85 -22.76 14.33
CA HIS E 262 26.01 -22.55 13.15
C HIS E 262 25.05 -21.36 13.34
N ALA E 263 24.40 -21.28 14.49
CA ALA E 263 23.51 -20.17 14.74
C ALA E 263 24.27 -18.85 14.84
N LEU E 264 25.48 -18.85 15.42
CA LEU E 264 26.25 -17.60 15.46
C LEU E 264 26.58 -17.11 14.05
N HIS E 265 26.89 -18.03 13.13
CA HIS E 265 27.11 -17.62 11.74
C HIS E 265 25.90 -16.86 11.15
N VAL E 266 24.68 -17.34 11.41
CA VAL E 266 23.55 -16.67 10.77
C VAL E 266 23.28 -15.32 11.45
N LEU E 267 23.59 -15.17 12.74
CA LEU E 267 23.59 -13.79 13.33
C LEU E 267 24.61 -12.88 12.65
N GLU E 268 25.82 -13.39 12.44
CA GLU E 268 26.86 -12.58 11.82
C GLU E 268 26.48 -12.19 10.41
N SER E 269 25.87 -13.10 9.64
CA SER E 269 25.51 -12.75 8.28
C SER E 269 24.48 -11.65 8.23
N GLY E 270 23.64 -11.50 9.26
CA GLY E 270 22.74 -10.36 9.26
C GLY E 270 23.32 -9.11 9.90
N GLY E 271 24.60 -9.12 10.28
CA GLY E 271 25.20 -7.93 10.93
C GLY E 271 24.60 -7.62 12.29
N PHE E 272 24.21 -8.66 13.02
CA PHE E 272 23.62 -8.57 14.36
C PHE E 272 24.38 -7.60 15.25
N ARG E 273 25.72 -7.76 15.28
CA ARG E 273 26.55 -6.92 16.13
C ARG E 273 26.39 -5.45 15.75
N SER E 274 26.37 -5.17 14.46
CA SER E 274 26.25 -3.80 14.03
C SER E 274 24.89 -3.22 14.41
N LEU E 275 23.83 -4.03 14.41
CA LEU E 275 22.53 -3.48 14.78
C LEU E 275 22.53 -2.96 16.22
N LEU E 276 23.12 -3.72 17.14
CA LEU E 276 23.21 -3.30 18.53
C LEU E 276 24.08 -2.05 18.71
N ILE E 277 25.21 -1.97 18.00
CA ILE E 277 25.98 -0.71 17.99
C ILE E 277 25.10 0.44 17.51
N ASN E 278 24.39 0.23 16.40
CA ASN E 278 23.48 1.24 15.86
C ASN E 278 22.52 1.73 16.91
N ALA E 279 21.92 0.80 17.64
CA ALA E 279 20.90 1.15 18.62
C ALA E 279 21.49 2.00 19.74
N VAL E 280 22.64 1.59 20.32
CA VAL E 280 23.26 2.41 21.39
C VAL E 280 23.54 3.80 20.85
N GLU E 281 24.11 3.87 19.66
CA GLU E 281 24.42 5.15 19.05
C GLU E 281 23.17 6.00 18.89
N ALA E 282 22.11 5.41 18.33
CA ALA E 282 20.90 6.17 18.05
C ALA E 282 20.27 6.71 19.32
N SER E 283 20.17 5.86 20.34
CA SER E 283 19.59 6.32 21.62
C SER E 283 20.44 7.46 22.23
N CYS E 284 21.75 7.29 22.20
CA CYS E 284 22.64 8.31 22.73
C CYS E 284 22.48 9.62 21.97
N ILE E 285 22.45 9.55 20.64
CA ILE E 285 22.32 10.78 19.83
C ILE E 285 20.97 11.45 20.08
N ARG E 286 19.89 10.66 20.13
CA ARG E 286 18.58 11.24 20.44
C ARG E 286 18.57 11.88 21.83
N THR E 287 19.25 11.26 22.81
CA THR E 287 19.29 11.87 24.16
C THR E 287 19.99 13.20 24.10
N ARG E 288 21.05 13.27 23.30
CA ARG E 288 21.76 14.54 23.14
C ARG E 288 20.88 15.60 22.49
N GLU E 289 20.07 15.20 21.51
CA GLU E 289 19.13 16.16 20.91
C GLU E 289 18.09 16.61 21.93
N LEU E 290 17.66 15.70 22.81
CA LEU E 290 16.66 16.09 23.80
C LEU E 290 17.21 17.18 24.70
N GLN E 291 18.45 17.00 25.16
CA GLN E 291 19.22 17.99 25.91
C GLN E 291 19.02 19.39 25.35
N SER E 292 19.06 19.52 24.03
CA SER E 292 18.70 20.80 23.40
C SER E 292 17.18 20.97 23.31
CL CL F . 11.07 11.40 -25.81
CL CL G . -3.08 -9.56 -20.97
CL CL H . -8.30 8.20 4.28
CL CL I . -6.68 -15.64 13.86
CL CL J . 13.94 0.26 31.39
#